data_8K6X
#
_entry.id   8K6X
#
_cell.length_a   78.136
_cell.length_b   81.137
_cell.length_c   81.172
_cell.angle_alpha   70.61
_cell.angle_beta   76.40
_cell.angle_gamma   65.34
#
_symmetry.space_group_name_H-M   'P 1'
#
loop_
_entity.id
_entity.type
_entity.pdbx_description
1 polymer 'Cyanate hydratase'
2 non-polymer 'SULFATE ION'
3 non-polymer 'CARBONATE ION'
4 non-polymer methanimidate
5 water water
#
_entity_poly.entity_id   1
_entity_poly.type   'polypeptide(L)'
_entity_poly.pdbx_seq_one_letter_code
;GSHMMIQSQINRNIRLDLADAILLSKAKKDLSFAEIADGTGLAEAFVTAALLGQQALPADAARLVGAKLDLDEDSILLLQ
MIPLRGCIDDRIPTDPTMYRFYEMLQVYGTTLKALVHEKFGDGIISAINFKLDVKKVADPEGGERAVITLDGKYLPTKPF
;
_entity_poly.pdbx_strand_id   A,B,C,D,E,F,G,H,I,J
#
# COMPACT_ATOMS: atom_id res chain seq x y z
N MET A 5 9.25 18.26 31.61
CA MET A 5 9.66 17.96 30.24
C MET A 5 8.96 18.65 29.08
N ILE A 6 9.75 19.44 28.36
CA ILE A 6 9.30 20.09 27.14
C ILE A 6 10.09 19.64 25.92
N GLN A 7 11.02 18.70 26.07
CA GLN A 7 11.83 18.25 24.94
C GLN A 7 11.21 17.01 24.31
N SER A 8 11.08 17.00 22.98
CA SER A 8 10.47 15.85 22.33
C SER A 8 11.27 15.47 21.09
N GLN A 9 11.01 14.24 20.64
CA GLN A 9 11.68 13.62 19.50
C GLN A 9 10.78 13.66 18.27
N ILE A 10 11.38 13.60 17.08
CA ILE A 10 10.59 13.47 15.85
C ILE A 10 11.03 12.31 14.97
N ASN A 11 12.08 11.58 15.34
CA ASN A 11 12.58 10.46 14.54
C ASN A 11 12.65 9.23 15.45
N ARG A 12 11.70 8.29 15.29
CA ARG A 12 11.64 7.19 16.25
C ARG A 12 12.90 6.33 16.26
N ASN A 13 13.70 6.38 15.20
CA ASN A 13 14.86 5.50 15.09
C ASN A 13 15.88 5.75 16.19
N ILE A 14 15.97 6.99 16.70
CA ILE A 14 16.92 7.27 17.77
C ILE A 14 16.58 6.48 19.03
N ARG A 15 15.33 6.61 19.50
CA ARG A 15 14.94 5.85 20.69
C ARG A 15 14.84 4.35 20.41
N LEU A 16 14.53 3.95 19.17
CA LEU A 16 14.46 2.52 18.90
C LEU A 16 15.85 1.90 18.83
N ASP A 17 16.85 2.64 18.33
CA ASP A 17 18.22 2.15 18.40
C ASP A 17 18.68 2.04 19.85
N LEU A 18 18.30 3.00 20.68
CA LEU A 18 18.63 2.89 22.11
C LEU A 18 17.95 1.69 22.76
N ALA A 19 16.70 1.40 22.38
CA ALA A 19 16.05 0.19 22.88
C ALA A 19 16.88 -1.06 22.57
N ASP A 20 17.39 -1.18 21.34
CA ASP A 20 18.22 -2.35 20.98
C ASP A 20 19.44 -2.47 21.90
N ALA A 21 20.14 -1.35 22.12
CA ALA A 21 21.29 -1.37 23.02
C ALA A 21 20.87 -1.72 24.44
N ILE A 22 19.72 -1.22 24.88
CA ILE A 22 19.21 -1.56 26.20
C ILE A 22 18.94 -3.06 26.31
N LEU A 23 18.33 -3.64 25.27
CA LEU A 23 18.02 -5.06 25.30
C LEU A 23 19.27 -5.92 25.34
N LEU A 24 20.32 -5.53 24.63
CA LEU A 24 21.56 -6.31 24.67
C LEU A 24 22.18 -6.28 26.06
N SER A 25 22.29 -5.07 26.64
CA SER A 25 22.82 -4.94 28.00
C SER A 25 22.00 -5.73 28.99
N LYS A 26 20.68 -5.68 28.86
CA LYS A 26 19.78 -6.42 29.76
C LYS A 26 20.01 -7.92 29.68
N ALA A 27 20.20 -8.45 28.46
CA ALA A 27 20.44 -9.87 28.30
C ALA A 27 21.81 -10.26 28.84
N LYS A 28 22.81 -9.41 28.63
CA LYS A 28 24.14 -9.68 29.17
C LYS A 28 24.09 -9.76 30.69
N LYS A 29 23.26 -8.93 31.33
CA LYS A 29 23.19 -8.87 32.78
C LYS A 29 22.13 -9.81 33.36
N ASP A 30 21.43 -10.57 32.51
CA ASP A 30 20.41 -11.51 32.95
C ASP A 30 19.34 -10.82 33.79
N LEU A 31 18.90 -9.65 33.32
CA LEU A 31 17.92 -8.84 34.00
C LEU A 31 16.53 -9.05 33.41
N SER A 32 15.52 -8.91 34.25
CA SER A 32 14.13 -8.94 33.82
C SER A 32 13.58 -7.50 33.82
N PHE A 33 12.49 -7.31 33.09
CA PHE A 33 11.86 -6.00 33.12
C PHE A 33 11.28 -5.70 34.51
N ALA A 34 10.77 -6.72 35.19
CA ALA A 34 10.32 -6.52 36.56
C ALA A 34 11.45 -6.03 37.45
N GLU A 35 12.66 -6.61 37.33
CA GLU A 35 13.77 -6.14 38.16
C GLU A 35 14.17 -4.71 37.81
N ILE A 36 14.22 -4.39 36.51
CA ILE A 36 14.61 -3.05 36.12
C ILE A 36 13.64 -2.02 36.69
N ALA A 37 12.33 -2.31 36.63
CA ALA A 37 11.34 -1.37 37.12
C ALA A 37 11.28 -1.32 38.64
N ASP A 38 11.75 -2.37 39.31
CA ASP A 38 11.74 -2.39 40.77
C ASP A 38 12.46 -1.18 41.34
N GLY A 39 11.81 -0.49 42.28
CA GLY A 39 12.37 0.69 42.90
C GLY A 39 12.10 2.01 42.19
N THR A 40 11.44 1.99 41.03
CA THR A 40 11.14 3.23 40.33
C THR A 40 9.84 3.86 40.78
N GLY A 41 8.99 3.11 41.47
CA GLY A 41 7.66 3.58 41.80
C GLY A 41 6.68 3.54 40.65
N LEU A 42 7.09 2.98 39.50
CA LEU A 42 6.31 2.98 38.26
C LEU A 42 6.02 1.55 37.86
N ALA A 43 4.88 1.36 37.19
CA ALA A 43 4.42 0.02 36.81
C ALA A 43 5.34 -0.57 35.75
N GLU A 44 5.47 -1.89 35.77
CA GLU A 44 6.42 -2.54 34.86
C GLU A 44 6.06 -2.25 33.41
N ALA A 45 4.77 -2.19 33.09
CA ALA A 45 4.39 -1.92 31.71
C ALA A 45 4.81 -0.50 31.30
N PHE A 46 4.72 0.47 32.21
CA PHE A 46 5.14 1.82 31.87
C PHE A 46 6.65 1.92 31.68
N VAL A 47 7.42 1.41 32.64
CA VAL A 47 8.88 1.46 32.51
C VAL A 47 9.34 0.67 31.29
N THR A 48 8.76 -0.52 31.06
CA THR A 48 9.15 -1.30 29.89
C THR A 48 8.89 -0.50 28.60
N ALA A 49 7.70 0.09 28.48
CA ALA A 49 7.40 0.86 27.28
C ALA A 49 8.39 2.00 27.09
N ALA A 50 8.83 2.64 28.18
CA ALA A 50 9.84 3.69 28.07
C ALA A 50 11.15 3.13 27.51
N LEU A 51 11.62 2.00 28.07
CA LEU A 51 12.86 1.42 27.56
C LEU A 51 12.75 1.16 26.07
N LEU A 52 11.60 0.64 25.64
CA LEU A 52 11.33 0.32 24.24
C LEU A 52 10.89 1.52 23.41
N GLY A 53 11.02 2.75 23.93
CA GLY A 53 10.88 3.94 23.10
C GLY A 53 9.51 4.58 23.07
N GLN A 54 8.57 4.17 23.93
CA GLN A 54 7.16 4.57 23.79
C GLN A 54 6.62 5.40 24.95
N GLN A 55 7.44 5.67 25.97
CA GLN A 55 7.10 6.56 27.06
C GLN A 55 8.35 7.33 27.45
N ALA A 56 8.16 8.39 28.24
CA ALA A 56 9.26 9.17 28.79
C ALA A 56 9.41 8.85 30.28
N LEU A 57 10.64 8.57 30.71
CA LEU A 57 10.84 8.33 32.14
C LEU A 57 11.10 9.65 32.88
N PRO A 58 10.50 9.83 34.06
CA PRO A 58 10.94 10.90 34.96
C PRO A 58 12.43 10.75 35.22
N ALA A 59 13.08 11.87 35.57
CA ALA A 59 14.54 11.88 35.69
C ALA A 59 15.05 10.84 36.69
N ASP A 60 14.43 10.76 37.87
CA ASP A 60 14.96 9.84 38.89
C ASP A 60 14.87 8.40 38.40
N ALA A 61 13.74 8.04 37.77
CA ALA A 61 13.59 6.69 37.24
C ALA A 61 14.60 6.43 36.12
N ALA A 62 14.82 7.43 35.24
CA ALA A 62 15.81 7.28 34.17
C ALA A 62 17.20 6.98 34.74
N ARG A 63 17.59 7.70 35.79
CA ARG A 63 18.92 7.45 36.36
C ARG A 63 18.98 6.08 37.01
N LEU A 64 17.90 5.65 37.66
CA LEU A 64 17.89 4.35 38.31
C LEU A 64 18.03 3.22 37.28
N VAL A 65 17.20 3.20 36.25
CA VAL A 65 17.35 2.13 35.26
C VAL A 65 18.68 2.30 34.52
N GLY A 66 19.14 3.54 34.35
CA GLY A 66 20.40 3.76 33.68
C GLY A 66 21.56 3.16 34.43
N ALA A 67 21.52 3.22 35.76
CA ALA A 67 22.53 2.57 36.58
C ALA A 67 22.46 1.06 36.45
N LYS A 68 21.24 0.51 36.53
CA LYS A 68 21.09 -0.95 36.44
C LYS A 68 21.61 -1.47 35.10
N LEU A 69 21.44 -0.69 34.04
CA LEU A 69 21.78 -1.15 32.69
C LEU A 69 23.13 -0.65 32.19
N ASP A 70 23.81 0.22 32.95
CA ASP A 70 25.12 0.74 32.54
C ASP A 70 25.02 1.62 31.30
N LEU A 71 24.04 2.50 31.27
CA LEU A 71 23.82 3.38 30.15
C LEU A 71 24.64 4.66 30.32
N ASP A 72 25.08 5.22 29.21
CA ASP A 72 25.84 6.46 29.26
C ASP A 72 24.91 7.65 29.44
N GLU A 73 25.51 8.83 29.65
CA GLU A 73 24.71 10.00 29.99
C GLU A 73 23.77 10.39 28.86
N ASP A 74 24.20 10.24 27.61
CA ASP A 74 23.34 10.62 26.50
C ASP A 74 22.10 9.74 26.47
N SER A 75 22.26 8.47 26.83
CA SER A 75 21.14 7.54 26.83
C SER A 75 20.17 7.83 27.99
N ILE A 76 20.70 8.13 29.18
CA ILE A 76 19.84 8.50 30.30
C ILE A 76 19.02 9.74 29.98
N LEU A 77 19.63 10.72 29.29
CA LEU A 77 18.87 11.89 28.86
C LEU A 77 17.81 11.52 27.84
N LEU A 78 18.17 10.64 26.89
CA LEU A 78 17.23 10.26 25.84
C LEU A 78 15.98 9.63 26.40
N LEU A 79 16.14 8.78 27.42
CA LEU A 79 14.99 8.11 28.04
C LEU A 79 14.02 9.08 28.66
N GLN A 80 14.46 10.31 28.95
CA GLN A 80 13.57 11.31 29.52
C GLN A 80 12.88 12.15 28.48
N MET A 81 13.30 12.07 27.22
CA MET A 81 12.70 12.86 26.16
C MET A 81 11.31 12.30 25.82
N ILE A 82 10.39 13.18 25.43
CA ILE A 82 9.08 12.70 24.97
C ILE A 82 9.26 12.05 23.59
N PRO A 83 8.81 10.81 23.40
CA PRO A 83 9.14 10.09 22.17
C PRO A 83 8.21 10.39 21.00
N LEU A 84 8.71 10.05 19.80
CA LEU A 84 7.89 9.88 18.61
C LEU A 84 7.40 8.44 18.65
N ARG A 85 6.15 8.24 19.07
CA ARG A 85 5.62 6.92 19.41
C ARG A 85 5.19 6.15 18.17
N GLY A 86 5.26 4.83 18.28
CA GLY A 86 4.86 3.94 17.20
C GLY A 86 5.86 2.80 17.13
N CYS A 87 5.51 1.65 17.71
CA CYS A 87 6.46 0.56 17.87
C CYS A 87 6.40 -0.45 16.73
N ILE A 88 5.37 -0.39 15.91
CA ILE A 88 5.19 -1.37 14.84
C ILE A 88 5.98 -0.89 13.63
N ASP A 89 6.79 -1.78 13.06
CA ASP A 89 7.62 -1.45 11.91
C ASP A 89 6.78 -0.85 10.78
N ASP A 90 5.77 -1.60 10.30
CA ASP A 90 5.01 -1.21 9.11
C ASP A 90 3.53 -1.58 9.31
N ARG A 91 2.89 -0.91 10.26
CA ARG A 91 1.44 -0.91 10.46
C ARG A 91 0.84 -2.19 11.01
N ILE A 92 1.17 -3.35 10.43
CA ILE A 92 0.68 -4.64 10.88
CA ILE A 92 0.68 -4.65 10.89
C ILE A 92 1.87 -5.45 11.36
N PRO A 93 1.86 -5.98 12.58
CA PRO A 93 3.00 -6.77 13.06
C PRO A 93 3.16 -8.06 12.26
N THR A 94 4.41 -8.47 12.05
CA THR A 94 4.68 -9.81 11.54
C THR A 94 4.90 -10.84 12.63
N ASP A 95 5.31 -10.40 13.83
CA ASP A 95 5.65 -11.33 14.90
C ASP A 95 4.39 -12.01 15.43
N PRO A 96 4.36 -13.34 15.52
CA PRO A 96 3.15 -14.00 16.03
C PRO A 96 2.67 -13.43 17.37
N THR A 97 3.57 -13.24 18.32
CA THR A 97 3.15 -12.78 19.64
C THR A 97 2.45 -11.43 19.57
N MET A 98 3.04 -10.45 18.88
CA MET A 98 2.30 -9.21 18.74
C MET A 98 1.13 -9.29 17.77
N TYR A 99 1.18 -10.16 16.76
CA TYR A 99 0.06 -10.25 15.83
C TYR A 99 -1.24 -10.66 16.53
N ARG A 100 -1.18 -11.53 17.54
CA ARG A 100 -2.43 -11.97 18.17
C ARG A 100 -3.22 -10.78 18.72
N PHE A 101 -2.53 -9.73 19.17
CA PHE A 101 -3.25 -8.57 19.70
C PHE A 101 -3.88 -7.76 18.58
N TYR A 102 -3.26 -7.77 17.38
CA TYR A 102 -3.93 -7.21 16.21
C TYR A 102 -5.11 -8.07 15.79
N GLU A 103 -4.96 -9.40 15.82
CA GLU A 103 -6.07 -10.24 15.42
C GLU A 103 -7.26 -10.01 16.35
N MET A 104 -6.97 -9.73 17.62
CA MET A 104 -8.03 -9.48 18.60
C MET A 104 -8.87 -8.30 18.12
N LEU A 105 -8.21 -7.32 17.49
CA LEU A 105 -8.85 -6.17 16.86
C LEU A 105 -9.66 -6.56 15.63
N GLN A 106 -9.08 -7.39 14.75
CA GLN A 106 -9.83 -7.83 13.57
C GLN A 106 -11.09 -8.59 13.94
N VAL A 107 -11.06 -9.34 15.05
CA VAL A 107 -12.24 -10.13 15.44
C VAL A 107 -13.23 -9.30 16.25
N TYR A 108 -12.75 -8.49 17.22
CA TYR A 108 -13.62 -7.83 18.19
C TYR A 108 -13.66 -6.33 18.04
N GLY A 109 -12.97 -5.74 17.06
CA GLY A 109 -12.93 -4.29 16.94
C GLY A 109 -14.31 -3.65 16.90
N THR A 110 -15.20 -4.16 16.04
CA THR A 110 -16.54 -3.57 15.97
C THR A 110 -17.38 -3.92 17.19
N THR A 111 -17.12 -5.08 17.82
CA THR A 111 -17.77 -5.39 19.10
C THR A 111 -17.38 -4.41 20.18
N LEU A 112 -16.08 -4.09 20.29
CA LEU A 112 -15.65 -3.10 21.26
C LEU A 112 -16.31 -1.75 21.00
N LYS A 113 -16.38 -1.34 19.74
CA LYS A 113 -17.07 -0.09 19.43
C LYS A 113 -18.53 -0.16 19.88
N ALA A 114 -19.24 -1.21 19.49
CA ALA A 114 -20.66 -1.31 19.78
C ALA A 114 -20.93 -1.30 21.28
N LEU A 115 -20.12 -2.04 22.04
CA LEU A 115 -20.35 -2.12 23.48
C LEU A 115 -19.92 -0.86 24.19
N VAL A 116 -18.86 -0.20 23.74
CA VAL A 116 -18.49 1.09 24.32
C VAL A 116 -19.63 2.09 24.14
N HIS A 117 -20.20 2.15 22.93
CA HIS A 117 -21.31 3.09 22.73
C HIS A 117 -22.54 2.69 23.53
N GLU A 118 -22.76 1.39 23.74
CA GLU A 118 -23.91 0.95 24.52
C GLU A 118 -23.76 1.31 25.99
N LYS A 119 -22.57 1.07 26.56
CA LYS A 119 -22.39 1.24 28.00
C LYS A 119 -22.08 2.67 28.39
N PHE A 120 -21.36 3.40 27.52
CA PHE A 120 -20.87 4.74 27.84
C PHE A 120 -21.51 5.82 26.98
N GLY A 121 -21.68 5.57 25.69
CA GLY A 121 -22.27 6.52 24.77
C GLY A 121 -21.30 6.82 23.64
N ASP A 122 -21.67 7.84 22.84
CA ASP A 122 -20.76 8.29 21.79
C ASP A 122 -19.47 8.82 22.38
N GLY A 123 -18.35 8.46 21.77
CA GLY A 123 -17.06 8.87 22.29
C GLY A 123 -16.02 7.77 22.19
N ILE A 124 -15.01 7.81 23.06
CA ILE A 124 -13.89 6.89 22.96
C ILE A 124 -13.48 6.41 24.34
N ILE A 125 -12.84 5.25 24.36
CA ILE A 125 -12.02 4.85 25.50
C ILE A 125 -10.59 5.31 25.22
N SER A 126 -10.02 6.06 26.16
CA SER A 126 -8.74 6.70 25.95
C SER A 126 -7.60 5.70 25.86
N ALA A 127 -6.65 5.99 24.97
CA ALA A 127 -5.35 5.32 24.97
C ALA A 127 -4.28 6.16 25.66
N ILE A 128 -4.68 7.30 26.21
CA ILE A 128 -3.76 8.26 26.82
C ILE A 128 -3.93 8.30 28.33
N ASN A 129 -5.15 8.55 28.79
CA ASN A 129 -5.51 8.37 30.20
C ASN A 129 -5.83 6.89 30.38
N PHE A 130 -4.78 6.08 30.62
CA PHE A 130 -4.82 4.67 30.26
C PHE A 130 -3.77 3.92 31.05
N LYS A 131 -4.14 2.77 31.60
CA LYS A 131 -3.20 1.88 32.24
C LYS A 131 -3.37 0.49 31.65
N LEU A 132 -2.28 -0.26 31.54
CA LEU A 132 -2.48 -1.68 31.24
C LEU A 132 -1.54 -2.51 32.09
N ASP A 133 -1.95 -3.75 32.31
CA ASP A 133 -1.09 -4.66 33.03
C ASP A 133 -1.34 -6.07 32.51
N VAL A 134 -0.32 -6.89 32.68
CA VAL A 134 -0.31 -8.27 32.26
C VAL A 134 -0.15 -9.12 33.52
N LYS A 135 -1.06 -10.08 33.70
CA LYS A 135 -1.03 -10.97 34.85
C LYS A 135 -1.04 -12.41 34.36
N LYS A 136 -0.18 -13.25 34.92
CA LYS A 136 -0.19 -14.67 34.62
C LYS A 136 -1.06 -15.36 35.66
N VAL A 137 -1.99 -16.20 35.20
CA VAL A 137 -2.88 -16.93 36.10
C VAL A 137 -2.96 -18.39 35.64
N ALA A 138 -3.44 -19.23 36.54
CA ALA A 138 -3.69 -20.62 36.17
C ALA A 138 -4.87 -20.72 35.22
N ASP A 139 -4.76 -21.61 34.26
CA ASP A 139 -5.91 -22.01 33.47
C ASP A 139 -6.61 -23.16 34.17
N PRO A 140 -7.90 -23.04 34.50
CA PRO A 140 -8.59 -24.16 35.19
C PRO A 140 -8.55 -25.47 34.43
N GLU A 141 -8.42 -25.43 33.10
CA GLU A 141 -8.30 -26.67 32.33
C GLU A 141 -6.87 -27.19 32.27
N GLY A 142 -5.93 -26.48 32.87
CA GLY A 142 -4.53 -26.81 32.86
C GLY A 142 -3.77 -25.81 32.01
N GLY A 143 -2.52 -25.57 32.38
CA GLY A 143 -1.70 -24.57 31.71
C GLY A 143 -1.87 -23.20 32.34
N GLU A 144 -1.52 -22.17 31.57
CA GLU A 144 -1.50 -20.80 32.03
C GLU A 144 -2.27 -19.90 31.07
N ARG A 145 -2.75 -18.77 31.61
CA ARG A 145 -3.41 -17.74 30.83
C ARG A 145 -2.82 -16.37 31.16
N ALA A 146 -2.87 -15.46 30.19
CA ALA A 146 -2.61 -14.05 30.43
C ALA A 146 -3.95 -13.31 30.56
N VAL A 147 -4.11 -12.59 31.65
CA VAL A 147 -5.21 -11.65 31.82
C VAL A 147 -4.62 -10.26 31.63
N ILE A 148 -4.97 -9.62 30.52
CA ILE A 148 -4.43 -8.32 30.16
C ILE A 148 -5.54 -7.32 30.33
N THR A 149 -5.29 -6.31 31.15
CA THR A 149 -6.31 -5.35 31.55
C THR A 149 -6.01 -4.02 30.89
N LEU A 150 -6.95 -3.57 30.06
CA LEU A 150 -6.91 -2.25 29.43
C LEU A 150 -7.87 -1.36 30.22
N ASP A 151 -7.31 -0.34 30.88
CA ASP A 151 -8.06 0.53 31.77
C ASP A 151 -8.00 1.96 31.24
N GLY A 152 -9.02 2.39 30.50
CA GLY A 152 -8.99 3.68 29.84
C GLY A 152 -10.17 4.57 30.21
N LYS A 153 -9.90 5.87 30.34
CA LYS A 153 -10.97 6.81 30.66
C LYS A 153 -11.95 6.93 29.49
N TYR A 154 -13.25 7.02 29.80
CA TYR A 154 -14.23 7.31 28.75
C TYR A 154 -14.30 8.82 28.49
N LEU A 155 -14.11 9.21 27.24
CA LEU A 155 -14.25 10.61 26.83
C LEU A 155 -15.43 10.69 25.88
N PRO A 156 -16.50 11.39 26.23
CA PRO A 156 -17.66 11.47 25.33
C PRO A 156 -17.47 12.47 24.20
N THR A 157 -18.19 12.23 23.11
CA THR A 157 -18.38 13.24 22.07
C THR A 157 -19.83 13.71 22.18
N LYS A 158 -20.01 15.00 22.44
CA LYS A 158 -21.30 15.64 22.59
C LYS A 158 -21.43 16.78 21.59
N PRO A 159 -22.64 17.08 21.15
CA PRO A 159 -22.83 18.18 20.19
C PRO A 159 -22.25 19.49 20.71
N PHE A 160 -21.88 20.36 19.77
N PHE A 160 -21.91 20.37 19.77
CA PHE A 160 -21.49 21.75 20.10
CA PHE A 160 -21.45 21.71 20.09
C PHE A 160 -22.11 22.77 19.14
C PHE A 160 -22.05 22.70 19.09
N MET B 5 14.08 -18.99 29.14
CA MET B 5 14.59 -17.84 28.40
C MET B 5 13.55 -16.71 28.52
N ILE B 6 13.94 -15.58 29.09
CA ILE B 6 13.01 -14.46 29.29
C ILE B 6 13.39 -13.24 28.46
N GLN B 7 14.50 -13.28 27.71
CA GLN B 7 14.96 -12.13 26.93
C GLN B 7 14.42 -12.21 25.51
N SER B 8 14.00 -11.06 24.97
CA SER B 8 13.41 -11.06 23.63
C SER B 8 13.84 -9.81 22.87
N GLN B 9 13.75 -9.93 21.55
CA GLN B 9 14.10 -8.90 20.59
C GLN B 9 12.86 -8.15 20.12
N ILE B 10 13.07 -6.90 19.65
CA ILE B 10 11.97 -6.13 19.07
C ILE B 10 12.30 -5.60 17.68
N ASN B 11 13.54 -5.75 17.23
CA ASN B 11 13.98 -5.27 15.93
C ASN B 11 14.57 -6.43 15.14
N ARG B 12 13.83 -6.94 14.15
CA ARG B 12 14.29 -8.14 13.46
C ARG B 12 15.64 -7.96 12.77
N ASN B 13 16.04 -6.73 12.45
CA ASN B 13 17.25 -6.54 11.68
C ASN B 13 18.50 -7.05 12.41
N ILE B 14 18.46 -7.08 13.74
CA ILE B 14 19.62 -7.56 14.49
C ILE B 14 19.88 -9.03 14.20
N ARG B 15 18.85 -9.87 14.38
CA ARG B 15 19.04 -11.31 14.13
C ARG B 15 19.16 -11.62 12.64
N LEU B 16 18.56 -10.80 11.78
CA LEU B 16 18.68 -11.07 10.34
C LEU B 16 20.08 -10.69 9.84
N ASP B 17 20.65 -9.60 10.36
CA ASP B 17 22.06 -9.31 10.08
C ASP B 17 22.95 -10.47 10.49
N LEU B 18 22.70 -11.04 11.69
CA LEU B 18 23.47 -12.20 12.12
C LEU B 18 23.24 -13.37 11.16
N ALA B 19 22.01 -13.55 10.68
CA ALA B 19 21.77 -14.59 9.70
C ALA B 19 22.66 -14.41 8.47
N ASP B 20 22.78 -13.18 7.96
CA ASP B 20 23.64 -12.98 6.79
C ASP B 20 25.08 -13.40 7.08
N ALA B 21 25.59 -13.01 8.25
CA ALA B 21 26.94 -13.43 8.66
C ALA B 21 27.04 -14.94 8.78
N ILE B 22 26.01 -15.58 9.34
CA ILE B 22 26.02 -17.04 9.47
C ILE B 22 26.06 -17.70 8.11
N LEU B 23 25.31 -17.16 7.14
CA LEU B 23 25.29 -17.73 5.81
C LEU B 23 26.65 -17.59 5.14
N LEU B 24 27.33 -16.47 5.35
CA LEU B 24 28.64 -16.29 4.73
C LEU B 24 29.65 -17.28 5.28
N SER B 25 29.67 -17.43 6.61
CA SER B 25 30.58 -18.38 7.23
C SER B 25 30.24 -19.80 6.81
N LYS B 26 28.95 -20.14 6.78
CA LYS B 26 28.51 -21.45 6.35
C LYS B 26 28.97 -21.74 4.91
N ALA B 27 28.91 -20.74 4.04
CA ALA B 27 29.35 -20.96 2.67
C ALA B 27 30.85 -21.13 2.61
N LYS B 28 31.59 -20.36 3.41
CA LYS B 28 33.05 -20.49 3.42
C LYS B 28 33.48 -21.87 3.90
N LYS B 29 32.81 -22.41 4.92
CA LYS B 29 33.17 -23.74 5.39
C LYS B 29 32.44 -24.86 4.65
N ASP B 30 31.71 -24.56 3.58
CA ASP B 30 31.05 -25.60 2.77
C ASP B 30 30.20 -26.53 3.63
N LEU B 31 29.48 -25.95 4.59
CA LEU B 31 28.58 -26.69 5.46
C LEU B 31 27.15 -26.69 4.93
N SER B 32 26.41 -27.73 5.27
CA SER B 32 24.98 -27.82 5.03
C SER B 32 24.22 -27.56 6.34
N PHE B 33 22.90 -27.33 6.22
CA PHE B 33 22.09 -27.13 7.42
C PHE B 33 21.90 -28.43 8.19
N ALA B 34 21.77 -29.55 7.48
CA ALA B 34 21.73 -30.84 8.15
C ALA B 34 23.00 -31.05 8.98
N GLU B 35 24.15 -30.67 8.43
CA GLU B 35 25.41 -30.81 9.15
C GLU B 35 25.44 -29.91 10.38
N ILE B 36 25.07 -28.64 10.21
CA ILE B 36 25.06 -27.71 11.33
C ILE B 36 24.15 -28.20 12.43
N ALA B 37 22.98 -28.75 12.08
CA ALA B 37 22.03 -29.22 13.09
C ALA B 37 22.40 -30.58 13.67
N ASP B 38 23.34 -31.30 13.05
CA ASP B 38 23.68 -32.62 13.55
C ASP B 38 24.23 -32.52 14.97
N GLY B 39 23.71 -33.38 15.85
CA GLY B 39 24.19 -33.41 17.21
C GLY B 39 23.63 -32.34 18.12
N THR B 40 22.50 -31.73 17.75
CA THR B 40 21.85 -30.76 18.62
C THR B 40 20.63 -31.34 19.30
N GLY B 41 20.18 -32.51 18.87
CA GLY B 41 18.91 -33.04 19.29
C GLY B 41 17.70 -32.39 18.67
N LEU B 42 17.88 -31.46 17.73
CA LEU B 42 16.79 -30.65 17.20
C LEU B 42 16.65 -30.83 15.69
N ALA B 43 15.40 -30.80 15.22
CA ALA B 43 15.12 -30.99 13.80
C ALA B 43 15.83 -29.93 12.96
N GLU B 44 16.24 -30.32 11.75
CA GLU B 44 16.94 -29.38 10.88
C GLU B 44 16.07 -28.15 10.59
N ALA B 45 14.76 -28.33 10.45
CA ALA B 45 13.89 -27.18 10.18
C ALA B 45 13.92 -26.19 11.36
N PHE B 46 13.96 -26.69 12.59
CA PHE B 46 13.98 -25.80 13.74
C PHE B 46 15.32 -25.07 13.87
N VAL B 47 16.42 -25.83 13.75
CA VAL B 47 17.74 -25.23 13.87
C VAL B 47 17.96 -24.22 12.75
N THR B 48 17.61 -24.61 11.52
CA THR B 48 17.74 -23.70 10.39
C THR B 48 16.94 -22.43 10.63
N ALA B 49 15.68 -22.56 11.06
CA ALA B 49 14.87 -21.38 11.33
C ALA B 49 15.52 -20.48 12.39
N ALA B 50 16.12 -21.07 13.42
CA ALA B 50 16.82 -20.29 14.43
C ALA B 50 17.98 -19.50 13.81
N LEU B 51 18.83 -20.16 13.02
CA LEU B 51 19.92 -19.45 12.35
C LEU B 51 19.39 -18.28 11.54
N LEU B 52 18.28 -18.49 10.85
CA LEU B 52 17.68 -17.46 9.99
C LEU B 52 16.80 -16.50 10.77
N GLY B 53 16.87 -16.54 12.10
CA GLY B 53 16.30 -15.50 12.92
C GLY B 53 14.88 -15.72 13.38
N GLN B 54 14.34 -16.94 13.23
CA GLN B 54 12.91 -17.19 13.42
C GLN B 54 12.59 -18.13 14.58
N GLN B 55 13.61 -18.60 15.31
CA GLN B 55 13.43 -19.39 16.53
C GLN B 55 14.56 -19.05 17.48
N ALA B 56 14.41 -19.48 18.74
CA ALA B 56 15.45 -19.32 19.75
C ALA B 56 16.13 -20.65 20.00
N LEU B 57 17.46 -20.66 20.02
CA LEU B 57 18.12 -21.93 20.31
C LEU B 57 18.36 -22.06 21.82
N PRO B 58 18.17 -23.24 22.39
CA PRO B 58 18.66 -23.48 23.75
C PRO B 58 20.16 -23.27 23.81
N ALA B 59 20.68 -23.10 25.02
CA ALA B 59 22.05 -22.65 25.17
C ALA B 59 23.04 -23.68 24.65
N ASP B 60 22.79 -24.96 24.93
CA ASP B 60 23.70 -26.01 24.49
C ASP B 60 23.79 -26.05 22.97
N ALA B 61 22.65 -26.00 22.30
CA ALA B 61 22.65 -25.99 20.83
C ALA B 61 23.30 -24.71 20.30
N ALA B 62 22.99 -23.56 20.90
CA ALA B 62 23.60 -22.31 20.45
C ALA B 62 25.12 -22.39 20.50
N ARG B 63 25.67 -23.04 21.52
CA ARG B 63 27.12 -23.12 21.62
C ARG B 63 27.69 -24.11 20.62
N LEU B 64 26.97 -25.22 20.38
CA LEU B 64 27.45 -26.19 19.40
C LEU B 64 27.50 -25.58 18.00
N VAL B 65 26.39 -25.00 17.53
CA VAL B 65 26.42 -24.41 16.20
C VAL B 65 27.33 -23.21 16.18
N GLY B 66 27.42 -22.47 17.29
CA GLY B 66 28.32 -21.34 17.33
C GLY B 66 29.77 -21.75 17.12
N ALA B 67 30.15 -22.89 17.69
CA ALA B 67 31.50 -23.41 17.46
C ALA B 67 31.69 -23.78 16.00
N LYS B 68 30.75 -24.55 15.45
CA LYS B 68 30.84 -24.99 14.07
C LYS B 68 31.03 -23.83 13.12
N LEU B 69 30.46 -22.67 13.45
CA LEU B 69 30.45 -21.53 12.52
C LEU B 69 31.40 -20.41 12.93
N ASP B 70 32.14 -20.57 14.02
CA ASP B 70 33.10 -19.55 14.44
C ASP B 70 32.41 -18.25 14.84
N LEU B 71 31.27 -18.36 15.52
CA LEU B 71 30.54 -17.17 15.94
C LEU B 71 31.12 -16.63 17.23
N ASP B 72 31.11 -15.30 17.35
CA ASP B 72 31.59 -14.66 18.57
C ASP B 72 30.55 -14.81 19.68
N GLU B 73 30.88 -14.29 20.87
CA GLU B 73 30.02 -14.58 22.01
C GLU B 73 28.74 -13.77 22.00
N ASP B 74 28.79 -12.50 21.56
CA ASP B 74 27.55 -11.76 21.39
C ASP B 74 26.60 -12.52 20.48
N SER B 75 27.14 -13.08 19.39
CA SER B 75 26.30 -13.80 18.42
C SER B 75 25.72 -15.09 18.99
N ILE B 76 26.50 -15.84 19.78
CA ILE B 76 25.97 -17.05 20.38
C ILE B 76 24.88 -16.71 21.38
N LEU B 77 25.00 -15.59 22.09
CA LEU B 77 23.92 -15.14 22.97
C LEU B 77 22.70 -14.71 22.16
N LEU B 78 22.90 -13.96 21.07
CA LEU B 78 21.77 -13.49 20.27
C LEU B 78 20.91 -14.65 19.79
N LEU B 79 21.56 -15.75 19.38
CA LEU B 79 20.82 -16.92 18.90
C LEU B 79 19.90 -17.53 19.95
N GLN B 80 20.16 -17.25 21.23
CA GLN B 80 19.33 -17.79 22.28
C GLN B 80 18.16 -16.88 22.62
N MET B 81 18.13 -15.70 22.03
CA MET B 81 17.15 -14.70 22.36
C MET B 81 15.86 -14.99 21.60
N ILE B 82 14.72 -14.70 22.21
CA ILE B 82 13.45 -14.87 21.53
C ILE B 82 13.34 -13.81 20.44
N PRO B 83 13.12 -14.19 19.18
CA PRO B 83 13.22 -13.23 18.09
C PRO B 83 11.95 -12.43 17.88
N LEU B 84 12.12 -11.32 17.17
CA LEU B 84 11.00 -10.62 16.54
C LEU B 84 10.80 -11.29 15.18
N ARG B 85 9.80 -12.18 15.09
CA ARG B 85 9.68 -13.08 13.95
C ARG B 85 9.05 -12.38 12.75
N GLY B 86 9.39 -12.90 11.57
CA GLY B 86 8.88 -12.36 10.32
C GLY B 86 9.99 -12.31 9.29
N CYS B 87 10.11 -13.35 8.46
CA CYS B 87 11.24 -13.45 7.53
C CYS B 87 10.99 -12.78 6.18
N ILE B 88 9.75 -12.42 5.86
CA ILE B 88 9.49 -11.83 4.54
C ILE B 88 9.79 -10.34 4.55
N ASP B 89 10.53 -9.87 3.55
CA ASP B 89 10.95 -8.47 3.55
C ASP B 89 9.74 -7.55 3.58
N ASP B 90 8.78 -7.75 2.66
CA ASP B 90 7.65 -6.81 2.57
C ASP B 90 6.37 -7.58 2.19
N ARG B 91 5.94 -8.42 3.13
CA ARG B 91 4.64 -9.08 3.15
C ARG B 91 4.47 -10.19 2.11
N ILE B 92 4.80 -9.90 0.86
CA ILE B 92 4.68 -10.86 -0.24
C ILE B 92 6.09 -11.16 -0.75
N PRO B 93 6.50 -12.41 -0.83
CA PRO B 93 7.87 -12.71 -1.31
C PRO B 93 8.02 -12.36 -2.77
N THR B 94 9.24 -11.94 -3.12
CA THR B 94 9.63 -11.79 -4.52
C THR B 94 10.37 -13.00 -5.06
N ASP B 95 11.05 -13.73 -4.19
CA ASP B 95 11.82 -14.87 -4.61
C ASP B 95 10.90 -15.98 -5.14
N PRO B 96 11.15 -16.52 -6.32
CA PRO B 96 10.26 -17.57 -6.85
C PRO B 96 10.12 -18.77 -5.92
N THR B 97 11.21 -19.24 -5.32
CA THR B 97 11.11 -20.40 -4.44
C THR B 97 10.15 -20.16 -3.27
N MET B 98 10.30 -18.99 -2.63
CA MET B 98 9.46 -18.59 -1.52
C MET B 98 8.04 -18.32 -2.01
N TYR B 99 7.92 -17.70 -3.19
CA TYR B 99 6.62 -17.27 -3.71
C TYR B 99 5.69 -18.46 -3.93
N ARG B 100 6.22 -19.61 -4.35
CA ARG B 100 5.34 -20.73 -4.63
C ARG B 100 4.55 -21.13 -3.39
N PHE B 101 5.13 -20.99 -2.19
CA PHE B 101 4.37 -21.33 -0.99
C PHE B 101 3.29 -20.29 -0.71
N TYR B 102 3.54 -19.05 -1.08
CA TYR B 102 2.48 -18.03 -1.06
C TYR B 102 1.38 -18.34 -2.09
N GLU B 103 1.77 -18.76 -3.30
CA GLU B 103 0.75 -19.10 -4.30
C GLU B 103 -0.12 -20.28 -3.86
N MET B 104 0.46 -21.28 -3.20
CA MET B 104 -0.37 -22.30 -2.56
C MET B 104 -1.50 -21.71 -1.72
N LEU B 105 -1.22 -20.65 -0.96
CA LEU B 105 -2.27 -19.98 -0.19
C LEU B 105 -3.26 -19.25 -1.08
N GLN B 106 -2.78 -18.59 -2.13
CA GLN B 106 -3.72 -17.91 -3.03
C GLN B 106 -4.65 -18.90 -3.70
N VAL B 107 -4.19 -20.12 -3.98
CA VAL B 107 -5.03 -21.10 -4.66
C VAL B 107 -5.83 -21.96 -3.68
N TYR B 108 -5.24 -22.37 -2.57
CA TYR B 108 -5.90 -23.28 -1.64
C TYR B 108 -6.25 -22.68 -0.29
N GLY B 109 -6.03 -21.37 -0.07
CA GLY B 109 -6.27 -20.81 1.25
C GLY B 109 -7.70 -21.04 1.74
N THR B 110 -8.69 -20.79 0.89
CA THR B 110 -10.08 -21.01 1.31
C THR B 110 -10.44 -22.50 1.37
N THR B 111 -9.79 -23.32 0.56
CA THR B 111 -9.99 -24.77 0.68
C THR B 111 -9.45 -25.29 2.01
N LEU B 112 -8.27 -24.81 2.42
CA LEU B 112 -7.76 -25.20 3.74
C LEU B 112 -8.71 -24.75 4.85
N LYS B 113 -9.20 -23.50 4.78
CA LYS B 113 -10.21 -23.10 5.75
C LYS B 113 -11.39 -24.06 5.73
N ALA B 114 -11.99 -24.27 4.56
CA ALA B 114 -13.20 -25.08 4.49
C ALA B 114 -12.98 -26.48 5.06
N LEU B 115 -11.86 -27.11 4.70
CA LEU B 115 -11.65 -28.48 5.12
C LEU B 115 -11.27 -28.57 6.60
N VAL B 116 -10.56 -27.57 7.12
CA VAL B 116 -10.30 -27.55 8.56
C VAL B 116 -11.62 -27.45 9.33
N HIS B 117 -12.51 -26.53 8.93
CA HIS B 117 -13.78 -26.42 9.64
C HIS B 117 -14.62 -27.68 9.48
N GLU B 118 -14.55 -28.32 8.33
CA GLU B 118 -15.31 -29.56 8.14
C GLU B 118 -14.81 -30.69 9.03
N LYS B 119 -13.49 -30.89 9.10
CA LYS B 119 -12.96 -32.03 9.83
C LYS B 119 -12.80 -31.80 11.32
N PHE B 120 -12.53 -30.56 11.73
CA PHE B 120 -12.26 -30.24 13.14
C PHE B 120 -13.35 -29.40 13.78
N GLY B 121 -13.85 -28.39 13.07
CA GLY B 121 -14.83 -27.46 13.57
C GLY B 121 -14.28 -26.04 13.52
N ASP B 122 -15.02 -25.12 14.14
CA ASP B 122 -14.59 -23.72 14.19
C ASP B 122 -13.30 -23.62 15.00
N GLY B 123 -12.36 -22.81 14.52
CA GLY B 123 -11.08 -22.69 15.18
C GLY B 123 -9.96 -22.66 14.17
N ILE B 124 -8.76 -23.03 14.60
CA ILE B 124 -7.56 -22.87 13.78
C ILE B 124 -6.70 -24.11 13.86
N ILE B 125 -5.86 -24.28 12.84
CA ILE B 125 -4.67 -25.13 12.95
C ILE B 125 -3.50 -24.26 13.38
N SER B 126 -2.80 -24.68 14.43
CA SER B 126 -1.77 -23.84 15.05
C SER B 126 -0.54 -23.69 14.17
N ALA B 127 0.03 -22.47 14.18
CA ALA B 127 1.38 -22.25 13.66
C ALA B 127 2.41 -22.19 14.77
N ILE B 128 1.99 -22.46 16.01
CA ILE B 128 2.84 -22.38 17.19
C ILE B 128 3.12 -23.78 17.75
N ASN B 129 2.06 -24.52 18.07
CA ASN B 129 2.17 -25.95 18.38
C ASN B 129 2.21 -26.64 17.04
N PHE B 130 3.42 -26.75 16.47
CA PHE B 130 3.54 -26.92 15.03
C PHE B 130 4.90 -27.52 14.70
N LYS B 131 4.90 -28.47 13.77
CA LYS B 131 6.11 -29.08 13.25
C LYS B 131 6.10 -29.02 11.73
N LEU B 132 7.28 -28.80 11.16
CA LEU B 132 7.46 -28.68 9.72
C LEU B 132 8.58 -29.63 9.30
N ASP B 133 8.35 -30.33 8.18
CA ASP B 133 9.28 -31.34 7.68
C ASP B 133 9.33 -31.26 6.15
N VAL B 134 10.53 -31.39 5.59
CA VAL B 134 10.73 -31.39 4.13
C VAL B 134 11.41 -32.71 3.76
N LYS B 135 10.79 -33.49 2.87
CA LYS B 135 11.42 -34.72 2.42
C LYS B 135 11.43 -34.77 0.91
N LYS B 136 12.49 -35.31 0.35
CA LYS B 136 12.58 -35.47 -1.10
C LYS B 136 12.24 -36.92 -1.43
N VAL B 137 11.36 -37.12 -2.40
CA VAL B 137 10.97 -38.44 -2.86
C VAL B 137 11.09 -38.45 -4.38
N ALA B 138 11.25 -39.65 -4.92
CA ALA B 138 11.30 -39.77 -6.37
C ALA B 138 9.91 -39.65 -6.96
N ASP B 139 9.81 -39.01 -8.12
CA ASP B 139 8.54 -38.92 -8.84
C ASP B 139 8.44 -40.11 -9.78
N PRO B 140 7.42 -40.98 -9.63
CA PRO B 140 7.31 -42.12 -10.56
C PRO B 140 7.30 -41.72 -12.02
N GLU B 141 6.88 -40.50 -12.33
CA GLU B 141 6.88 -39.98 -13.70
C GLU B 141 8.24 -39.48 -14.15
N GLY B 142 9.22 -39.46 -13.28
CA GLY B 142 10.53 -38.89 -13.57
C GLY B 142 10.79 -37.64 -12.75
N GLY B 143 12.02 -37.50 -12.27
CA GLY B 143 12.40 -36.36 -11.46
C GLY B 143 12.13 -36.63 -9.98
N GLU B 144 12.05 -35.53 -9.22
CA GLU B 144 11.83 -35.58 -7.79
C GLU B 144 10.72 -34.63 -7.37
N ARG B 145 10.18 -34.91 -6.18
CA ARG B 145 9.14 -34.11 -5.54
C ARG B 145 9.57 -33.78 -4.12
N ALA B 146 9.07 -32.67 -3.61
CA ALA B 146 9.16 -32.36 -2.19
C ALA B 146 7.83 -32.68 -1.52
N VAL B 147 7.88 -33.46 -0.44
CA VAL B 147 6.72 -33.71 0.40
C VAL B 147 6.95 -32.88 1.67
N ILE B 148 6.18 -31.82 1.80
CA ILE B 148 6.33 -30.88 2.91
C ILE B 148 5.13 -31.08 3.82
N THR B 149 5.40 -31.41 5.08
CA THR B 149 4.37 -31.80 6.04
C THR B 149 4.21 -30.69 7.06
N LEU B 150 3.00 -30.17 7.17
CA LEU B 150 2.63 -29.15 8.14
C LEU B 150 1.80 -29.86 9.19
N ASP B 151 2.30 -29.91 10.40
CA ASP B 151 1.68 -30.69 11.47
C ASP B 151 1.36 -29.73 12.60
N GLY B 152 0.13 -29.24 12.66
CA GLY B 152 -0.28 -28.28 13.67
C GLY B 152 -1.43 -28.78 14.53
N LYS B 153 -1.42 -28.39 15.80
CA LYS B 153 -2.54 -28.71 16.69
C LYS B 153 -3.80 -27.94 16.31
N TYR B 154 -4.97 -28.60 16.41
CA TYR B 154 -6.24 -27.91 16.26
C TYR B 154 -6.63 -27.24 17.58
N LEU B 155 -6.94 -25.95 17.50
CA LEU B 155 -7.47 -25.20 18.65
C LEU B 155 -8.88 -24.74 18.35
N PRO B 156 -9.87 -25.21 19.09
CA PRO B 156 -11.26 -24.83 18.79
C PRO B 156 -11.61 -23.42 19.23
N THR B 157 -12.54 -22.83 18.48
CA THR B 157 -13.27 -21.64 18.86
C THR B 157 -14.65 -22.09 19.35
N LYS B 158 -14.95 -21.85 20.63
CA LYS B 158 -16.25 -22.21 21.17
C LYS B 158 -16.92 -21.00 21.82
N PRO B 159 -18.25 -20.94 21.83
CA PRO B 159 -18.93 -19.82 22.50
C PRO B 159 -18.50 -19.69 23.96
N PHE B 160 -18.55 -18.44 24.46
N PHE B 160 -18.57 -18.44 24.46
CA PHE B 160 -18.41 -18.16 25.90
CA PHE B 160 -18.38 -18.14 25.88
C PHE B 160 -19.49 -17.18 26.38
C PHE B 160 -19.40 -17.12 26.37
N MET C 5 -22.24 29.63 -6.95
CA MET C 5 -22.48 28.23 -6.59
C MET C 5 -21.95 27.90 -5.20
N ILE C 6 -22.79 27.26 -4.36
CA ILE C 6 -22.36 26.89 -3.02
C ILE C 6 -22.63 25.41 -2.73
N GLN C 7 -23.09 24.67 -3.73
CA GLN C 7 -23.39 23.24 -3.58
C GLN C 7 -22.19 22.43 -4.04
N SER C 8 -21.81 21.41 -3.26
CA SER C 8 -20.63 20.60 -3.59
C SER C 8 -20.91 19.13 -3.30
N GLN C 9 -20.08 18.27 -3.89
CA GLN C 9 -20.16 16.81 -3.83
C GLN C 9 -19.12 16.25 -2.86
N ILE C 10 -19.35 15.04 -2.33
CA ILE C 10 -18.34 14.39 -1.48
C ILE C 10 -17.98 12.99 -1.97
N ASN C 11 -18.73 12.46 -2.92
CA ASN C 11 -18.51 11.11 -3.44
C ASN C 11 -18.27 11.24 -4.95
N ARG C 12 -17.02 11.11 -5.38
CA ARG C 12 -16.72 11.29 -6.81
C ARG C 12 -17.49 10.36 -7.72
N ASN C 13 -18.00 9.23 -7.20
CA ASN C 13 -18.64 8.24 -8.07
C ASN C 13 -19.88 8.81 -8.75
N ILE C 14 -20.58 9.76 -8.11
CA ILE C 14 -21.77 10.33 -8.72
C ILE C 14 -21.41 11.01 -10.04
N ARG C 15 -20.46 11.95 -9.98
CA ARG C 15 -20.09 12.67 -11.20
C ARG C 15 -19.31 11.79 -12.18
N LEU C 16 -18.62 10.75 -11.70
CA LEU C 16 -17.92 9.90 -12.65
C LEU C 16 -18.89 8.95 -13.37
N ASP C 17 -19.94 8.51 -12.68
CA ASP C 17 -21.01 7.78 -13.36
C ASP C 17 -21.68 8.64 -14.42
N LEU C 18 -21.94 9.92 -14.11
CA LEU C 18 -22.47 10.84 -15.11
C LEU C 18 -21.50 10.97 -16.29
N ALA C 19 -20.20 11.01 -16.02
CA ALA C 19 -19.23 11.10 -17.11
C ALA C 19 -19.35 9.90 -18.05
N ASP C 20 -19.52 8.69 -17.49
CA ASP C 20 -19.65 7.51 -18.35
C ASP C 20 -20.87 7.64 -19.27
N ALA C 21 -22.01 8.06 -18.70
CA ALA C 21 -23.20 8.28 -19.52
C ALA C 21 -22.97 9.36 -20.57
N ILE C 22 -22.28 10.44 -20.20
CA ILE C 22 -21.97 11.49 -21.17
C ILE C 22 -21.14 10.93 -22.30
N LEU C 23 -20.13 10.11 -21.98
CA LEU C 23 -19.25 9.57 -23.02
C LEU C 23 -20.03 8.67 -23.98
N LEU C 24 -20.98 7.90 -23.45
CA LEU C 24 -21.79 7.05 -24.32
C LEU C 24 -22.62 7.88 -25.29
N SER C 25 -23.34 8.87 -24.77
CA SER C 25 -24.13 9.76 -25.62
C SER C 25 -23.24 10.48 -26.62
N LYS C 26 -22.09 10.98 -26.16
CA LYS C 26 -21.14 11.64 -27.05
C LYS C 26 -20.72 10.72 -28.20
N ALA C 27 -20.45 9.45 -27.90
CA ALA C 27 -20.02 8.53 -28.95
C ALA C 27 -21.16 8.21 -29.88
N LYS C 28 -22.35 7.94 -29.34
CA LYS C 28 -23.49 7.65 -30.21
C LYS C 28 -23.74 8.79 -31.18
N LYS C 29 -23.52 10.03 -30.74
CA LYS C 29 -23.76 11.22 -31.55
C LYS C 29 -22.55 11.63 -32.38
N ASP C 30 -21.43 10.89 -32.31
CA ASP C 30 -20.25 11.20 -33.09
C ASP C 30 -19.80 12.64 -32.85
N LEU C 31 -19.79 13.05 -31.58
CA LEU C 31 -19.38 14.38 -31.18
C LEU C 31 -17.94 14.41 -30.66
N SER C 32 -17.24 15.50 -30.94
CA SER C 32 -15.93 15.76 -30.35
C SER C 32 -16.08 16.67 -29.13
N PHE C 33 -15.07 16.63 -28.27
CA PHE C 33 -15.05 17.56 -27.16
C PHE C 33 -14.95 19.00 -27.66
N ALA C 34 -14.19 19.22 -28.73
CA ALA C 34 -14.12 20.57 -29.31
C ALA C 34 -15.50 21.07 -29.70
N GLU C 35 -16.33 20.23 -30.36
CA GLU C 35 -17.66 20.69 -30.71
C GLU C 35 -18.50 20.95 -29.48
N ILE C 36 -18.42 20.06 -28.49
CA ILE C 36 -19.28 20.20 -27.32
C ILE C 36 -19.01 21.54 -26.64
N ALA C 37 -17.74 21.94 -26.57
CA ALA C 37 -17.38 23.20 -25.91
C ALA C 37 -17.62 24.42 -26.78
N ASP C 38 -17.80 24.22 -28.09
CA ASP C 38 -18.01 25.34 -28.99
C ASP C 38 -19.25 26.14 -28.58
N GLY C 39 -19.12 27.46 -28.59
CA GLY C 39 -20.21 28.34 -28.20
C GLY C 39 -20.40 28.48 -26.72
N THR C 40 -19.50 27.93 -25.93
CA THR C 40 -19.60 27.91 -24.49
C THR C 40 -18.88 29.09 -23.86
N GLY C 41 -18.01 29.76 -24.60
CA GLY C 41 -17.14 30.77 -24.02
C GLY C 41 -16.01 30.22 -23.19
N LEU C 42 -15.82 28.90 -23.15
CA LEU C 42 -14.85 28.28 -22.26
C LEU C 42 -13.92 27.36 -23.02
N ALA C 43 -12.68 27.29 -22.57
CA ALA C 43 -11.66 26.49 -23.22
C ALA C 43 -12.06 25.01 -23.23
N GLU C 44 -11.65 24.31 -24.28
CA GLU C 44 -12.02 22.90 -24.40
C GLU C 44 -11.52 22.09 -23.21
N ALA C 45 -10.32 22.39 -22.70
CA ALA C 45 -9.80 21.63 -21.56
C ALA C 45 -10.66 21.82 -20.33
N PHE C 46 -11.20 23.04 -20.14
CA PHE C 46 -12.04 23.26 -18.97
C PHE C 46 -13.39 22.56 -19.12
N VAL C 47 -14.04 22.71 -20.27
CA VAL C 47 -15.33 22.06 -20.48
C VAL C 47 -15.17 20.54 -20.41
N THR C 48 -14.12 20.00 -21.04
CA THR C 48 -13.92 18.56 -21.02
C THR C 48 -13.73 18.08 -19.59
N ALA C 49 -12.91 18.80 -18.82
CA ALA C 49 -12.71 18.44 -17.41
C ALA C 49 -14.02 18.41 -16.64
N ALA C 50 -14.89 19.40 -16.88
CA ALA C 50 -16.20 19.39 -16.23
C ALA C 50 -17.02 18.16 -16.62
N LEU C 51 -17.04 17.81 -17.90
CA LEU C 51 -17.79 16.64 -18.32
C LEU C 51 -17.29 15.40 -17.59
N LEU C 52 -15.97 15.33 -17.37
CA LEU C 52 -15.33 14.18 -16.75
C LEU C 52 -15.26 14.31 -15.23
N GLY C 53 -16.03 15.23 -14.65
CA GLY C 53 -16.25 15.29 -13.22
C GLY C 53 -15.27 16.12 -12.43
N GLN C 54 -14.45 16.94 -13.09
CA GLN C 54 -13.31 17.56 -12.43
C GLN C 54 -13.43 19.08 -12.34
N GLN C 55 -14.49 19.66 -12.88
CA GLN C 55 -14.76 21.10 -12.82
C GLN C 55 -16.27 21.26 -12.74
N ALA C 56 -16.71 22.45 -12.36
CA ALA C 56 -18.14 22.79 -12.33
C ALA C 56 -18.43 23.73 -13.50
N LEU C 57 -19.53 23.45 -14.25
CA LEU C 57 -19.89 24.36 -15.33
C LEU C 57 -20.86 25.43 -14.83
N PRO C 58 -20.77 26.64 -15.35
CA PRO C 58 -21.80 27.63 -15.07
C PRO C 58 -23.13 27.18 -15.67
N ALA C 59 -24.23 27.68 -15.10
CA ALA C 59 -25.54 27.25 -15.56
C ALA C 59 -25.69 27.38 -17.07
N ASP C 60 -25.23 28.50 -17.65
CA ASP C 60 -25.39 28.71 -19.08
C ASP C 60 -24.73 27.60 -19.89
N ALA C 61 -23.48 27.27 -19.55
CA ALA C 61 -22.77 26.23 -20.29
C ALA C 61 -23.35 24.86 -20.01
N ALA C 62 -23.75 24.60 -18.75
CA ALA C 62 -24.37 23.31 -18.44
C ALA C 62 -25.60 23.06 -19.30
N ARG C 63 -26.42 24.09 -19.53
CA ARG C 63 -27.60 23.89 -20.36
C ARG C 63 -27.21 23.70 -21.82
N LEU C 64 -26.23 24.47 -22.29
CA LEU C 64 -25.79 24.35 -23.68
C LEU C 64 -25.24 22.95 -23.98
N VAL C 65 -24.27 22.48 -23.20
CA VAL C 65 -23.74 21.14 -23.44
C VAL C 65 -24.80 20.09 -23.13
N GLY C 66 -25.62 20.34 -22.11
CA GLY C 66 -26.66 19.38 -21.79
C GLY C 66 -27.60 19.13 -22.95
N ALA C 67 -27.98 20.20 -23.66
CA ALA C 67 -28.82 20.05 -24.85
C ALA C 67 -28.08 19.26 -25.92
N LYS C 68 -26.84 19.67 -26.23
CA LYS C 68 -26.04 18.96 -27.22
C LYS C 68 -25.98 17.46 -26.94
N LEU C 69 -25.98 17.06 -25.67
CA LEU C 69 -25.77 15.66 -25.32
C LEU C 69 -27.05 14.94 -24.90
N ASP C 70 -28.17 15.63 -24.75
CA ASP C 70 -29.43 14.98 -24.39
C ASP C 70 -29.44 14.52 -22.94
N LEU C 71 -28.93 15.35 -22.04
CA LEU C 71 -28.90 15.03 -20.62
C LEU C 71 -30.22 15.43 -19.96
N ASP C 72 -30.64 14.64 -18.98
CA ASP C 72 -31.84 14.96 -18.22
C ASP C 72 -31.57 16.11 -17.25
N GLU C 73 -32.63 16.61 -16.63
CA GLU C 73 -32.49 17.83 -15.81
C GLU C 73 -31.59 17.60 -14.62
N ASP C 74 -31.59 16.39 -14.05
CA ASP C 74 -30.72 16.15 -12.90
C ASP C 74 -29.26 16.18 -13.32
N SER C 75 -28.95 15.74 -14.54
CA SER C 75 -27.56 15.70 -14.99
C SER C 75 -27.02 17.10 -15.24
N ILE C 76 -27.83 17.98 -15.83
CA ILE C 76 -27.41 19.35 -16.07
C ILE C 76 -27.18 20.08 -14.75
N LEU C 77 -27.95 19.75 -13.71
CA LEU C 77 -27.68 20.35 -12.41
C LEU C 77 -26.42 19.76 -11.79
N LEU C 78 -26.20 18.46 -11.96
CA LEU C 78 -24.99 17.85 -11.42
C LEU C 78 -23.75 18.52 -12.00
N LEU C 79 -23.77 18.81 -13.31
CA LEU C 79 -22.63 19.43 -13.96
C LEU C 79 -22.25 20.76 -13.34
N GLN C 80 -23.17 21.41 -12.64
CA GLN C 80 -22.93 22.70 -12.02
C GLN C 80 -22.44 22.58 -10.58
N MET C 81 -22.53 21.40 -9.98
CA MET C 81 -22.08 21.18 -8.62
C MET C 81 -20.56 21.21 -8.55
N ILE C 82 -20.03 21.67 -7.42
CA ILE C 82 -18.58 21.65 -7.21
C ILE C 82 -18.16 20.19 -6.95
N PRO C 83 -17.21 19.66 -7.71
CA PRO C 83 -16.94 18.22 -7.66
C PRO C 83 -16.02 17.83 -6.50
N LEU C 84 -16.05 16.53 -6.18
CA LEU C 84 -14.98 15.92 -5.38
C LEU C 84 -13.94 15.48 -6.40
N ARG C 85 -12.86 16.25 -6.52
CA ARG C 85 -11.93 16.09 -7.63
C ARG C 85 -10.96 14.93 -7.37
N GLY C 86 -10.48 14.33 -8.45
CA GLY C 86 -9.58 13.21 -8.39
C GLY C 86 -10.00 12.21 -9.43
N CYS C 87 -9.37 12.25 -10.62
CA CYS C 87 -9.78 11.40 -11.73
C CYS C 87 -9.03 10.07 -11.77
N ILE C 88 -7.95 9.89 -11.04
CA ILE C 88 -7.18 8.66 -11.13
C ILE C 88 -7.81 7.62 -10.22
N ASP C 89 -8.04 6.41 -10.77
CA ASP C 89 -8.66 5.34 -10.01
C ASP C 89 -7.94 5.11 -8.68
N ASP C 90 -6.65 4.77 -8.74
CA ASP C 90 -5.91 4.38 -7.53
C ASP C 90 -4.48 4.96 -7.61
N ARG C 91 -4.40 6.29 -7.52
CA ARG C 91 -3.17 7.06 -7.33
C ARG C 91 -2.22 7.07 -8.51
N ILE C 92 -1.87 5.92 -9.07
CA ILE C 92 -0.98 5.83 -10.23
C ILE C 92 -1.79 5.29 -11.40
N PRO C 93 -1.79 5.95 -12.56
CA PRO C 93 -2.59 5.47 -13.69
C PRO C 93 -2.06 4.15 -14.23
N THR C 94 -2.99 3.29 -14.68
CA THR C 94 -2.58 2.13 -15.45
C THR C 94 -2.58 2.41 -16.94
N ASP C 95 -3.39 3.36 -17.37
CA ASP C 95 -3.55 3.59 -18.80
C ASP C 95 -2.26 4.18 -19.37
N PRO C 96 -1.71 3.63 -20.46
CA PRO C 96 -0.42 4.15 -20.97
C PRO C 96 -0.47 5.62 -21.29
N THR C 97 -1.57 6.10 -21.89
CA THR C 97 -1.65 7.50 -22.27
C THR C 97 -1.57 8.41 -21.06
N MET C 98 -2.33 8.09 -20.01
CA MET C 98 -2.22 8.87 -18.77
C MET C 98 -0.90 8.62 -18.07
N TYR C 99 -0.38 7.38 -18.12
CA TYR C 99 0.85 7.06 -17.39
C TYR C 99 2.02 7.93 -17.85
N ARG C 100 2.08 8.27 -19.15
CA ARG C 100 3.24 9.01 -19.61
C ARG C 100 3.38 10.34 -18.87
N PHE C 101 2.25 10.98 -18.52
CA PHE C 101 2.33 12.25 -17.81
C PHE C 101 2.79 12.06 -16.37
N TYR C 102 2.43 10.92 -15.77
CA TYR C 102 3.03 10.54 -14.49
C TYR C 102 4.54 10.31 -14.62
N GLU C 103 4.96 9.62 -15.68
CA GLU C 103 6.39 9.37 -15.87
C GLU C 103 7.17 10.67 -16.04
N MET C 104 6.61 11.65 -16.75
CA MET C 104 7.25 12.97 -16.78
C MET C 104 7.56 13.49 -15.38
N LEU C 105 6.65 13.25 -14.43
CA LEU C 105 6.91 13.65 -13.05
CA LEU C 105 6.90 13.64 -13.04
C LEU C 105 7.99 12.79 -12.42
N GLN C 106 8.01 11.48 -12.71
CA GLN C 106 9.07 10.65 -12.15
C GLN C 106 10.45 11.06 -12.67
N VAL C 107 10.54 11.49 -13.93
CA VAL C 107 11.82 11.89 -14.49
C VAL C 107 12.16 13.34 -14.16
N TYR C 108 11.19 14.27 -14.24
CA TYR C 108 11.48 15.69 -14.12
C TYR C 108 10.95 16.34 -12.86
N GLY C 109 10.28 15.60 -11.96
CA GLY C 109 9.65 16.25 -10.82
C GLY C 109 10.62 17.09 -10.01
N THR C 110 11.81 16.54 -9.72
CA THR C 110 12.76 17.32 -8.91
C THR C 110 13.37 18.46 -9.73
N THR C 111 13.47 18.29 -11.05
CA THR C 111 13.95 19.37 -11.89
C THR C 111 12.95 20.53 -11.90
N LEU C 112 11.66 20.22 -12.00
CA LEU C 112 10.64 21.25 -11.93
C LEU C 112 10.71 22.00 -10.59
N LYS C 113 10.86 21.26 -9.49
CA LYS C 113 11.04 21.92 -8.20
C LYS C 113 12.26 22.83 -8.23
N ALA C 114 13.40 22.29 -8.67
CA ALA C 114 14.64 23.06 -8.62
C ALA C 114 14.56 24.33 -9.47
N LEU C 115 14.02 24.21 -10.68
CA LEU C 115 13.92 25.37 -11.56
C LEU C 115 12.87 26.36 -11.07
N VAL C 116 11.79 25.89 -10.47
CA VAL C 116 10.79 26.82 -9.93
C VAL C 116 11.42 27.65 -8.80
N HIS C 117 12.17 27.01 -7.90
CA HIS C 117 12.80 27.77 -6.83
C HIS C 117 13.87 28.71 -7.37
N GLU C 118 14.56 28.31 -8.43
CA GLU C 118 15.60 29.18 -9.00
C GLU C 118 15.01 30.42 -9.66
N LYS C 119 13.91 30.28 -10.40
CA LYS C 119 13.34 31.39 -11.16
C LYS C 119 12.39 32.24 -10.35
N PHE C 120 11.70 31.67 -9.37
CA PHE C 120 10.64 32.35 -8.63
C PHE C 120 10.94 32.47 -7.15
N GLY C 121 11.58 31.49 -6.55
CA GLY C 121 11.88 31.47 -5.14
C GLY C 121 11.11 30.36 -4.44
N ASP C 122 11.08 30.44 -3.11
CA ASP C 122 10.32 29.46 -2.34
C ASP C 122 8.83 29.64 -2.58
N GLY C 123 8.12 28.54 -2.77
CA GLY C 123 6.70 28.60 -3.03
C GLY C 123 6.29 27.50 -4.00
N ILE C 124 5.20 27.74 -4.71
CA ILE C 124 4.63 26.73 -5.58
C ILE C 124 4.18 27.40 -6.87
N ILE C 125 4.05 26.58 -7.93
CA ILE C 125 3.24 26.93 -9.09
C ILE C 125 1.85 26.37 -8.88
N SER C 126 0.85 27.23 -8.98
CA SER C 126 -0.52 26.86 -8.65
C SER C 126 -1.08 25.83 -9.62
N ALA C 127 -1.88 24.91 -9.07
CA ALA C 127 -2.78 24.08 -9.86
C ALA C 127 -4.20 24.60 -9.83
N ILE C 128 -4.44 25.74 -9.17
CA ILE C 128 -5.78 26.31 -9.05
C ILE C 128 -5.93 27.53 -9.96
N ASN C 129 -5.08 28.54 -9.75
CA ASN C 129 -4.96 29.66 -10.68
C ASN C 129 -4.12 29.13 -11.83
N PHE C 130 -4.79 28.49 -12.79
CA PHE C 130 -4.08 27.54 -13.66
C PHE C 130 -4.84 27.38 -14.96
N LYS C 131 -4.12 27.35 -16.07
CA LYS C 131 -4.72 27.02 -17.36
C LYS C 131 -3.87 25.97 -18.05
N LEU C 132 -4.52 25.09 -18.81
CA LEU C 132 -3.72 24.20 -19.64
C LEU C 132 -4.38 24.01 -21.00
N ASP C 133 -3.54 23.76 -21.99
CA ASP C 133 -4.04 23.52 -23.33
C ASP C 133 -3.12 22.54 -24.03
N VAL C 134 -3.70 21.86 -25.01
CA VAL C 134 -3.02 20.85 -25.80
C VAL C 134 -3.09 21.29 -27.26
N LYS C 135 -1.93 21.40 -27.91
CA LYS C 135 -1.84 21.77 -29.31
C LYS C 135 -1.13 20.67 -30.10
N LYS C 136 -1.63 20.37 -31.29
CA LYS C 136 -0.97 19.41 -32.17
C LYS C 136 -0.14 20.19 -33.18
N VAL C 137 1.14 19.82 -33.31
CA VAL C 137 2.03 20.44 -34.27
C VAL C 137 2.74 19.36 -35.07
N ALA C 138 3.35 19.77 -36.18
CA ALA C 138 4.22 18.87 -36.93
C ALA C 138 5.48 18.56 -36.15
N ASP C 139 5.99 17.36 -36.35
CA ASP C 139 7.32 17.02 -35.88
C ASP C 139 8.31 17.26 -37.01
N PRO C 140 9.25 18.20 -36.86
CA PRO C 140 10.14 18.54 -38.00
C PRO C 140 10.93 17.36 -38.50
N GLU C 141 10.96 16.27 -37.74
CA GLU C 141 11.62 15.05 -38.15
C GLU C 141 10.65 14.05 -38.77
N GLY C 142 9.37 14.40 -38.85
CA GLY C 142 8.35 13.48 -39.32
C GLY C 142 7.36 13.11 -38.23
N GLY C 143 6.07 13.09 -38.56
CA GLY C 143 5.04 12.79 -37.57
C GLY C 143 4.47 14.04 -36.93
N GLU C 144 3.88 13.84 -35.74
CA GLU C 144 3.23 14.91 -35.01
C GLU C 144 3.72 14.92 -33.57
N ARG C 145 3.61 16.09 -32.95
CA ARG C 145 3.94 16.28 -31.54
C ARG C 145 2.80 16.98 -30.82
N ALA C 146 2.69 16.74 -29.52
CA ALA C 146 1.80 17.48 -28.64
C ALA C 146 2.61 18.51 -27.86
N VAL C 147 2.17 19.76 -27.90
CA VAL C 147 2.74 20.82 -27.07
C VAL C 147 1.69 21.12 -26.01
N ILE C 148 1.98 20.72 -24.78
CA ILE C 148 1.03 20.86 -23.68
C ILE C 148 1.54 21.94 -22.75
N THR C 149 0.75 22.98 -22.57
CA THR C 149 1.18 24.18 -21.86
C THR C 149 0.51 24.21 -20.50
N LEU C 150 1.31 24.24 -19.45
CA LEU C 150 0.84 24.36 -18.08
C LEU C 150 1.18 25.77 -17.62
N ASP C 151 0.14 26.55 -17.29
CA ASP C 151 0.29 27.98 -17.06
C ASP C 151 -0.29 28.28 -15.68
N GLY C 152 0.58 28.40 -14.69
CA GLY C 152 0.14 28.46 -13.31
C GLY C 152 0.76 29.64 -12.58
N LYS C 153 -0.06 30.29 -11.75
CA LYS C 153 0.45 31.40 -10.94
C LYS C 153 1.50 30.93 -9.95
N TYR C 154 2.54 31.74 -9.77
CA TYR C 154 3.50 31.52 -8.69
C TYR C 154 2.97 32.13 -7.40
N LEU C 155 2.88 31.32 -6.34
CA LEU C 155 2.57 31.81 -5.01
C LEU C 155 3.77 31.58 -4.12
N PRO C 156 4.36 32.61 -3.52
CA PRO C 156 5.53 32.39 -2.67
C PRO C 156 5.14 31.98 -1.26
N THR C 157 6.02 31.19 -0.64
CA THR C 157 5.92 30.96 0.79
C THR C 157 6.88 31.94 1.43
N LYS C 158 6.37 32.77 2.33
CA LYS C 158 7.25 33.71 2.99
C LYS C 158 7.10 33.62 4.51
N PRO C 159 8.16 33.95 5.23
CA PRO C 159 8.11 33.86 6.70
C PRO C 159 6.95 34.65 7.31
N PHE C 160 6.55 34.25 8.51
N PHE C 160 6.56 34.23 8.51
CA PHE C 160 5.60 35.04 9.30
CA PHE C 160 5.60 34.97 9.31
C PHE C 160 5.96 35.02 10.78
C PHE C 160 5.99 34.85 10.77
N MET D 5 -21.29 -27.74 13.84
CA MET D 5 -21.16 -26.93 12.63
C MET D 5 -19.93 -27.19 11.77
N ILE D 6 -20.19 -27.66 10.54
CA ILE D 6 -19.15 -27.90 9.56
C ILE D 6 -19.21 -26.92 8.38
N GLN D 7 -20.21 -26.04 8.34
CA GLN D 7 -20.37 -25.10 7.23
C GLN D 7 -19.61 -23.81 7.51
N SER D 8 -18.96 -23.27 6.48
CA SER D 8 -18.21 -22.02 6.68
C SER D 8 -18.34 -21.12 5.46
N GLN D 9 -18.03 -19.84 5.69
CA GLN D 9 -18.10 -18.78 4.71
C GLN D 9 -16.71 -18.43 4.16
N ILE D 10 -16.68 -17.82 2.97
CA ILE D 10 -15.39 -17.40 2.41
C ILE D 10 -15.40 -15.94 1.99
N ASN D 11 -16.55 -15.30 2.01
CA ASN D 11 -16.70 -13.90 1.60
C ASN D 11 -17.36 -13.13 2.74
N ARG D 12 -16.57 -12.31 3.44
CA ARG D 12 -17.12 -11.62 4.61
C ARG D 12 -18.32 -10.71 4.27
N ASN D 13 -18.47 -10.29 3.02
CA ASN D 13 -19.53 -9.32 2.70
C ASN D 13 -20.91 -9.88 2.98
N ILE D 14 -21.11 -11.19 2.81
CA ILE D 14 -22.44 -11.77 3.06
C ILE D 14 -22.86 -11.52 4.50
N ARG D 15 -22.01 -11.90 5.45
CA ARG D 15 -22.38 -11.71 6.85
C ARG D 15 -22.29 -10.24 7.27
N LEU D 16 -21.41 -9.47 6.65
CA LEU D 16 -21.38 -8.06 7.02
C LEU D 16 -22.61 -7.33 6.49
N ASP D 17 -23.14 -7.73 5.33
CA ASP D 17 -24.41 -7.19 4.89
C ASP D 17 -25.53 -7.55 5.87
N LEU D 18 -25.55 -8.80 6.32
CA LEU D 18 -26.50 -9.21 7.35
C LEU D 18 -26.36 -8.36 8.60
N ALA D 19 -25.12 -8.11 9.04
CA ALA D 19 -24.93 -7.25 10.21
C ALA D 19 -25.61 -5.89 10.03
N ASP D 20 -25.47 -5.27 8.85
CA ASP D 20 -26.11 -3.97 8.65
C ASP D 20 -27.62 -4.07 8.80
N ALA D 21 -28.21 -5.13 8.23
CA ALA D 21 -29.64 -5.39 8.40
C ALA D 21 -30.00 -5.57 9.87
N ILE D 22 -29.20 -6.38 10.57
CA ILE D 22 -29.44 -6.60 11.99
C ILE D 22 -29.43 -5.28 12.73
N LEU D 23 -28.48 -4.40 12.40
CA LEU D 23 -28.35 -3.15 13.12
C LEU D 23 -29.54 -2.22 12.87
N LEU D 24 -30.08 -2.21 11.65
CA LEU D 24 -31.25 -1.38 11.40
C LEU D 24 -32.46 -1.89 12.17
N SER D 25 -32.68 -3.20 12.15
CA SER D 25 -33.80 -3.78 12.89
C SER D 25 -33.65 -3.51 14.37
N LYS D 26 -32.44 -3.71 14.91
CA LYS D 26 -32.15 -3.43 16.31
C LYS D 26 -32.46 -1.98 16.66
N ALA D 27 -32.12 -1.05 15.77
CA ALA D 27 -32.38 0.36 16.02
C ALA D 27 -33.87 0.66 15.98
N LYS D 28 -34.57 0.06 15.02
CA LYS D 28 -36.02 0.26 14.95
C LYS D 28 -36.70 -0.26 16.20
N LYS D 29 -36.19 -1.33 16.79
CA LYS D 29 -36.81 -1.94 17.96
C LYS D 29 -36.28 -1.40 19.27
N ASP D 30 -35.36 -0.43 19.23
CA ASP D 30 -34.85 0.19 20.45
C ASP D 30 -34.21 -0.85 21.37
N LEU D 31 -33.49 -1.81 20.79
CA LEU D 31 -32.89 -2.89 21.57
C LEU D 31 -31.40 -2.64 21.79
N SER D 32 -30.92 -3.10 22.95
CA SER D 32 -29.51 -3.14 23.31
C SER D 32 -28.92 -4.52 23.00
N PHE D 33 -27.59 -4.55 22.86
CA PHE D 33 -26.91 -5.84 22.71
C PHE D 33 -27.07 -6.69 23.97
N ALA D 34 -27.07 -6.06 25.13
CA ALA D 34 -27.31 -6.79 26.37
C ALA D 34 -28.67 -7.48 26.34
N GLU D 35 -29.71 -6.78 25.87
CA GLU D 35 -31.03 -7.41 25.80
C GLU D 35 -31.06 -8.54 24.80
N ILE D 36 -30.43 -8.34 23.63
CA ILE D 36 -30.43 -9.38 22.60
C ILE D 36 -29.77 -10.64 23.12
N ALA D 37 -28.66 -10.51 23.84
CA ALA D 37 -27.94 -11.67 24.32
C ALA D 37 -28.61 -12.31 25.53
N ASP D 38 -29.48 -11.59 26.22
CA ASP D 38 -30.13 -12.12 27.41
C ASP D 38 -30.95 -13.36 27.06
N GLY D 39 -30.73 -14.45 27.80
CA GLY D 39 -31.43 -15.69 27.53
C GLY D 39 -30.72 -16.65 26.61
N THR D 40 -29.64 -16.22 25.96
CA THR D 40 -28.86 -17.14 25.14
C THR D 40 -27.86 -17.94 25.95
N GLY D 41 -27.57 -17.52 27.19
CA GLY D 41 -26.50 -18.13 27.95
C GLY D 41 -25.12 -17.73 27.52
N LEU D 42 -25.00 -16.86 26.53
CA LEU D 42 -23.72 -16.47 25.98
C LEU D 42 -23.39 -15.04 26.39
N ALA D 43 -22.09 -14.76 26.51
CA ALA D 43 -21.63 -13.44 26.93
C ALA D 43 -22.00 -12.39 25.89
N GLU D 44 -22.23 -11.17 26.36
CA GLU D 44 -22.64 -10.12 25.43
C GLU D 44 -21.58 -9.89 24.37
N ALA D 45 -20.30 -10.06 24.71
CA ALA D 45 -19.26 -9.84 23.70
C ALA D 45 -19.30 -10.93 22.63
N PHE D 46 -19.61 -12.17 23.01
CA PHE D 46 -19.65 -13.24 22.01
C PHE D 46 -20.87 -13.09 21.09
N VAL D 47 -22.05 -12.80 21.67
CA VAL D 47 -23.24 -12.65 20.84
C VAL D 47 -23.12 -11.43 19.93
N THR D 48 -22.68 -10.30 20.48
CA THR D 48 -22.49 -9.11 19.64
C THR D 48 -21.56 -9.42 18.48
N ALA D 49 -20.43 -10.06 18.76
CA ALA D 49 -19.49 -10.38 17.69
C ALA D 49 -20.14 -11.25 16.61
N ALA D 50 -20.98 -12.21 16.99
CA ALA D 50 -21.66 -13.03 16.00
C ALA D 50 -22.60 -12.18 15.15
N LEU D 51 -23.38 -11.31 15.79
CA LEU D 51 -24.27 -10.46 15.01
C LEU D 51 -23.48 -9.65 13.98
N LEU D 52 -22.30 -9.18 14.37
CA LEU D 52 -21.43 -8.35 13.54
C LEU D 52 -20.51 -9.17 12.62
N GLY D 53 -20.77 -10.48 12.49
CA GLY D 53 -20.13 -11.31 11.51
C GLY D 53 -18.86 -12.01 11.92
N GLN D 54 -18.49 -12.00 13.20
CA GLN D 54 -17.18 -12.44 13.65
C GLN D 54 -17.18 -13.71 14.50
N GLN D 55 -18.36 -14.28 14.77
CA GLN D 55 -18.51 -15.57 15.44
C GLN D 55 -19.71 -16.29 14.85
N ALA D 56 -19.84 -17.56 15.21
CA ALA D 56 -20.98 -18.39 14.83
C ALA D 56 -21.86 -18.65 16.05
N LEU D 57 -23.17 -18.44 15.90
CA LEU D 57 -24.09 -18.76 16.98
C LEU D 57 -24.53 -20.22 16.90
N PRO D 58 -24.61 -20.92 18.03
CA PRO D 58 -25.28 -22.22 18.02
C PRO D 58 -26.73 -22.04 17.58
N ALA D 59 -27.33 -23.15 17.18
CA ALA D 59 -28.68 -23.12 16.62
C ALA D 59 -29.69 -22.41 17.53
N ASP D 60 -29.76 -22.82 18.80
CA ASP D 60 -30.77 -22.27 19.70
C ASP D 60 -30.60 -20.77 19.89
N ALA D 61 -29.35 -20.32 20.07
CA ALA D 61 -29.11 -18.88 20.17
C ALA D 61 -29.50 -18.17 18.89
N ALA D 62 -29.20 -18.76 17.73
CA ALA D 62 -29.54 -18.10 16.48
C ALA D 62 -31.05 -17.96 16.33
N ARG D 63 -31.80 -18.98 16.73
CA ARG D 63 -33.25 -18.89 16.66
C ARG D 63 -33.77 -17.82 17.60
N LEU D 64 -33.22 -17.75 18.82
CA LEU D 64 -33.66 -16.75 19.78
C LEU D 64 -33.42 -15.33 19.29
N VAL D 65 -32.17 -14.98 18.97
CA VAL D 65 -31.90 -13.60 18.55
C VAL D 65 -32.62 -13.30 17.24
N GLY D 66 -32.76 -14.30 16.37
CA GLY D 66 -33.48 -14.07 15.12
C GLY D 66 -34.93 -13.72 15.34
N ALA D 67 -35.57 -14.37 16.32
CA ALA D 67 -36.93 -14.00 16.68
C ALA D 67 -36.99 -12.57 17.23
N LYS D 68 -36.04 -12.19 18.09
CA LYS D 68 -36.05 -10.84 18.64
C LYS D 68 -35.90 -9.77 17.57
N LEU D 69 -35.17 -10.06 16.50
CA LEU D 69 -34.84 -9.08 15.48
C LEU D 69 -35.65 -9.27 14.22
N ASP D 70 -36.56 -10.24 14.21
CA ASP D 70 -37.44 -10.51 13.07
C ASP D 70 -36.63 -10.84 11.82
N LEU D 71 -35.66 -11.76 11.99
CA LEU D 71 -34.82 -12.17 10.88
C LEU D 71 -35.47 -13.30 10.11
N ASP D 72 -35.22 -13.33 8.80
CA ASP D 72 -35.76 -14.42 8.00
C ASP D 72 -34.93 -15.70 8.21
N GLU D 73 -35.40 -16.81 7.65
CA GLU D 73 -34.79 -18.10 7.97
C GLU D 73 -33.40 -18.22 7.34
N ASP D 74 -33.21 -17.64 6.15
CA ASP D 74 -31.88 -17.62 5.56
C ASP D 74 -30.91 -16.91 6.49
N SER D 75 -31.35 -15.81 7.10
CA SER D 75 -30.49 -15.02 7.98
C SER D 75 -30.17 -15.77 9.27
N ILE D 76 -31.16 -16.47 9.85
CA ILE D 76 -30.89 -17.28 11.03
C ILE D 76 -29.89 -18.38 10.70
N LEU D 77 -29.99 -18.96 9.50
CA LEU D 77 -28.99 -19.94 9.10
C LEU D 77 -27.62 -19.28 8.95
N LEU D 78 -27.57 -18.09 8.33
CA LEU D 78 -26.28 -17.45 8.14
C LEU D 78 -25.57 -17.20 9.47
N LEU D 79 -26.33 -16.87 10.52
CA LEU D 79 -25.71 -16.61 11.82
C LEU D 79 -25.04 -17.85 12.40
N GLN D 80 -25.40 -19.05 11.92
CA GLN D 80 -24.79 -20.27 12.42
C GLN D 80 -23.56 -20.71 11.63
N MET D 81 -23.31 -20.14 10.46
CA MET D 81 -22.12 -20.47 9.68
C MET D 81 -20.85 -19.96 10.33
N ILE D 82 -19.77 -20.72 10.15
CA ILE D 82 -18.47 -20.25 10.62
C ILE D 82 -18.04 -19.12 9.68
N PRO D 83 -17.73 -17.92 10.20
CA PRO D 83 -17.52 -16.75 9.33
C PRO D 83 -16.12 -16.72 8.72
N LEU D 84 -16.01 -15.87 7.70
CA LEU D 84 -14.72 -15.36 7.25
C LEU D 84 -14.48 -14.09 8.06
N ARG D 85 -13.62 -14.20 9.09
CA ARG D 85 -13.49 -13.17 10.10
C ARG D 85 -12.57 -12.04 9.63
N GLY D 86 -12.78 -10.87 10.22
CA GLY D 86 -12.05 -9.67 9.82
C GLY D 86 -13.00 -8.50 9.71
N CYS D 87 -13.14 -7.73 10.78
CA CYS D 87 -14.14 -6.66 10.81
C CYS D 87 -13.63 -5.33 10.30
N ILE D 88 -12.33 -5.16 10.13
CA ILE D 88 -11.76 -3.86 9.77
C ILE D 88 -11.82 -3.71 8.25
N ASP D 89 -12.38 -2.59 7.79
CA ASP D 89 -12.54 -2.36 6.36
C ASP D 89 -11.21 -2.55 5.63
N ASP D 90 -10.18 -1.78 6.00
CA ASP D 90 -8.90 -1.81 5.28
C ASP D 90 -7.75 -1.67 6.28
N ARG D 91 -7.57 -2.72 7.09
CA ARG D 91 -6.41 -2.99 7.94
C ARG D 91 -6.27 -2.07 9.16
N ILE D 92 -6.36 -0.77 8.97
CA ILE D 92 -6.25 0.20 10.06
C ILE D 92 -7.60 0.90 10.18
N PRO D 93 -8.22 0.93 11.37
CA PRO D 93 -9.53 1.58 11.48
C PRO D 93 -9.45 3.08 11.26
N THR D 94 -10.48 3.65 10.63
CA THR D 94 -10.64 5.10 10.59
C THR D 94 -11.48 5.63 11.74
N ASP D 95 -12.35 4.81 12.29
CA ASP D 95 -13.24 5.28 13.35
C ASP D 95 -12.45 5.55 14.62
N PRO D 96 -12.56 6.75 15.20
CA PRO D 96 -11.79 7.05 16.42
C PRO D 96 -11.97 6.01 17.52
N THR D 97 -13.20 5.54 17.73
CA THR D 97 -13.44 4.60 18.81
C THR D 97 -12.66 3.31 18.59
N MET D 98 -12.68 2.79 17.36
CA MET D 98 -11.88 1.59 17.12
C MET D 98 -10.40 1.90 17.02
N TYR D 99 -10.04 3.09 16.53
CA TYR D 99 -8.64 3.41 16.35
C TYR D 99 -7.89 3.39 17.68
N ARG D 100 -8.52 3.81 18.78
CA ARG D 100 -7.78 3.85 20.04
C ARG D 100 -7.25 2.47 20.39
N PHE D 101 -7.97 1.40 20.05
CA PHE D 101 -7.44 0.09 20.41
C PHE D 101 -6.25 -0.29 19.53
N TYR D 102 -6.25 0.18 18.29
CA TYR D 102 -5.06 0.05 17.44
C TYR D 102 -3.92 0.87 17.99
N GLU D 103 -4.20 2.07 18.49
CA GLU D 103 -3.14 2.90 19.05
C GLU D 103 -2.51 2.23 20.27
N MET D 104 -3.33 1.55 21.09
CA MET D 104 -2.73 0.80 22.20
C MET D 104 -1.70 -0.20 21.73
N LEU D 105 -1.88 -0.76 20.53
CA LEU D 105 -0.88 -1.66 19.97
C LEU D 105 0.33 -0.90 19.48
N GLN D 106 0.12 0.27 18.86
CA GLN D 106 1.27 1.04 18.41
C GLN D 106 2.13 1.51 19.57
N VAL D 107 1.53 1.76 20.73
CA VAL D 107 2.30 2.22 21.87
C VAL D 107 2.81 1.05 22.70
N TYR D 108 2.01 0.00 22.93
CA TYR D 108 2.37 -1.08 23.86
C TYR D 108 2.62 -2.42 23.20
N GLY D 109 2.56 -2.53 21.88
CA GLY D 109 2.70 -3.84 21.25
C GLY D 109 3.99 -4.54 21.63
N THR D 110 5.12 -3.79 21.62
CA THR D 110 6.40 -4.44 21.95
C THR D 110 6.51 -4.70 23.45
N THR D 111 5.85 -3.89 24.28
CA THR D 111 5.82 -4.14 25.71
C THR D 111 5.00 -5.38 26.04
N LEU D 112 3.86 -5.56 25.35
CA LEU D 112 3.09 -6.79 25.50
C LEU D 112 3.94 -8.00 25.12
N LYS D 113 4.63 -7.94 23.98
CA LYS D 113 5.53 -9.02 23.61
C LYS D 113 6.56 -9.26 24.71
N ALA D 114 7.20 -8.19 25.18
CA ALA D 114 8.30 -8.35 26.12
C ALA D 114 7.82 -8.98 27.42
N LEU D 115 6.68 -8.52 27.93
CA LEU D 115 6.18 -9.02 29.21
C LEU D 115 5.59 -10.42 29.06
N VAL D 116 4.99 -10.74 27.91
CA VAL D 116 4.53 -12.12 27.72
C VAL D 116 5.72 -13.08 27.74
N HIS D 117 6.81 -12.74 27.05
CA HIS D 117 7.96 -13.63 27.05
C HIS D 117 8.63 -13.70 28.42
N GLU D 118 8.63 -12.60 29.17
CA GLU D 118 9.20 -12.64 30.52
C GLU D 118 8.37 -13.53 31.45
N LYS D 119 7.05 -13.42 31.41
CA LYS D 119 6.20 -14.12 32.38
C LYS D 119 5.94 -15.55 31.99
N PHE D 120 5.79 -15.81 30.70
CA PHE D 120 5.36 -17.11 30.19
C PHE D 120 6.44 -17.85 29.44
N GLY D 121 7.21 -17.14 28.62
CA GLY D 121 8.23 -17.73 27.79
C GLY D 121 7.94 -17.51 26.32
N ASP D 122 8.69 -18.21 25.49
CA ASP D 122 8.50 -18.09 24.05
C ASP D 122 7.18 -18.72 23.64
N GLY D 123 6.38 -17.97 22.91
CA GLY D 123 5.07 -18.44 22.48
C GLY D 123 4.13 -17.26 22.35
N ILE D 124 2.83 -17.52 22.47
CA ILE D 124 1.83 -16.50 22.20
C ILE D 124 0.75 -16.51 23.27
N ILE D 125 0.03 -15.40 23.37
CA ILE D 125 -1.26 -15.35 24.03
C ILE D 125 -2.32 -15.53 22.97
N SER D 126 -3.16 -16.56 23.15
CA SER D 126 -4.11 -16.94 22.12
C SER D 126 -5.17 -15.89 21.89
N ALA D 127 -5.55 -15.72 20.63
CA ALA D 127 -6.75 -14.96 20.27
C ALA D 127 -7.92 -15.89 19.98
N ILE D 128 -7.70 -17.20 20.13
CA ILE D 128 -8.70 -18.22 19.86
C ILE D 128 -9.26 -18.80 21.16
N ASN D 129 -8.39 -19.33 22.00
CA ASN D 129 -8.78 -19.72 23.35
C ASN D 129 -8.73 -18.44 24.15
N PHE D 130 -9.85 -17.70 24.15
CA PHE D 130 -9.77 -16.28 24.45
C PHE D 130 -11.15 -15.78 24.83
N LYS D 131 -11.20 -14.88 25.83
CA LYS D 131 -12.42 -14.27 26.34
C LYS D 131 -12.18 -12.78 26.44
N LEU D 132 -13.18 -11.96 26.15
CA LEU D 132 -13.02 -10.56 26.50
C LEU D 132 -14.31 -10.01 27.07
N ASP D 133 -14.17 -8.98 27.90
CA ASP D 133 -15.34 -8.31 28.43
C ASP D 133 -15.02 -6.86 28.70
N VAL D 134 -16.08 -6.06 28.72
CA VAL D 134 -16.03 -4.62 28.88
C VAL D 134 -16.85 -4.29 30.11
N LYS D 135 -16.24 -3.58 31.07
CA LYS D 135 -16.91 -3.18 32.29
C LYS D 135 -16.76 -1.68 32.51
N LYS D 136 -17.85 -1.02 32.88
CA LYS D 136 -17.80 0.39 33.22
C LYS D 136 -17.56 0.54 34.72
N VAL D 137 -16.56 1.34 35.08
CA VAL D 137 -16.28 1.62 36.48
C VAL D 137 -16.19 3.14 36.65
N ALA D 138 -16.48 3.60 37.86
CA ALA D 138 -16.36 5.02 38.13
C ALA D 138 -14.89 5.41 38.27
N ASP D 139 -14.53 6.57 37.72
CA ASP D 139 -13.20 7.12 37.89
C ASP D 139 -13.16 7.95 39.16
N PRO D 140 -12.31 7.62 40.14
CA PRO D 140 -12.28 8.41 41.38
C PRO D 140 -11.99 9.89 41.17
N GLU D 141 -11.40 10.26 40.04
CA GLU D 141 -11.16 11.67 39.77
C GLU D 141 -12.34 12.34 39.08
N GLY D 142 -13.45 11.63 38.91
CA GLY D 142 -14.55 12.16 38.13
C GLY D 142 -14.69 11.46 36.80
N GLY D 143 -15.92 11.09 36.44
CA GLY D 143 -16.18 10.46 35.17
C GLY D 143 -16.20 8.94 35.27
N GLU D 144 -16.02 8.31 34.09
CA GLU D 144 -16.17 6.88 33.91
C GLU D 144 -14.93 6.31 33.22
N ARG D 145 -14.62 5.05 33.54
CA ARG D 145 -13.57 4.31 32.85
C ARG D 145 -14.14 3.01 32.29
N ALA D 146 -13.54 2.58 31.18
CA ALA D 146 -13.74 1.22 30.67
C ALA D 146 -12.57 0.35 31.13
N VAL D 147 -12.89 -0.77 31.77
CA VAL D 147 -11.93 -1.81 32.09
C VAL D 147 -12.21 -2.96 31.13
N ILE D 148 -11.33 -3.15 30.16
CA ILE D 148 -11.51 -4.16 29.14
C ILE D 148 -10.50 -5.25 29.43
N THR D 149 -10.99 -6.48 29.64
CA THR D 149 -10.16 -7.60 30.04
C THR D 149 -9.96 -8.51 28.85
N LEU D 150 -8.71 -8.67 28.42
CA LEU D 150 -8.32 -9.65 27.41
C LEU D 150 -7.76 -10.87 28.14
N ASP D 151 -8.42 -12.01 27.97
CA ASP D 151 -8.08 -13.22 28.73
C ASP D 151 -7.80 -14.35 27.75
N GLY D 152 -6.51 -14.61 27.50
CA GLY D 152 -6.11 -15.60 26.52
C GLY D 152 -5.18 -16.65 27.07
N LYS D 153 -5.31 -17.87 26.55
CA LYS D 153 -4.42 -18.96 26.93
C LYS D 153 -3.01 -18.74 26.39
N TYR D 154 -2.00 -19.08 27.21
CA TYR D 154 -0.62 -19.07 26.73
C TYR D 154 -0.30 -20.40 26.03
N LEU D 155 0.21 -20.31 24.80
CA LEU D 155 0.68 -21.49 24.08
C LEU D 155 2.17 -21.36 23.80
N PRO D 156 3.00 -22.27 24.30
CA PRO D 156 4.45 -22.13 24.12
C PRO D 156 4.91 -22.62 22.76
N THR D 157 5.97 -21.97 22.29
CA THR D 157 6.78 -22.47 21.18
C THR D 157 7.95 -23.22 21.79
N LYS D 158 8.01 -24.53 21.55
CA LYS D 158 9.07 -25.39 22.04
C LYS D 158 9.83 -26.03 20.88
N PRO D 159 11.15 -26.20 20.99
CA PRO D 159 11.90 -26.82 19.90
C PRO D 159 11.38 -28.21 19.58
N PHE D 160 11.65 -28.66 18.36
N PHE D 160 11.60 -28.64 18.34
CA PHE D 160 11.33 -30.02 17.94
CA PHE D 160 11.33 -30.02 17.94
C PHE D 160 12.48 -30.63 17.12
C PHE D 160 12.49 -30.55 17.09
N MET E 5 25.50 -27.24 -5.79
CA MET E 5 25.62 -25.99 -5.04
C MET E 5 24.42 -25.96 -4.08
N ILE E 6 24.67 -25.98 -2.77
CA ILE E 6 23.60 -26.02 -1.78
C ILE E 6 23.50 -24.75 -0.96
N GLN E 7 24.34 -23.75 -1.21
CA GLN E 7 24.33 -22.51 -0.43
C GLN E 7 23.36 -21.49 -1.02
N SER E 8 22.63 -20.79 -0.15
CA SER E 8 21.64 -19.85 -0.65
C SER E 8 21.56 -18.63 0.26
N GLN E 9 21.07 -17.53 -0.32
CA GLN E 9 20.92 -16.22 0.31
C GLN E 9 19.48 -15.97 0.75
N ILE E 10 19.31 -15.06 1.72
CA ILE E 10 17.96 -14.74 2.19
C ILE E 10 17.70 -13.23 2.20
N ASN E 11 18.75 -12.43 1.97
CA ASN E 11 18.65 -10.97 1.98
C ASN E 11 19.23 -10.45 0.66
N ARG E 12 18.35 -10.00 -0.24
CA ARG E 12 18.82 -9.60 -1.56
C ARG E 12 19.86 -8.48 -1.52
N ASN E 13 19.91 -7.68 -0.45
CA ASN E 13 20.78 -6.50 -0.45
C ASN E 13 22.25 -6.89 -0.59
N ILE E 14 22.63 -8.06 -0.09
CA ILE E 14 24.03 -8.49 -0.19
C ILE E 14 24.44 -8.57 -1.65
N ARG E 15 23.70 -9.35 -2.44
CA ARG E 15 24.06 -9.52 -3.85
C ARG E 15 23.76 -8.28 -4.68
N LEU E 16 22.81 -7.45 -4.25
CA LEU E 16 22.56 -6.21 -4.98
C LEU E 16 23.64 -5.15 -4.70
N ASP E 17 24.13 -5.10 -3.46
CA ASP E 17 25.32 -4.26 -3.19
C ASP E 17 26.50 -4.72 -4.04
N LEU E 18 26.68 -6.04 -4.17
CA LEU E 18 27.76 -6.55 -5.00
C LEU E 18 27.55 -6.15 -6.46
N ALA E 19 26.30 -6.23 -6.95
CA ALA E 19 26.02 -5.80 -8.31
C ALA E 19 26.47 -4.37 -8.54
N ASP E 20 26.27 -3.50 -7.55
CA ASP E 20 26.68 -2.10 -7.73
C ASP E 20 28.19 -2.01 -7.89
N ALA E 21 28.94 -2.79 -7.11
CA ALA E 21 30.40 -2.76 -7.25
C ALA E 21 30.85 -3.37 -8.56
N ILE E 22 30.13 -4.38 -9.06
CA ILE E 22 30.41 -4.93 -10.38
C ILE E 22 30.19 -3.87 -11.44
N LEU E 23 29.09 -3.11 -11.35
CA LEU E 23 28.80 -2.13 -12.39
C LEU E 23 29.86 -1.03 -12.41
N LEU E 24 30.36 -0.65 -11.23
CA LEU E 24 31.41 0.36 -11.17
C LEU E 24 32.69 -0.15 -11.83
N SER E 25 33.14 -1.33 -11.43
CA SER E 25 34.34 -1.89 -12.05
C SER E 25 34.16 -2.06 -13.54
N LYS E 26 33.00 -2.55 -13.96
CA LYS E 26 32.71 -2.69 -15.38
C LYS E 26 32.77 -1.35 -16.11
N ALA E 27 32.22 -0.30 -15.50
CA ALA E 27 32.26 1.02 -16.13
C ALA E 27 33.70 1.52 -16.23
N LYS E 28 34.45 1.40 -15.14
CA LYS E 28 35.83 1.87 -15.14
C LYS E 28 36.64 1.15 -16.19
N LYS E 29 36.35 -0.12 -16.43
CA LYS E 29 37.07 -0.93 -17.40
C LYS E 29 36.47 -0.87 -18.79
N ASP E 30 35.38 -0.14 -18.98
CA ASP E 30 34.79 0.01 -20.31
C ASP E 30 34.43 -1.36 -20.90
N LEU E 31 33.87 -2.24 -20.08
CA LEU E 31 33.46 -3.57 -20.49
C LEU E 31 31.97 -3.62 -20.81
N SER E 32 31.61 -4.48 -21.76
CA SER E 32 30.21 -4.76 -22.07
C SER E 32 29.80 -6.08 -21.42
N PHE E 33 28.49 -6.28 -21.29
CA PHE E 33 28.03 -7.55 -20.75
C PHE E 33 28.33 -8.70 -21.69
N ALA E 34 28.31 -8.43 -23.01
CA ALA E 34 28.68 -9.43 -23.99
C ALA E 34 30.12 -9.90 -23.80
N GLU E 35 31.05 -8.97 -23.54
CA GLU E 35 32.44 -9.36 -23.34
C GLU E 35 32.62 -10.10 -22.02
N ILE E 36 31.89 -9.69 -20.98
CA ILE E 36 32.02 -10.37 -19.71
C ILE E 36 31.55 -11.82 -19.81
N ALA E 37 30.46 -12.05 -20.56
CA ALA E 37 29.94 -13.41 -20.71
C ALA E 37 30.75 -14.24 -21.68
N ASP E 38 31.49 -13.61 -22.58
CA ASP E 38 32.22 -14.33 -23.61
C ASP E 38 33.22 -15.27 -22.96
N GLY E 39 33.22 -16.52 -23.38
CA GLY E 39 34.11 -17.51 -22.82
C GLY E 39 33.55 -18.32 -21.66
N THR E 40 32.36 -17.98 -21.17
CA THR E 40 31.73 -18.77 -20.12
C THR E 40 30.94 -19.95 -20.66
N GLY E 41 30.57 -19.91 -21.95
CA GLY E 41 29.63 -20.86 -22.47
C GLY E 41 28.20 -20.60 -22.08
N LEU E 42 27.94 -19.52 -21.35
CA LEU E 42 26.61 -19.18 -20.89
C LEU E 42 26.09 -17.95 -21.64
N ALA E 43 24.77 -17.92 -21.84
CA ALA E 43 24.15 -16.84 -22.60
C ALA E 43 24.31 -15.51 -21.86
N GLU E 44 24.41 -14.41 -22.63
CA GLU E 44 24.63 -13.11 -21.99
C GLU E 44 23.52 -12.75 -21.02
N ALA E 45 22.27 -13.13 -21.31
CA ALA E 45 21.19 -12.77 -20.37
C ALA E 45 21.32 -13.56 -19.07
N PHE E 46 21.81 -14.80 -19.13
CA PHE E 46 21.98 -15.55 -17.88
C PHE E 46 23.12 -14.96 -17.05
N VAL E 47 24.26 -14.69 -17.70
CA VAL E 47 25.42 -14.16 -16.99
C VAL E 47 25.11 -12.78 -16.44
N THR E 48 24.51 -11.93 -17.27
CA THR E 48 24.14 -10.60 -16.81
C THR E 48 23.23 -10.68 -15.59
N ALA E 49 22.25 -11.59 -15.63
CA ALA E 49 21.32 -11.71 -14.51
C ALA E 49 22.06 -12.10 -13.25
N ALA E 50 23.06 -12.98 -13.38
CA ALA E 50 23.85 -13.38 -12.21
C ALA E 50 24.61 -12.18 -11.65
N LEU E 51 25.26 -11.39 -12.52
CA LEU E 51 25.98 -10.23 -12.02
C LEU E 51 25.05 -9.31 -11.23
N LEU E 52 23.81 -9.20 -11.70
CA LEU E 52 22.79 -8.34 -11.10
C LEU E 52 22.02 -9.03 -9.99
N GLY E 53 22.47 -10.20 -9.56
CA GLY E 53 21.99 -10.81 -8.34
C GLY E 53 20.82 -11.74 -8.50
N GLN E 54 20.52 -12.18 -9.72
CA GLN E 54 19.28 -12.91 -9.99
C GLN E 54 19.51 -14.34 -10.46
N GLN E 55 20.76 -14.78 -10.58
CA GLN E 55 21.09 -16.16 -10.92
C GLN E 55 22.39 -16.51 -10.19
N ALA E 56 22.68 -17.80 -10.15
CA ALA E 56 23.92 -18.30 -9.58
C ALA E 56 24.85 -18.73 -10.71
N LEU E 57 26.10 -18.27 -10.65
CA LEU E 57 27.08 -18.72 -11.63
C LEU E 57 27.74 -20.02 -11.19
N PRO E 58 28.02 -20.92 -12.11
CA PRO E 58 28.90 -22.06 -11.78
C PRO E 58 30.31 -21.57 -11.45
N ALA E 59 31.05 -22.41 -10.73
CA ALA E 59 32.35 -21.98 -10.21
C ALA E 59 33.27 -21.47 -11.31
N ASP E 60 33.37 -22.21 -12.43
CA ASP E 60 34.28 -21.80 -13.51
C ASP E 60 33.93 -20.43 -14.05
N ALA E 61 32.63 -20.18 -14.28
CA ALA E 61 32.21 -18.89 -14.79
C ALA E 61 32.42 -17.79 -13.77
N ALA E 62 32.15 -18.08 -12.51
CA ALA E 62 32.39 -17.10 -11.45
C ALA E 62 33.85 -16.69 -11.39
N ARG E 63 34.76 -17.66 -11.52
CA ARG E 63 36.17 -17.30 -11.52
C ARG E 63 36.53 -16.49 -12.76
N LEU E 64 35.96 -16.84 -13.91
CA LEU E 64 36.32 -16.15 -15.14
C LEU E 64 35.83 -14.71 -15.13
N VAL E 65 34.53 -14.49 -14.83
CA VAL E 65 34.07 -13.11 -14.79
C VAL E 65 34.75 -12.37 -13.65
N GLY E 66 35.09 -13.08 -12.56
CA GLY E 66 35.74 -12.43 -11.44
C GLY E 66 37.09 -11.84 -11.81
N ALA E 67 37.86 -12.57 -12.62
CA ALA E 67 39.14 -12.05 -13.09
C ALA E 67 38.91 -10.81 -13.96
N LYS E 68 38.01 -10.92 -14.93
CA LYS E 68 37.72 -9.80 -15.83
C LYS E 68 37.42 -8.53 -15.05
N LEU E 69 36.62 -8.64 -13.99
CA LEU E 69 36.15 -7.47 -13.26
C LEU E 69 36.96 -7.19 -12.02
N ASP E 70 37.94 -8.05 -11.70
CA ASP E 70 38.87 -7.82 -10.63
C ASP E 70 38.15 -7.88 -9.27
N LEU E 71 37.37 -8.92 -9.08
CA LEU E 71 36.61 -9.10 -7.85
C LEU E 71 37.44 -9.88 -6.83
N ASP E 72 37.21 -9.58 -5.55
CA ASP E 72 37.88 -10.33 -4.49
C ASP E 72 37.25 -11.71 -4.33
N GLU E 73 37.85 -12.53 -3.45
CA GLU E 73 37.43 -13.93 -3.36
C GLU E 73 36.04 -14.05 -2.74
N ASP E 74 35.74 -13.23 -1.73
CA ASP E 74 34.41 -13.24 -1.17
C ASP E 74 33.36 -12.94 -2.24
N SER E 75 33.65 -12.00 -3.13
CA SER E 75 32.72 -11.65 -4.19
C SER E 75 32.57 -12.79 -5.19
N ILE E 76 33.67 -13.44 -5.56
CA ILE E 76 33.56 -14.58 -6.47
C ILE E 76 32.75 -15.69 -5.84
N LEU E 77 32.82 -15.83 -4.51
CA LEU E 77 32.01 -16.83 -3.84
C LEU E 77 30.54 -16.43 -3.83
N LEU E 78 30.24 -15.19 -3.47
CA LEU E 78 28.84 -14.75 -3.46
C LEU E 78 28.17 -15.00 -4.79
N LEU E 79 28.88 -14.76 -5.90
CA LEU E 79 28.28 -14.94 -7.21
C LEU E 79 27.81 -16.37 -7.45
N GLN E 80 28.37 -17.33 -6.73
CA GLN E 80 28.00 -18.74 -6.85
C GLN E 80 26.84 -19.14 -5.95
N MET E 81 26.48 -18.32 -4.97
CA MET E 81 25.35 -18.65 -4.10
C MET E 81 24.03 -18.51 -4.85
N ILE E 82 23.05 -19.31 -4.44
CA ILE E 82 21.70 -19.20 -5.00
C ILE E 82 21.04 -17.96 -4.41
N PRO E 83 20.59 -17.02 -5.23
CA PRO E 83 20.18 -15.71 -4.73
C PRO E 83 18.76 -15.71 -4.16
N LEU E 84 18.51 -14.67 -3.38
CA LEU E 84 17.16 -14.25 -3.00
C LEU E 84 16.70 -13.33 -4.12
N ARG E 85 15.92 -13.86 -5.05
CA ARG E 85 15.66 -13.18 -6.32
C ARG E 85 14.56 -12.14 -6.17
N GLY E 86 14.62 -11.13 -7.03
CA GLY E 86 13.67 -10.05 -7.06
C GLY E 86 14.41 -8.76 -7.28
N CYS E 87 14.43 -8.26 -8.52
CA CYS E 87 15.27 -7.12 -8.84
C CYS E 87 14.54 -5.79 -8.72
N ILE E 88 13.22 -5.79 -8.58
CA ILE E 88 12.49 -4.53 -8.57
C ILE E 88 12.49 -3.97 -7.14
N ASP E 89 12.79 -2.69 -7.03
CA ASP E 89 12.91 -2.07 -5.71
C ASP E 89 11.62 -2.24 -4.91
N ASP E 90 10.47 -1.83 -5.48
CA ASP E 90 9.22 -1.84 -4.73
C ASP E 90 8.07 -2.20 -5.67
N ARG E 91 8.09 -3.45 -6.16
CA ARG E 91 6.97 -4.10 -6.85
C ARG E 91 6.71 -3.58 -8.27
N ILE E 92 6.68 -2.27 -8.46
CA ILE E 92 6.43 -1.66 -9.77
C ILE E 92 7.64 -0.80 -10.12
N PRO E 93 8.25 -0.98 -11.28
CA PRO E 93 9.44 -0.18 -11.61
C PRO E 93 9.08 1.28 -11.80
N THR E 94 9.99 2.18 -11.39
CA THR E 94 9.90 3.59 -11.79
C THR E 94 10.67 3.90 -13.07
N ASP E 95 11.72 3.16 -13.35
CA ASP E 95 12.53 3.41 -14.56
C ASP E 95 11.73 3.20 -15.84
N PRO E 96 11.73 4.17 -16.77
CA PRO E 96 10.94 3.98 -18.00
C PRO E 96 11.28 2.72 -18.77
N THR E 97 12.56 2.41 -18.94
CA THR E 97 12.96 1.25 -19.74
C THR E 97 12.37 -0.02 -19.16
N MET E 98 12.41 -0.09 -17.86
CA MET E 98 12.00 -1.21 -17.05
C MET E 98 10.46 -1.24 -16.99
N TYR E 99 9.85 -0.05 -16.96
CA TYR E 99 8.39 0.06 -16.85
C TYR E 99 7.67 -0.46 -18.09
N ARG E 100 8.22 -0.25 -19.28
CA ARG E 100 7.53 -0.70 -20.50
C ARG E 100 7.22 -2.19 -20.46
N PHE E 101 8.09 -2.99 -19.85
CA PHE E 101 7.81 -4.42 -19.78
C PHE E 101 6.68 -4.70 -18.81
N TYR E 102 6.58 -3.93 -17.73
CA TYR E 102 5.42 -3.99 -16.86
C TYR E 102 4.15 -3.57 -17.60
N GLU E 103 4.23 -2.49 -18.37
CA GLU E 103 3.08 -2.04 -19.13
C GLU E 103 2.60 -3.10 -20.11
N MET E 104 3.54 -3.83 -20.73
CA MET E 104 3.15 -4.96 -21.56
C MET E 104 2.21 -5.89 -20.81
N LEU E 105 2.48 -6.09 -19.52
CA LEU E 105 1.65 -6.97 -18.70
C LEU E 105 0.28 -6.33 -18.41
N GLN E 106 0.26 -5.02 -18.18
CA GLN E 106 -1.01 -4.32 -17.95
C GLN E 106 -1.88 -4.32 -19.19
N VAL E 107 -1.28 -4.30 -20.37
CA VAL E 107 -2.09 -4.31 -21.58
C VAL E 107 -2.41 -5.74 -22.04
N TYR E 108 -1.44 -6.66 -21.99
CA TYR E 108 -1.62 -7.98 -22.58
C TYR E 108 -1.66 -9.12 -21.56
N GLY E 109 -1.60 -8.82 -20.26
CA GLY E 109 -1.59 -9.89 -19.27
C GLY E 109 -2.74 -10.87 -19.43
N THR E 110 -3.97 -10.36 -19.58
CA THR E 110 -5.11 -11.28 -19.70
C THR E 110 -5.14 -11.94 -21.07
N THR E 111 -4.58 -11.28 -22.09
CA THR E 111 -4.49 -11.93 -23.38
C THR E 111 -3.49 -13.06 -23.37
N LEU E 112 -2.37 -12.88 -22.68
CA LEU E 112 -1.40 -13.96 -22.53
C LEU E 112 -2.03 -15.13 -21.79
N LYS E 113 -2.79 -14.85 -20.74
CA LYS E 113 -3.52 -15.94 -20.07
C LYS E 113 -4.48 -16.62 -21.03
N ALA E 114 -5.28 -15.83 -21.77
CA ALA E 114 -6.30 -16.42 -22.62
C ALA E 114 -5.68 -17.31 -23.69
N LEU E 115 -4.61 -16.84 -24.33
CA LEU E 115 -4.01 -17.61 -25.41
C LEU E 115 -3.22 -18.81 -24.89
N VAL E 116 -2.60 -18.70 -23.71
CA VAL E 116 -1.95 -19.88 -23.13
C VAL E 116 -2.97 -20.98 -22.88
N HIS E 117 -4.09 -20.65 -22.24
CA HIS E 117 -5.09 -21.69 -21.99
C HIS E 117 -5.66 -22.23 -23.28
N GLU E 118 -5.87 -21.36 -24.27
CA GLU E 118 -6.41 -21.82 -25.55
C GLU E 118 -5.46 -22.82 -26.22
N LYS E 119 -4.18 -22.49 -26.28
CA LYS E 119 -3.22 -23.28 -27.04
C LYS E 119 -2.74 -24.51 -26.26
N PHE E 120 -2.58 -24.38 -24.94
CA PHE E 120 -1.96 -25.43 -24.13
C PHE E 120 -2.92 -26.12 -23.20
N GLY E 121 -3.85 -25.38 -22.59
CA GLY E 121 -4.72 -25.90 -21.56
C GLY E 121 -4.53 -25.19 -20.24
N ASP E 122 -5.18 -25.71 -19.20
CA ASP E 122 -5.01 -25.13 -17.88
C ASP E 122 -3.58 -25.35 -17.38
N GLY E 123 -2.99 -24.31 -16.82
CA GLY E 123 -1.64 -24.44 -16.27
C GLY E 123 -0.87 -23.17 -16.53
N ILE E 124 0.46 -23.27 -16.65
CA ILE E 124 1.30 -22.09 -16.69
C ILE E 124 2.36 -22.25 -17.77
N ILE E 125 2.86 -21.11 -18.25
CA ILE E 125 4.16 -21.07 -18.92
C ILE E 125 5.21 -20.76 -17.86
N SER E 126 6.22 -21.63 -17.78
CA SER E 126 7.21 -21.53 -16.72
C SER E 126 8.07 -20.27 -16.80
N ALA E 127 8.41 -19.73 -15.62
CA ALA E 127 9.45 -18.74 -15.47
C ALA E 127 10.75 -19.35 -14.95
N ILE E 128 10.78 -20.67 -14.79
CA ILE E 128 11.91 -21.41 -14.24
C ILE E 128 12.57 -22.25 -15.32
N ASN E 129 11.80 -23.10 -15.97
CA ASN E 129 12.25 -23.79 -17.19
C ASN E 129 11.97 -22.81 -18.32
N PHE E 130 12.93 -21.93 -18.55
CA PHE E 130 12.65 -20.67 -19.20
C PHE E 130 13.96 -20.09 -19.67
N LYS E 131 13.95 -19.50 -20.86
CA LYS E 131 15.09 -18.78 -21.41
C LYS E 131 14.59 -17.49 -22.04
N LEU E 132 15.44 -16.49 -22.08
CA LEU E 132 15.09 -15.28 -22.84
C LEU E 132 16.32 -14.74 -23.55
N ASP E 133 16.08 -14.06 -24.66
CA ASP E 133 17.18 -13.38 -25.32
C ASP E 133 16.66 -12.10 -25.96
N VAL E 134 17.60 -11.17 -26.14
CA VAL E 134 17.31 -9.87 -26.71
C VAL E 134 18.09 -9.76 -28.01
N LYS E 135 17.38 -9.44 -29.09
CA LYS E 135 17.94 -9.34 -30.43
C LYS E 135 17.59 -7.97 -31.01
N LYS E 136 18.57 -7.31 -31.61
CA LYS E 136 18.34 -6.05 -32.31
C LYS E 136 18.16 -6.34 -33.79
N VAL E 137 17.06 -5.83 -34.36
CA VAL E 137 16.80 -6.00 -35.77
C VAL E 137 16.49 -4.63 -36.36
N ALA E 138 16.71 -4.52 -37.67
CA ALA E 138 16.39 -3.27 -38.35
C ALA E 138 14.87 -3.13 -38.52
N ASP E 139 14.36 -1.91 -38.34
CA ASP E 139 12.97 -1.64 -38.62
C ASP E 139 12.83 -1.20 -40.07
N PRO E 140 12.07 -1.93 -40.91
CA PRO E 140 11.95 -1.54 -42.32
C PRO E 140 11.42 -0.14 -42.53
N GLU E 141 10.80 0.47 -41.52
CA GLU E 141 10.30 1.84 -41.65
C GLU E 141 11.31 2.88 -41.19
N GLY E 142 12.49 2.45 -40.72
CA GLY E 142 13.50 3.34 -40.18
C GLY E 142 13.77 3.04 -38.72
N GLY E 143 15.02 3.08 -38.31
CA GLY E 143 15.35 2.79 -36.92
C GLY E 143 15.49 1.31 -36.65
N GLU E 144 15.41 0.96 -35.37
CA GLU E 144 15.73 -0.36 -34.90
C GLU E 144 14.60 -0.87 -33.99
N ARG E 145 14.51 -2.18 -33.89
CA ARG E 145 13.58 -2.83 -32.96
C ARG E 145 14.31 -3.85 -32.11
N ALA E 146 13.76 -4.12 -30.91
CA ALA E 146 14.19 -5.24 -30.10
C ALA E 146 13.16 -6.35 -30.26
N VAL E 147 13.65 -7.55 -30.53
CA VAL E 147 12.84 -8.76 -30.53
C VAL E 147 13.26 -9.52 -29.29
N ILE E 148 12.42 -9.49 -28.27
CA ILE E 148 12.70 -10.15 -27.01
C ILE E 148 11.89 -11.43 -26.97
N THR E 149 12.57 -12.56 -26.88
CA THR E 149 11.94 -13.88 -26.97
C THR E 149 11.87 -14.49 -25.58
N LEU E 150 10.65 -14.73 -25.10
CA LEU E 150 10.40 -15.45 -23.87
C LEU E 150 10.06 -16.89 -24.21
N ASP E 151 10.87 -17.83 -23.74
CA ASP E 151 10.72 -19.24 -24.14
C ASP E 151 10.57 -20.06 -22.86
N GLY E 152 9.36 -20.49 -22.55
CA GLY E 152 9.09 -21.22 -21.33
C GLY E 152 8.30 -22.49 -21.56
N LYS E 153 8.58 -23.49 -20.74
CA LYS E 153 7.85 -24.75 -20.80
C LYS E 153 6.42 -24.58 -20.31
N TYR E 154 5.49 -25.26 -20.98
CA TYR E 154 4.13 -25.38 -20.48
C TYR E 154 4.07 -26.49 -19.44
N LEU E 155 3.54 -26.18 -18.24
CA LEU E 155 3.29 -27.18 -17.22
C LEU E 155 1.79 -27.22 -16.95
N PRO E 156 1.15 -28.36 -17.12
CA PRO E 156 -0.31 -28.43 -16.97
C PRO E 156 -0.76 -28.50 -15.52
N THR E 157 -1.97 -27.99 -15.31
CA THR E 157 -2.68 -28.13 -14.04
C THR E 157 -3.70 -29.24 -14.26
N LYS E 158 -3.51 -30.38 -13.58
CA LYS E 158 -4.44 -31.49 -13.77
C LYS E 158 -5.08 -31.93 -12.46
N PRO E 159 -6.34 -32.37 -12.52
CA PRO E 159 -7.00 -32.84 -11.30
C PRO E 159 -6.22 -33.95 -10.61
N PHE E 160 -6.46 -34.08 -9.31
N PHE E 160 -6.52 -34.15 -9.33
CA PHE E 160 -5.95 -35.19 -8.51
CA PHE E 160 -5.92 -35.21 -8.53
C PHE E 160 -7.06 -35.61 -7.55
C PHE E 160 -6.92 -35.78 -7.51
N MET F 5 -10.98 -28.29 -22.29
CA MET F 5 -11.10 -26.90 -21.85
C MET F 5 -10.10 -25.90 -22.39
N ILE F 6 -10.61 -25.04 -23.26
CA ILE F 6 -9.88 -23.89 -23.75
C ILE F 6 -10.49 -22.57 -23.31
N GLN F 7 -11.62 -22.59 -22.59
CA GLN F 7 -12.29 -21.37 -22.14
C GLN F 7 -11.75 -20.96 -20.78
N SER F 8 -11.54 -19.66 -20.57
CA SER F 8 -10.97 -19.18 -19.32
C SER F 8 -11.60 -17.85 -18.94
N GLN F 9 -11.44 -17.51 -17.65
CA GLN F 9 -12.04 -16.34 -17.02
C GLN F 9 -10.98 -15.27 -16.78
N ILE F 10 -11.42 -14.01 -16.63
CA ILE F 10 -10.48 -12.93 -16.30
C ILE F 10 -10.92 -12.10 -15.11
N ASN F 11 -12.14 -12.31 -14.61
CA ASN F 11 -12.68 -11.56 -13.49
C ASN F 11 -13.08 -12.56 -12.42
N ARG F 12 -12.29 -12.64 -11.34
CA ARG F 12 -12.55 -13.67 -10.33
C ARG F 12 -13.93 -13.53 -9.70
N ASN F 13 -14.54 -12.35 -9.73
CA ASN F 13 -15.80 -12.14 -9.03
C ASN F 13 -16.90 -13.07 -9.53
N ILE F 14 -16.86 -13.46 -10.81
CA ILE F 14 -17.92 -14.33 -11.35
C ILE F 14 -17.91 -15.68 -10.62
N ARG F 15 -16.75 -16.35 -10.59
CA ARG F 15 -16.69 -17.64 -9.90
C ARG F 15 -16.79 -17.49 -8.39
N LEU F 16 -16.36 -16.36 -7.82
CA LEU F 16 -16.48 -16.25 -6.37
C LEU F 16 -17.92 -15.99 -5.96
N ASP F 17 -18.69 -15.26 -6.77
CA ASP F 17 -20.13 -15.11 -6.51
C ASP F 17 -20.84 -16.47 -6.61
N LEU F 18 -20.44 -17.30 -7.58
CA LEU F 18 -20.97 -18.66 -7.66
C LEU F 18 -20.59 -19.46 -6.41
N ALA F 19 -19.33 -19.37 -5.97
CA ALA F 19 -18.93 -20.02 -4.73
C ALA F 19 -19.86 -19.65 -3.57
N ASP F 20 -20.19 -18.36 -3.41
CA ASP F 20 -21.13 -17.95 -2.36
C ASP F 20 -22.48 -18.67 -2.52
N ALA F 21 -23.03 -18.69 -3.73
CA ALA F 21 -24.29 -19.39 -3.97
C ALA F 21 -24.17 -20.89 -3.64
N ILE F 22 -23.05 -21.50 -4.01
CA ILE F 22 -22.83 -22.91 -3.71
C ILE F 22 -22.80 -23.15 -2.21
N LEU F 23 -22.15 -22.25 -1.46
CA LEU F 23 -22.06 -22.44 -0.02
C LEU F 23 -23.42 -22.34 0.63
N LEU F 24 -24.29 -21.45 0.12
CA LEU F 24 -25.63 -21.36 0.68
C LEU F 24 -26.41 -22.65 0.42
N SER F 25 -26.41 -23.12 -0.83
CA SER F 25 -27.09 -24.38 -1.13
C SER F 25 -26.51 -25.51 -0.30
N LYS F 26 -25.20 -25.55 -0.16
CA LYS F 26 -24.56 -26.61 0.58
C LYS F 26 -25.01 -26.61 2.04
N ALA F 27 -25.14 -25.43 2.63
CA ALA F 27 -25.58 -25.37 4.02
C ALA F 27 -27.05 -25.74 4.16
N LYS F 28 -27.89 -25.28 3.22
CA LYS F 28 -29.31 -25.63 3.30
C LYS F 28 -29.54 -27.12 3.16
N LYS F 29 -28.68 -27.82 2.44
CA LYS F 29 -28.80 -29.26 2.24
C LYS F 29 -27.96 -30.06 3.22
N ASP F 30 -27.29 -29.39 4.14
CA ASP F 30 -26.51 -30.05 5.18
C ASP F 30 -25.49 -31.02 4.59
N LEU F 31 -24.82 -30.59 3.52
CA LEU F 31 -23.82 -31.39 2.83
C LEU F 31 -22.41 -31.02 3.29
N SER F 32 -21.52 -32.01 3.27
CA SER F 32 -20.09 -31.81 3.48
C SER F 32 -19.35 -31.80 2.15
N PHE F 33 -18.14 -31.21 2.15
CA PHE F 33 -17.32 -31.23 0.95
C PHE F 33 -16.92 -32.65 0.58
N ALA F 34 -16.64 -33.49 1.59
CA ALA F 34 -16.33 -34.89 1.32
C ALA F 34 -17.47 -35.58 0.59
N GLU F 35 -18.73 -35.36 1.01
CA GLU F 35 -19.83 -36.01 0.30
C GLU F 35 -20.04 -35.40 -1.09
N ILE F 36 -19.85 -34.08 -1.23
CA ILE F 36 -20.02 -33.49 -2.56
C ILE F 36 -19.01 -34.09 -3.55
N ALA F 37 -17.78 -34.34 -3.09
CA ALA F 37 -16.74 -34.88 -3.95
C ALA F 37 -16.81 -36.39 -4.13
N ASP F 38 -17.60 -37.07 -3.29
CA ASP F 38 -17.71 -38.52 -3.38
C ASP F 38 -18.35 -38.91 -4.72
N GLY F 39 -17.73 -39.85 -5.42
CA GLY F 39 -18.22 -40.24 -6.73
C GLY F 39 -17.66 -39.45 -7.89
N THR F 40 -16.85 -38.42 -7.63
CA THR F 40 -16.21 -37.69 -8.72
C THR F 40 -14.92 -38.34 -9.18
N GLY F 41 -14.30 -39.19 -8.35
CA GLY F 41 -12.99 -39.69 -8.66
C GLY F 41 -11.87 -38.69 -8.43
N LEU F 42 -12.17 -37.58 -7.78
CA LEU F 42 -11.21 -36.50 -7.55
C LEU F 42 -11.07 -36.25 -6.06
N ALA F 43 -9.89 -35.79 -5.66
CA ALA F 43 -9.63 -35.52 -4.24
C ALA F 43 -10.54 -34.43 -3.70
N GLU F 44 -10.89 -34.54 -2.42
CA GLU F 44 -11.76 -33.54 -1.83
C GLU F 44 -11.13 -32.16 -1.91
N ALA F 45 -9.80 -32.05 -1.79
CA ALA F 45 -9.20 -30.73 -1.86
C ALA F 45 -9.31 -30.16 -3.27
N PHE F 46 -9.22 -31.02 -4.29
CA PHE F 46 -9.35 -30.53 -5.65
C PHE F 46 -10.78 -30.07 -5.93
N VAL F 47 -11.78 -30.88 -5.59
CA VAL F 47 -13.16 -30.53 -5.88
C VAL F 47 -13.57 -29.31 -5.08
N THR F 48 -13.21 -29.26 -3.80
CA THR F 48 -13.50 -28.10 -2.96
C THR F 48 -12.91 -26.83 -3.57
N ALA F 49 -11.65 -26.88 -3.97
CA ALA F 49 -11.02 -25.70 -4.57
C ALA F 49 -11.77 -25.26 -5.82
N ALA F 50 -12.25 -26.22 -6.63
CA ALA F 50 -13.04 -25.88 -7.80
C ALA F 50 -14.33 -25.16 -7.41
N LEU F 51 -15.05 -25.71 -6.42
CA LEU F 51 -16.27 -25.04 -5.98
C LEU F 51 -15.98 -23.63 -5.53
N LEU F 52 -14.83 -23.42 -4.88
CA LEU F 52 -14.46 -22.11 -4.35
C LEU F 52 -13.75 -21.23 -5.37
N GLY F 53 -13.78 -21.61 -6.65
CA GLY F 53 -13.33 -20.75 -7.72
C GLY F 53 -11.89 -20.90 -8.15
N GLN F 54 -11.17 -21.92 -7.67
CA GLN F 54 -9.73 -21.98 -7.81
C GLN F 54 -9.24 -23.12 -8.69
N GLN F 55 -10.14 -23.93 -9.23
CA GLN F 55 -9.82 -25.03 -10.14
C GLN F 55 -10.98 -25.18 -11.09
N ALA F 56 -10.72 -25.90 -12.19
CA ALA F 56 -11.75 -26.22 -13.18
C ALA F 56 -12.16 -27.67 -13.03
N LEU F 57 -13.47 -27.93 -12.99
CA LEU F 57 -13.89 -29.33 -12.91
C LEU F 57 -14.06 -29.92 -14.31
N PRO F 58 -13.66 -31.18 -14.52
CA PRO F 58 -14.09 -31.90 -15.73
C PRO F 58 -15.61 -31.95 -15.80
N ALA F 59 -16.12 -32.16 -17.02
CA ALA F 59 -17.54 -31.97 -17.27
C ALA F 59 -18.39 -32.94 -16.46
N ASP F 60 -17.96 -34.20 -16.34
CA ASP F 60 -18.76 -35.19 -15.62
C ASP F 60 -18.83 -34.85 -14.14
N ALA F 61 -17.70 -34.39 -13.58
CA ALA F 61 -17.67 -34.00 -12.17
C ALA F 61 -18.51 -32.75 -11.94
N ALA F 62 -18.40 -31.76 -12.83
CA ALA F 62 -19.26 -30.58 -12.75
C ALA F 62 -20.74 -30.98 -12.73
N ARG F 63 -21.13 -31.93 -13.59
CA ARG F 63 -22.53 -32.32 -13.62
C ARG F 63 -22.94 -33.02 -12.33
N LEU F 64 -22.08 -33.86 -11.79
CA LEU F 64 -22.41 -34.61 -10.58
C LEU F 64 -22.52 -33.68 -9.36
N VAL F 65 -21.59 -32.75 -9.18
CA VAL F 65 -21.75 -31.86 -8.05
C VAL F 65 -22.87 -30.87 -8.33
N GLY F 66 -23.10 -30.53 -9.60
CA GLY F 66 -24.21 -29.64 -9.91
C GLY F 66 -25.55 -30.26 -9.54
N ALA F 67 -25.67 -31.58 -9.72
CA ALA F 67 -26.90 -32.27 -9.31
C ALA F 67 -27.06 -32.26 -7.80
N LYS F 68 -25.98 -32.55 -7.06
CA LYS F 68 -26.06 -32.60 -5.61
C LYS F 68 -26.48 -31.24 -5.04
N LEU F 69 -25.99 -30.17 -5.63
CA LEU F 69 -26.22 -28.82 -5.12
C LEU F 69 -27.37 -28.10 -5.83
N ASP F 70 -28.02 -28.74 -6.81
CA ASP F 70 -29.15 -28.14 -7.53
C ASP F 70 -28.73 -26.85 -8.25
N LEU F 71 -27.62 -26.91 -8.98
CA LEU F 71 -27.12 -25.74 -9.68
C LEU F 71 -27.74 -25.64 -11.08
N ASP F 72 -27.91 -24.41 -11.55
CA ASP F 72 -28.46 -24.19 -12.89
C ASP F 72 -27.40 -24.48 -13.95
N GLU F 73 -27.81 -24.38 -15.22
CA GLU F 73 -26.92 -24.81 -16.31
C GLU F 73 -25.74 -23.86 -16.46
N ASP F 74 -25.98 -22.56 -16.35
CA ASP F 74 -24.88 -21.62 -16.45
C ASP F 74 -23.84 -21.86 -15.36
N SER F 75 -24.29 -22.29 -14.17
CA SER F 75 -23.35 -22.57 -13.07
C SER F 75 -22.54 -23.82 -13.34
N ILE F 76 -23.17 -24.86 -13.87
CA ILE F 76 -22.44 -26.09 -14.18
C ILE F 76 -21.40 -25.83 -15.26
N LEU F 77 -21.72 -24.95 -16.21
CA LEU F 77 -20.73 -24.52 -17.21
C LEU F 77 -19.62 -23.69 -16.57
N LEU F 78 -19.96 -22.76 -15.69
CA LEU F 78 -18.92 -21.93 -15.07
C LEU F 78 -17.90 -22.78 -14.33
N LEU F 79 -18.36 -23.82 -13.63
CA LEU F 79 -17.46 -24.65 -12.84
C LEU F 79 -16.43 -25.34 -13.73
N GLN F 80 -16.69 -25.42 -15.03
CA GLN F 80 -15.77 -26.06 -15.97
C GLN F 80 -14.79 -25.10 -16.62
N MET F 81 -15.05 -23.79 -16.54
CA MET F 81 -14.14 -22.77 -17.04
C MET F 81 -12.85 -22.71 -16.23
N ILE F 82 -11.75 -22.40 -16.92
CA ILE F 82 -10.47 -22.20 -16.22
C ILE F 82 -10.53 -20.88 -15.46
N PRO F 83 -10.26 -20.86 -14.15
CA PRO F 83 -10.53 -19.66 -13.35
C PRO F 83 -9.41 -18.62 -13.43
N LEU F 84 -9.79 -17.41 -13.03
CA LEU F 84 -8.83 -16.38 -12.66
C LEU F 84 -8.56 -16.62 -11.18
N ARG F 85 -7.44 -17.28 -10.88
CA ARG F 85 -7.22 -17.78 -9.53
C ARG F 85 -6.75 -16.68 -8.59
N GLY F 86 -7.04 -16.87 -7.31
CA GLY F 86 -6.63 -15.93 -6.29
C GLY F 86 -7.75 -15.78 -5.29
N CYS F 87 -7.66 -16.50 -4.18
CA CYS F 87 -8.78 -16.59 -3.24
C CYS F 87 -8.70 -15.56 -2.12
N ILE F 88 -7.57 -14.90 -1.94
CA ILE F 88 -7.39 -13.97 -0.83
C ILE F 88 -7.93 -12.61 -1.26
N ASP F 89 -8.76 -12.01 -0.42
CA ASP F 89 -9.39 -10.74 -0.76
C ASP F 89 -8.37 -9.68 -1.12
N ASP F 90 -7.41 -9.43 -0.23
CA ASP F 90 -6.45 -8.33 -0.44
C ASP F 90 -5.08 -8.76 0.10
N ARG F 91 -4.48 -9.77 -0.55
CA ARG F 91 -3.09 -10.19 -0.36
C ARG F 91 -2.77 -10.90 0.95
N ILE F 92 -3.18 -10.35 2.09
CA ILE F 92 -2.93 -10.94 3.40
C ILE F 92 -4.28 -11.32 3.99
N PRO F 93 -4.50 -12.58 4.39
CA PRO F 93 -5.80 -12.94 4.95
C PRO F 93 -6.08 -12.25 6.27
N THR F 94 -7.35 -11.91 6.50
CA THR F 94 -7.78 -11.42 7.79
C THR F 94 -8.32 -12.54 8.67
N ASP F 95 -8.79 -13.61 8.06
CA ASP F 95 -9.41 -14.68 8.82
C ASP F 95 -8.35 -15.41 9.62
N PRO F 96 -8.56 -15.63 10.93
CA PRO F 96 -7.54 -16.36 11.72
C PRO F 96 -7.16 -17.72 11.12
N THR F 97 -8.14 -18.51 10.69
CA THR F 97 -7.86 -19.84 10.17
C THR F 97 -6.93 -19.76 8.96
N MET F 98 -7.25 -18.87 8.01
CA MET F 98 -6.37 -18.75 6.84
C MET F 98 -5.07 -18.05 7.21
N TYR F 99 -5.10 -17.11 8.17
CA TYR F 99 -3.89 -16.37 8.49
C TYR F 99 -2.80 -17.28 9.04
N ARG F 100 -3.16 -18.34 9.78
CA ARG F 100 -2.10 -19.19 10.33
C ARG F 100 -1.22 -19.78 9.24
N PHE F 101 -1.79 -20.08 8.07
CA PHE F 101 -0.96 -20.63 7.01
C PHE F 101 -0.07 -19.56 6.40
N TYR F 102 -0.50 -18.30 6.42
CA TYR F 102 0.40 -17.21 6.06
C TYR F 102 1.49 -17.05 7.11
N GLU F 103 1.12 -17.17 8.39
CA GLU F 103 2.12 -17.05 9.43
C GLU F 103 3.18 -18.14 9.31
N MET F 104 2.78 -19.36 8.89
CA MET F 104 3.84 -20.34 8.68
C MET F 104 4.86 -19.85 7.66
N LEU F 105 4.41 -19.10 6.66
CA LEU F 105 5.34 -18.59 5.66
C LEU F 105 6.22 -17.47 6.24
N GLN F 106 5.65 -16.60 7.08
CA GLN F 106 6.44 -15.56 7.74
C GLN F 106 7.49 -16.16 8.67
N VAL F 107 7.20 -17.30 9.28
CA VAL F 107 8.19 -17.90 10.19
C VAL F 107 9.16 -18.82 9.46
N TYR F 108 8.67 -19.67 8.55
CA TYR F 108 9.47 -20.71 7.92
C TYR F 108 9.77 -20.47 6.46
N GLY F 109 9.35 -19.34 5.88
CA GLY F 109 9.53 -19.14 4.45
C GLY F 109 10.99 -19.24 4.00
N THR F 110 11.90 -18.56 4.71
CA THR F 110 13.32 -18.66 4.35
C THR F 110 13.88 -20.05 4.68
N THR F 111 13.32 -20.71 5.69
CA THR F 111 13.78 -22.06 5.98
C THR F 111 13.36 -23.03 4.88
N LEU F 112 12.15 -22.87 4.37
CA LEU F 112 11.73 -23.69 3.24
C LEU F 112 12.62 -23.46 2.03
N LYS F 113 12.94 -22.19 1.74
CA LYS F 113 13.86 -21.93 0.65
C LYS F 113 15.20 -22.61 0.89
N ALA F 114 15.77 -22.41 2.08
CA ALA F 114 17.08 -22.96 2.38
C ALA F 114 17.10 -24.48 2.22
N LEU F 115 16.08 -25.16 2.75
CA LEU F 115 16.09 -26.62 2.73
C LEU F 115 15.77 -27.16 1.35
N VAL F 116 14.92 -26.46 0.60
CA VAL F 116 14.70 -26.87 -0.79
C VAL F 116 16.01 -26.78 -1.59
N HIS F 117 16.77 -25.69 -1.41
CA HIS F 117 18.01 -25.56 -2.18
C HIS F 117 19.06 -26.56 -1.71
N GLU F 118 19.02 -26.94 -0.43
CA GLU F 118 19.97 -27.91 0.08
C GLU F 118 19.67 -29.32 -0.43
N LYS F 119 18.41 -29.74 -0.40
CA LYS F 119 18.03 -31.11 -0.74
C LYS F 119 17.85 -31.32 -2.23
N PHE F 120 17.44 -30.29 -2.97
CA PHE F 120 17.12 -30.39 -4.40
C PHE F 120 18.05 -29.58 -5.27
N GLY F 121 18.37 -28.36 -4.86
CA GLY F 121 19.21 -27.45 -5.63
C GLY F 121 18.47 -26.18 -5.97
N ASP F 122 19.07 -25.39 -6.87
CA ASP F 122 18.42 -24.17 -7.33
C ASP F 122 17.16 -24.51 -8.10
N GLY F 123 16.10 -23.72 -7.87
CA GLY F 123 14.84 -23.96 -8.54
C GLY F 123 13.68 -23.82 -7.56
N ILE F 124 12.56 -24.49 -7.85
CA ILE F 124 11.33 -24.29 -7.10
C ILE F 124 10.70 -25.63 -6.80
N ILE F 125 9.87 -25.64 -5.76
CA ILE F 125 8.84 -26.65 -5.60
C ILE F 125 7.56 -26.11 -6.19
N SER F 126 6.96 -26.88 -7.10
CA SER F 126 5.82 -26.42 -7.88
C SER F 126 4.55 -26.27 -7.04
N ALA F 127 3.77 -25.24 -7.36
CA ALA F 127 2.40 -25.11 -6.89
C ALA F 127 1.40 -25.57 -7.93
N ILE F 128 1.90 -26.07 -9.06
CA ILE F 128 1.08 -26.43 -10.22
C ILE F 128 1.03 -27.95 -10.39
N ASN F 129 2.19 -28.58 -10.51
CA ASN F 129 2.29 -30.04 -10.40
C ASN F 129 2.36 -30.35 -8.92
N PHE F 130 1.18 -30.42 -8.29
CA PHE F 130 1.10 -30.23 -6.86
C PHE F 130 -0.18 -30.88 -6.34
N LYS F 131 -0.09 -31.54 -5.20
CA LYS F 131 -1.31 -32.01 -4.57
C LYS F 131 -1.25 -31.70 -3.07
N LEU F 132 -2.42 -31.45 -2.49
CA LEU F 132 -2.48 -31.19 -1.07
C LEU F 132 -3.57 -32.02 -0.43
N ASP F 133 -3.32 -32.37 0.83
CA ASP F 133 -4.16 -33.30 1.58
C ASP F 133 -4.18 -32.85 3.04
N VAL F 134 -5.37 -32.87 3.65
CA VAL F 134 -5.55 -32.50 5.05
C VAL F 134 -6.00 -33.75 5.79
N LYS F 135 -5.28 -34.13 6.84
CA LYS F 135 -5.57 -35.35 7.59
C LYS F 135 -5.69 -35.01 9.06
N LYS F 136 -6.77 -35.48 9.69
CA LYS F 136 -6.97 -35.33 11.14
C LYS F 136 -6.39 -36.54 11.85
N VAL F 137 -5.58 -36.26 12.88
CA VAL F 137 -4.89 -37.29 13.65
C VAL F 137 -4.98 -36.92 15.13
N ALA F 138 -5.05 -37.94 15.98
CA ALA F 138 -5.07 -37.71 17.41
C ALA F 138 -3.72 -37.20 17.90
N ASP F 139 -3.76 -36.25 18.82
CA ASP F 139 -2.56 -35.77 19.48
C ASP F 139 -2.29 -36.61 20.72
N PRO F 140 -1.17 -37.31 20.81
CA PRO F 140 -0.95 -38.18 21.98
C PRO F 140 -0.96 -37.45 23.31
N GLU F 141 -0.79 -36.12 23.31
CA GLU F 141 -0.87 -35.32 24.51
C GLU F 141 -2.29 -34.87 24.82
N GLY F 142 -3.26 -35.21 23.97
CA GLY F 142 -4.63 -34.77 24.11
C GLY F 142 -5.05 -33.90 22.93
N GLY F 143 -6.29 -34.06 22.47
CA GLY F 143 -6.80 -33.24 21.39
C GLY F 143 -6.49 -33.81 20.02
N GLU F 144 -6.56 -32.93 19.01
CA GLU F 144 -6.38 -33.33 17.62
C GLU F 144 -5.31 -32.47 16.96
N ARG F 145 -4.74 -33.01 15.89
CA ARG F 145 -3.83 -32.28 15.02
C ARG F 145 -4.27 -32.42 13.57
N ALA F 146 -3.89 -31.44 12.75
CA ALA F 146 -4.02 -31.53 11.31
C ALA F 146 -2.65 -31.76 10.71
N VAL F 147 -2.54 -32.80 9.90
CA VAL F 147 -1.34 -33.12 9.14
C VAL F 147 -1.64 -32.78 7.70
N ILE F 148 -1.06 -31.67 7.24
CA ILE F 148 -1.34 -31.13 5.91
C ILE F 148 -0.09 -31.37 5.07
N THR F 149 -0.27 -32.08 3.97
CA THR F 149 0.84 -32.53 3.13
C THR F 149 0.82 -31.72 1.84
N LEU F 150 1.94 -31.03 1.58
CA LEU F 150 2.16 -30.29 0.35
C LEU F 150 3.13 -31.09 -0.49
N ASP F 151 2.68 -31.56 -1.64
CA ASP F 151 3.43 -32.52 -2.44
C ASP F 151 3.62 -31.90 -3.81
N GLY F 152 4.79 -31.33 -4.05
CA GLY F 152 5.02 -30.57 -5.27
C GLY F 152 6.26 -31.05 -6.01
N LYS F 153 6.19 -30.98 -7.34
CA LYS F 153 7.34 -31.40 -8.13
C LYS F 153 8.48 -30.38 -8.00
N TYR F 154 9.71 -30.89 -7.95
CA TYR F 154 10.88 -30.00 -8.03
C TYR F 154 11.17 -29.69 -9.49
N LEU F 155 11.24 -28.40 -9.82
CA LEU F 155 11.75 -27.93 -11.10
C LEU F 155 13.06 -27.17 -10.92
N PRO F 156 14.14 -27.65 -11.51
CA PRO F 156 15.43 -27.00 -11.30
C PRO F 156 15.62 -25.76 -12.15
N THR F 157 16.41 -24.85 -11.59
CA THR F 157 16.98 -23.71 -12.30
C THR F 157 18.40 -24.05 -12.69
N LYS F 158 18.68 -24.00 -13.99
CA LYS F 158 19.98 -24.33 -14.57
C LYS F 158 20.43 -23.25 -15.54
N PRO F 159 21.73 -23.01 -15.64
CA PRO F 159 22.23 -22.06 -16.64
C PRO F 159 21.78 -22.42 -18.05
N PHE F 160 21.66 -21.39 -18.89
N PHE F 160 21.75 -21.39 -18.91
CA PHE F 160 21.52 -21.55 -20.34
CA PHE F 160 21.54 -21.56 -20.35
C PHE F 160 22.53 -20.63 -21.02
C PHE F 160 22.42 -20.59 -21.14
N MET G 5 -11.45 7.00 -35.20
CA MET G 5 -11.75 6.99 -33.76
C MET G 5 -11.18 8.14 -32.95
N ILE G 6 -12.09 8.98 -32.46
CA ILE G 6 -11.73 10.00 -31.49
C ILE G 6 -12.43 9.80 -30.15
N GLN G 7 -13.28 8.78 -30.02
CA GLN G 7 -13.99 8.51 -28.78
C GLN G 7 -13.16 7.62 -27.87
N SER G 8 -13.12 7.96 -26.58
CA SER G 8 -12.34 7.16 -25.64
C SER G 8 -13.08 7.02 -24.32
N GLN G 9 -12.65 6.04 -23.53
CA GLN G 9 -13.23 5.66 -22.24
C GLN G 9 -12.36 6.17 -21.10
N ILE G 10 -12.98 6.33 -19.94
CA ILE G 10 -12.19 6.68 -18.75
C ILE G 10 -12.41 5.73 -17.56
N ASN G 11 -13.35 4.80 -17.69
CA ASN G 11 -13.63 3.86 -16.60
C ASN G 11 -13.53 2.44 -17.16
N ARG G 12 -12.45 1.73 -16.81
CA ARG G 12 -12.20 0.42 -17.41
C ARG G 12 -13.33 -0.57 -17.12
N ASN G 13 -14.15 -0.33 -16.10
CA ASN G 13 -15.17 -1.31 -15.75
C ASN G 13 -16.17 -1.53 -16.87
N ILE G 14 -16.44 -0.52 -17.70
CA ILE G 14 -17.43 -0.70 -18.75
C ILE G 14 -16.96 -1.76 -19.74
N ARG G 15 -15.75 -1.59 -20.28
CA ARG G 15 -15.24 -2.57 -21.23
C ARG G 15 -14.87 -3.89 -20.55
N LEU G 16 -14.51 -3.86 -19.27
CA LEU G 16 -14.22 -5.13 -18.62
C LEU G 16 -15.50 -5.93 -18.38
N ASP G 17 -16.61 -5.25 -18.05
CA ASP G 17 -17.89 -5.94 -17.97
C ASP G 17 -18.31 -6.53 -19.32
N LEU G 18 -18.11 -5.77 -20.39
CA LEU G 18 -18.35 -6.31 -21.73
C LEU G 18 -17.47 -7.53 -22.00
N ALA G 19 -16.21 -7.47 -21.58
CA ALA G 19 -15.34 -8.64 -21.76
C ALA G 19 -15.94 -9.90 -21.11
N ASP G 20 -16.46 -9.77 -19.88
CA ASP G 20 -17.08 -10.92 -19.22
C ASP G 20 -18.23 -11.46 -20.05
N ALA G 21 -19.06 -10.58 -20.59
CA ALA G 21 -20.17 -11.00 -21.43
C ALA G 21 -19.65 -11.70 -22.68
N ILE G 22 -18.57 -11.19 -23.27
CA ILE G 22 -18.01 -11.80 -24.46
C ILE G 22 -17.51 -13.20 -24.14
N LEU G 23 -16.83 -13.34 -23.01
CA LEU G 23 -16.33 -14.64 -22.60
C LEU G 23 -17.45 -15.64 -22.38
N LEU G 24 -18.59 -15.18 -21.84
CA LEU G 24 -19.71 -16.10 -21.62
C LEU G 24 -20.30 -16.56 -22.95
N SER G 25 -20.56 -15.63 -23.86
CA SER G 25 -21.05 -15.98 -25.20
C SER G 25 -20.10 -16.92 -25.91
N LYS G 26 -18.80 -16.60 -25.84
CA LYS G 26 -17.78 -17.41 -26.48
C LYS G 26 -17.76 -18.83 -25.93
N ALA G 27 -17.95 -18.96 -24.60
CA ALA G 27 -17.99 -20.28 -23.98
C ALA G 27 -19.21 -21.06 -24.42
N LYS G 28 -20.37 -20.40 -24.43
CA LYS G 28 -21.62 -21.06 -24.83
C LYS G 28 -21.55 -21.51 -26.28
N LYS G 29 -20.78 -20.82 -27.12
CA LYS G 29 -20.68 -21.12 -28.53
C LYS G 29 -19.49 -22.00 -28.87
N ASP G 30 -18.69 -22.39 -27.87
CA ASP G 30 -17.51 -23.24 -28.07
C ASP G 30 -16.59 -22.67 -29.15
N LEU G 31 -16.30 -21.38 -29.03
CA LEU G 31 -15.40 -20.68 -29.93
C LEU G 31 -14.04 -20.45 -29.28
N SER G 32 -13.00 -20.39 -30.11
CA SER G 32 -11.65 -20.05 -29.70
C SER G 32 -11.33 -18.62 -30.13
N PHE G 33 -10.30 -18.03 -29.50
CA PHE G 33 -9.88 -16.68 -29.90
C PHE G 33 -9.33 -16.68 -31.32
N ALA G 34 -8.60 -17.72 -31.72
CA ALA G 34 -8.16 -17.82 -33.11
C ALA G 34 -9.34 -17.85 -34.06
N GLU G 35 -10.39 -18.59 -33.70
CA GLU G 35 -11.57 -18.63 -34.55
C GLU G 35 -12.20 -17.24 -34.65
N ILE G 36 -12.31 -16.54 -33.53
CA ILE G 36 -12.95 -15.24 -33.55
C ILE G 36 -12.14 -14.27 -34.41
N ALA G 37 -10.80 -14.35 -34.33
CA ALA G 37 -9.94 -13.41 -35.05
C ALA G 37 -9.82 -13.77 -36.53
N ASP G 38 -10.10 -15.01 -36.90
CA ASP G 38 -9.98 -15.39 -38.29
C ASP G 38 -10.92 -14.54 -39.15
N GLY G 39 -10.37 -13.96 -40.23
CA GLY G 39 -11.16 -13.12 -41.11
C GLY G 39 -11.18 -11.65 -40.75
N THR G 40 -10.66 -11.25 -39.59
CA THR G 40 -10.63 -9.83 -39.27
C THR G 40 -9.51 -9.09 -39.95
N GLY G 41 -8.52 -9.82 -40.48
CA GLY G 41 -7.29 -9.19 -40.94
C GLY G 41 -6.34 -8.81 -39.84
N LEU G 42 -6.60 -9.22 -38.60
CA LEU G 42 -5.80 -8.76 -37.45
C LEU G 42 -5.26 -9.94 -36.67
N ALA G 43 -4.12 -9.74 -36.00
CA ALA G 43 -3.47 -10.80 -35.27
C ALA G 43 -4.30 -11.24 -34.07
N GLU G 44 -4.18 -12.52 -33.70
CA GLU G 44 -5.03 -13.04 -32.63
C GLU G 44 -4.77 -12.30 -31.31
N ALA G 45 -3.52 -11.94 -31.03
CA ALA G 45 -3.24 -11.23 -29.79
C ALA G 45 -3.89 -9.84 -29.80
N PHE G 46 -3.94 -9.19 -30.96
CA PHE G 46 -4.58 -7.87 -30.99
C PHE G 46 -6.09 -7.97 -30.83
N VAL G 47 -6.73 -8.88 -31.57
CA VAL G 47 -8.17 -9.03 -31.44
C VAL G 47 -8.55 -9.47 -30.04
N THR G 48 -7.83 -10.46 -29.52
CA THR G 48 -8.12 -10.93 -28.17
C THR G 48 -8.01 -9.78 -27.17
N ALA G 49 -6.93 -9.00 -27.26
CA ALA G 49 -6.77 -7.89 -26.33
C ALA G 49 -7.95 -6.94 -26.40
N ALA G 50 -8.47 -6.73 -27.62
CA ALA G 50 -9.61 -5.83 -27.79
C ALA G 50 -10.85 -6.39 -27.11
N LEU G 51 -11.14 -7.67 -27.35
CA LEU G 51 -12.25 -8.30 -26.64
C LEU G 51 -12.12 -8.15 -25.14
N LEU G 52 -10.89 -8.23 -24.62
CA LEU G 52 -10.66 -8.14 -23.17
C LEU G 52 -10.44 -6.70 -22.69
N GLY G 53 -10.74 -5.72 -23.52
CA GLY G 53 -10.82 -4.33 -23.12
C GLY G 53 -9.55 -3.52 -23.26
N GLN G 54 -8.55 -4.02 -24.00
CA GLN G 54 -7.22 -3.42 -23.99
C GLN G 54 -6.78 -2.86 -25.35
N GLN G 55 -7.63 -2.97 -26.37
CA GLN G 55 -7.40 -2.38 -27.68
C GLN G 55 -8.76 -1.93 -28.23
N ALA G 56 -8.72 -1.13 -29.29
CA ALA G 56 -9.93 -0.75 -30.00
C ALA G 56 -9.95 -1.46 -31.35
N LEU G 57 -11.11 -2.01 -31.72
CA LEU G 57 -11.24 -2.65 -33.03
C LEU G 57 -11.68 -1.64 -34.08
N PRO G 58 -11.16 -1.71 -35.30
CA PRO G 58 -11.78 -0.94 -36.39
C PRO G 58 -13.20 -1.43 -36.61
N ALA G 59 -14.01 -0.58 -37.25
CA ALA G 59 -15.44 -0.83 -37.36
C ALA G 59 -15.73 -2.19 -37.99
N ASP G 60 -15.04 -2.50 -39.10
CA ASP G 60 -15.35 -3.73 -39.84
C ASP G 60 -15.10 -4.96 -38.96
N ALA G 61 -13.97 -4.97 -38.25
CA ALA G 61 -13.66 -6.08 -37.36
C ALA G 61 -14.63 -6.15 -36.20
N ALA G 62 -15.05 -5.00 -35.66
CA ALA G 62 -16.02 -4.99 -34.58
C ALA G 62 -17.33 -5.63 -35.02
N ARG G 63 -17.79 -5.28 -36.21
CA ARG G 63 -19.04 -5.86 -36.71
C ARG G 63 -18.91 -7.36 -36.91
N LEU G 64 -17.75 -7.82 -37.42
CA LEU G 64 -17.54 -9.24 -37.66
C LEU G 64 -17.51 -10.05 -36.37
N VAL G 65 -16.68 -9.63 -35.40
CA VAL G 65 -16.69 -10.38 -34.14
C VAL G 65 -18.05 -10.24 -33.45
N GLY G 66 -18.72 -9.11 -33.65
CA GLY G 66 -20.05 -8.95 -33.09
C GLY G 66 -21.05 -9.95 -33.65
N ALA G 67 -20.99 -10.20 -34.96
CA ALA G 67 -21.81 -11.24 -35.55
C ALA G 67 -21.41 -12.62 -35.04
N LYS G 68 -20.11 -12.89 -34.94
CA LYS G 68 -19.69 -14.21 -34.50
C LYS G 68 -20.16 -14.49 -33.09
N LEU G 69 -20.15 -13.47 -32.23
CA LEU G 69 -20.48 -13.65 -30.82
C LEU G 69 -21.89 -13.22 -30.48
N ASP G 70 -22.70 -12.80 -31.45
CA ASP G 70 -24.08 -12.42 -31.17
C ASP G 70 -24.14 -11.27 -30.17
N LEU G 71 -23.35 -10.22 -30.44
CA LEU G 71 -23.31 -9.04 -29.57
C LEU G 71 -24.27 -7.98 -30.07
N ASP G 72 -24.86 -7.25 -29.12
CA ASP G 72 -25.79 -6.17 -29.45
C ASP G 72 -25.03 -4.94 -29.94
N GLU G 73 -25.78 -3.92 -30.33
CA GLU G 73 -25.18 -2.78 -31.03
C GLU G 73 -24.34 -1.91 -30.12
N ASP G 74 -24.82 -1.63 -28.90
CA ASP G 74 -24.00 -0.90 -27.95
C ASP G 74 -22.66 -1.60 -27.76
N SER G 75 -22.67 -2.93 -27.72
CA SER G 75 -21.44 -3.68 -27.49
C SER G 75 -20.50 -3.56 -28.68
N ILE G 76 -21.03 -3.73 -29.89
CA ILE G 76 -20.22 -3.55 -31.09
C ILE G 76 -19.63 -2.15 -31.13
N LEU G 77 -20.40 -1.16 -30.67
CA LEU G 77 -19.88 0.20 -30.60
C LEU G 77 -18.79 0.33 -29.54
N LEU G 78 -19.01 -0.26 -28.36
CA LEU G 78 -18.02 -0.16 -27.29
C LEU G 78 -16.67 -0.70 -27.72
N LEU G 79 -16.67 -1.79 -28.50
CA LEU G 79 -15.42 -2.42 -28.92
C LEU G 79 -14.58 -1.51 -29.80
N GLN G 80 -15.18 -0.51 -30.42
CA GLN G 80 -14.45 0.44 -31.25
C GLN G 80 -13.92 1.63 -30.45
N MET G 81 -14.31 1.77 -29.20
CA MET G 81 -13.89 2.91 -28.39
C MET G 81 -12.46 2.69 -27.91
N ILE G 82 -11.69 3.77 -27.83
CA ILE G 82 -10.35 3.67 -27.27
C ILE G 82 -10.46 3.41 -25.76
N PRO G 83 -9.84 2.36 -25.24
CA PRO G 83 -10.11 1.96 -23.85
C PRO G 83 -9.26 2.71 -22.84
N LEU G 84 -9.69 2.60 -21.58
CA LEU G 84 -8.86 2.98 -20.44
C LEU G 84 -8.13 1.69 -20.09
N ARG G 85 -6.88 1.58 -20.50
CA ARG G 85 -6.19 0.30 -20.48
C ARG G 85 -5.66 -0.02 -19.08
N GLY G 86 -5.50 -1.31 -18.83
CA GLY G 86 -5.00 -1.82 -17.57
C GLY G 86 -5.80 -3.01 -17.13
N CYS G 87 -5.30 -4.21 -17.41
CA CYS G 87 -6.08 -5.42 -17.19
C CYS G 87 -5.88 -6.04 -15.81
N ILE G 88 -4.86 -5.61 -15.06
CA ILE G 88 -4.59 -6.23 -13.77
C ILE G 88 -5.44 -5.57 -12.70
N ASP G 89 -6.14 -6.40 -11.94
CA ASP G 89 -7.03 -5.92 -10.89
C ASP G 89 -6.33 -4.92 -9.98
N ASP G 90 -5.20 -5.31 -9.37
CA ASP G 90 -4.57 -4.47 -8.36
C ASP G 90 -3.05 -4.64 -8.45
N ARG G 91 -2.52 -4.16 -9.58
CA ARG G 91 -1.08 -3.96 -9.78
C ARG G 91 -0.30 -5.25 -9.95
N ILE G 92 -0.48 -6.24 -9.08
CA ILE G 92 0.27 -7.49 -9.12
C ILE G 92 -0.74 -8.61 -9.32
N PRO G 93 -0.58 -9.46 -10.35
CA PRO G 93 -1.56 -10.54 -10.56
C PRO G 93 -1.54 -11.55 -9.43
N THR G 94 -2.72 -12.06 -9.09
CA THR G 94 -2.81 -13.23 -8.22
C THR G 94 -2.83 -14.52 -9.02
N ASP G 95 -3.32 -14.48 -10.25
CA ASP G 95 -3.47 -15.71 -11.04
C ASP G 95 -2.11 -16.30 -11.38
N PRO G 96 -1.88 -17.60 -11.15
CA PRO G 96 -0.55 -18.16 -11.44
C PRO G 96 -0.10 -17.96 -12.87
N THR G 97 -0.99 -18.15 -13.85
CA THR G 97 -0.59 -18.04 -15.26
C THR G 97 -0.11 -16.63 -15.56
N MET G 98 -0.85 -15.63 -15.10
CA MET G 98 -0.47 -14.23 -15.30
C MET G 98 0.76 -13.91 -14.48
N TYR G 99 0.85 -14.44 -13.26
CA TYR G 99 1.94 -14.08 -12.36
C TYR G 99 3.30 -14.45 -12.93
N ARG G 100 3.40 -15.58 -13.65
CA ARG G 100 4.72 -15.98 -14.16
C ARG G 100 5.33 -14.89 -15.04
N PHE G 101 4.51 -14.15 -15.78
CA PHE G 101 5.05 -13.08 -16.62
C PHE G 101 5.54 -11.91 -15.78
N TYR G 102 4.89 -11.67 -14.63
CA TYR G 102 5.41 -10.70 -13.67
C TYR G 102 6.69 -11.22 -13.02
N GLU G 103 6.75 -12.52 -12.74
CA GLU G 103 7.98 -13.05 -12.15
C GLU G 103 9.16 -12.89 -13.10
N MET G 104 8.95 -13.08 -14.41
CA MET G 104 10.05 -12.82 -15.35
C MET G 104 10.57 -11.40 -15.26
N LEU G 105 9.71 -10.43 -14.97
CA LEU G 105 10.20 -9.08 -14.73
C LEU G 105 10.97 -8.99 -13.41
N GLN G 106 10.48 -9.66 -12.37
CA GLN G 106 11.23 -9.64 -11.11
C GLN G 106 12.59 -10.30 -11.25
N VAL G 107 12.72 -11.31 -12.12
CA VAL G 107 14.01 -11.98 -12.27
C VAL G 107 14.88 -11.28 -13.31
N TYR G 108 14.31 -10.87 -14.44
CA TYR G 108 15.13 -10.34 -15.52
C TYR G 108 14.94 -8.86 -15.81
N GLY G 109 14.16 -8.14 -15.00
CA GLY G 109 13.86 -6.75 -15.34
C GLY G 109 15.11 -5.89 -15.49
N THR G 110 16.07 -6.05 -14.57
CA THR G 110 17.29 -5.25 -14.65
C THR G 110 18.21 -5.75 -15.75
N THR G 111 18.11 -7.04 -16.08
CA THR G 111 18.87 -7.58 -17.20
C THR G 111 18.33 -7.05 -18.51
N LEU G 112 17.01 -6.95 -18.66
CA LEU G 112 16.46 -6.35 -19.87
C LEU G 112 16.92 -4.91 -20.01
N LYS G 113 16.89 -4.16 -18.91
CA LYS G 113 17.41 -2.79 -18.97
C LYS G 113 18.87 -2.80 -19.40
N ALA G 114 19.70 -3.59 -18.73
CA ALA G 114 21.13 -3.60 -19.02
C ALA G 114 21.39 -3.93 -20.48
N LEU G 115 20.74 -4.97 -21.00
CA LEU G 115 21.00 -5.42 -22.37
C LEU G 115 20.39 -4.46 -23.39
N VAL G 116 19.26 -3.82 -23.08
CA VAL G 116 18.76 -2.79 -24.00
C VAL G 116 19.74 -1.63 -24.12
N HIS G 117 20.23 -1.12 -22.98
CA HIS G 117 21.15 0.01 -23.06
C HIS G 117 22.44 -0.39 -23.77
N GLU G 118 22.87 -1.64 -23.61
CA GLU G 118 24.10 -2.08 -24.26
C GLU G 118 23.94 -2.21 -25.78
N LYS G 119 22.82 -2.78 -26.23
CA LYS G 119 22.61 -3.06 -27.64
C LYS G 119 22.05 -1.86 -28.41
N PHE G 120 21.27 -1.01 -27.75
CA PHE G 120 20.60 0.13 -28.38
C PHE G 120 21.07 1.48 -27.87
N GLY G 121 21.32 1.60 -26.58
CA GLY G 121 21.69 2.84 -25.93
C GLY G 121 20.61 3.28 -24.95
N ASP G 122 20.75 4.52 -24.48
CA ASP G 122 19.77 5.10 -23.56
C ASP G 122 18.42 5.27 -24.26
N GLY G 123 17.35 4.89 -23.58
CA GLY G 123 16.02 4.94 -24.14
C GLY G 123 15.22 3.74 -23.71
N ILE G 124 14.21 3.41 -24.53
CA ILE G 124 13.23 2.39 -24.18
C ILE G 124 12.96 1.48 -25.36
N ILE G 125 12.49 0.28 -25.04
CA ILE G 125 11.78 -0.55 -26.01
C ILE G 125 10.29 -0.27 -25.83
N SER G 126 9.65 0.10 -26.92
CA SER G 126 8.26 0.55 -26.91
C SER G 126 7.26 -0.54 -26.55
N ALA G 127 6.26 -0.17 -25.77
CA ALA G 127 5.07 -0.97 -25.55
C ALA G 127 3.90 -0.52 -26.41
N ILE G 128 4.14 0.47 -27.28
CA ILE G 128 3.11 1.08 -28.12
C ILE G 128 3.35 0.73 -29.58
N ASN G 129 4.53 1.03 -30.11
CA ASN G 129 4.94 0.54 -31.43
C ASN G 129 5.48 -0.86 -31.17
N PHE G 130 4.56 -1.83 -31.16
CA PHE G 130 4.79 -3.08 -30.44
C PHE G 130 3.84 -4.15 -30.95
N LYS G 131 4.37 -5.35 -31.13
CA LYS G 131 3.60 -6.51 -31.53
C LYS G 131 3.98 -7.66 -30.62
N LEU G 132 3.01 -8.50 -30.25
CA LEU G 132 3.43 -9.72 -29.59
C LEU G 132 2.64 -10.90 -30.16
N ASP G 133 3.26 -12.06 -30.03
CA ASP G 133 2.59 -13.27 -30.47
C ASP G 133 3.04 -14.43 -29.59
N VAL G 134 2.15 -15.40 -29.48
CA VAL G 134 2.34 -16.59 -28.68
C VAL G 134 2.35 -17.77 -29.65
N LYS G 135 3.41 -18.58 -29.60
CA LYS G 135 3.55 -19.77 -30.44
C LYS G 135 3.74 -21.02 -29.59
N LYS G 136 2.95 -22.05 -29.87
CA LYS G 136 3.16 -23.35 -29.27
C LYS G 136 4.14 -24.16 -30.13
N VAL G 137 5.16 -24.72 -29.49
CA VAL G 137 6.16 -25.53 -30.16
C VAL G 137 6.41 -26.79 -29.33
N ALA G 138 7.06 -27.76 -29.97
CA ALA G 138 7.50 -28.94 -29.24
C ALA G 138 8.69 -28.59 -28.34
N ASP G 139 8.66 -29.08 -27.11
CA ASP G 139 9.86 -29.10 -26.30
C ASP G 139 10.70 -30.28 -26.73
N PRO G 140 11.92 -30.06 -27.22
CA PRO G 140 12.73 -31.20 -27.69
C PRO G 140 12.97 -32.27 -26.64
N GLU G 141 12.93 -31.92 -25.35
CA GLU G 141 13.00 -32.96 -24.31
C GLU G 141 11.65 -33.59 -24.00
N GLY G 142 10.58 -33.19 -24.65
CA GLY G 142 9.28 -33.77 -24.39
C GLY G 142 8.30 -32.76 -23.84
N GLY G 143 7.05 -32.83 -24.29
CA GLY G 143 6.07 -31.83 -23.91
C GLY G 143 6.06 -30.64 -24.84
N GLU G 144 5.63 -29.47 -24.34
CA GLU G 144 5.45 -28.32 -25.20
C GLU G 144 5.99 -27.08 -24.52
N ARG G 145 6.35 -26.09 -25.34
CA ARG G 145 6.81 -24.79 -24.85
C ARG G 145 6.02 -23.69 -25.53
N ALA G 146 5.99 -22.53 -24.89
CA ALA G 146 5.49 -21.31 -25.49
C ALA G 146 6.68 -20.43 -25.84
N VAL G 147 6.74 -19.99 -27.09
CA VAL G 147 7.70 -18.98 -27.53
C VAL G 147 6.91 -17.69 -27.71
N ILE G 148 7.10 -16.75 -26.79
CA ILE G 148 6.33 -15.52 -26.77
C ILE G 148 7.28 -14.43 -27.24
N THR G 149 6.92 -13.74 -28.33
CA THR G 149 7.80 -12.76 -28.97
C THR G 149 7.29 -11.37 -28.65
N LEU G 150 8.14 -10.56 -28.02
CA LEU G 150 7.87 -9.16 -27.75
C LEU G 150 8.69 -8.37 -28.76
N ASP G 151 8.01 -7.68 -29.66
CA ASP G 151 8.67 -7.04 -30.80
C ASP G 151 8.37 -5.54 -30.71
N GLY G 152 9.34 -4.78 -30.21
CA GLY G 152 9.12 -3.37 -29.92
C GLY G 152 10.17 -2.48 -30.55
N LYS G 153 9.73 -1.31 -31.00
CA LYS G 153 10.67 -0.36 -31.58
C LYS G 153 11.50 0.30 -30.49
N TYR G 154 12.79 0.51 -30.77
CA TYR G 154 13.67 1.25 -29.87
C TYR G 154 13.46 2.74 -30.08
N LEU G 155 13.15 3.46 -29.00
CA LEU G 155 13.10 4.92 -29.00
C LEU G 155 14.26 5.43 -28.16
N PRO G 156 15.17 6.22 -28.72
CA PRO G 156 16.30 6.71 -27.92
C PRO G 156 15.93 7.90 -27.04
N THR G 157 16.65 8.00 -25.93
CA THR G 157 16.73 9.22 -25.13
C THR G 157 18.03 9.95 -25.48
N LYS G 158 17.91 11.17 -26.00
CA LYS G 158 19.09 11.98 -26.30
C LYS G 158 18.96 13.39 -25.75
N PRO G 159 20.10 14.03 -25.48
CA PRO G 159 20.09 15.38 -24.88
C PRO G 159 19.34 16.39 -25.74
N PHE G 160 18.78 17.41 -25.08
N PHE G 160 18.76 17.40 -25.06
CA PHE G 160 18.22 18.57 -25.78
CA PHE G 160 18.17 18.56 -25.71
C PHE G 160 18.67 19.88 -25.11
C PHE G 160 18.68 19.83 -25.02
N MET H 5 26.86 5.81 -22.51
CA MET H 5 26.89 5.13 -23.80
C MET H 5 26.25 3.75 -23.69
N ILE H 6 26.98 2.78 -23.13
CA ILE H 6 26.42 1.44 -22.92
C ILE H 6 26.41 1.02 -21.45
N GLN H 7 26.95 1.86 -20.55
CA GLN H 7 26.97 1.55 -19.12
C GLN H 7 25.72 2.10 -18.45
N SER H 8 25.13 1.32 -17.54
CA SER H 8 23.88 1.71 -16.92
C SER H 8 23.87 1.32 -15.46
N GLN H 9 22.96 1.96 -14.72
CA GLN H 9 22.79 1.80 -13.28
C GLN H 9 21.53 1.00 -12.97
N ILE H 10 21.51 0.33 -11.81
CA ILE H 10 20.28 -0.35 -11.38
C ILE H 10 19.86 0.05 -9.97
N ASN H 11 20.66 0.85 -9.28
CA ASN H 11 20.32 1.32 -7.92
C ASN H 11 20.32 2.84 -7.89
N ARG H 12 19.12 3.45 -7.93
CA ARG H 12 19.03 4.91 -8.00
C ARG H 12 19.75 5.61 -6.85
N ASN H 13 20.00 4.91 -5.73
CA ASN H 13 20.63 5.56 -4.58
C ASN H 13 22.00 6.12 -4.91
N ILE H 14 22.75 5.46 -5.80
CA ILE H 14 24.10 5.92 -6.13
C ILE H 14 24.07 7.33 -6.70
N ARG H 15 23.27 7.52 -7.76
CA ARG H 15 23.19 8.84 -8.39
C ARG H 15 22.42 9.84 -7.54
N LEU H 16 21.48 9.39 -6.71
CA LEU H 16 20.79 10.35 -5.86
C LEU H 16 21.70 10.86 -4.75
N ASP H 17 22.57 10.00 -4.21
CA ASP H 17 23.56 10.47 -3.24
C ASP H 17 24.52 11.46 -3.90
N LEU H 18 24.93 11.18 -5.12
CA LEU H 18 25.74 12.15 -5.87
C LEU H 18 24.98 13.46 -6.05
N ALA H 19 23.68 13.41 -6.35
CA ALA H 19 22.91 14.64 -6.45
C ALA H 19 23.00 15.48 -5.17
N ASP H 20 22.88 14.83 -4.00
CA ASP H 20 22.97 15.58 -2.74
C ASP H 20 24.31 16.29 -2.63
N ALA H 21 25.40 15.61 -2.99
CA ALA H 21 26.73 16.23 -2.92
C ALA H 21 26.84 17.37 -3.92
N ILE H 22 26.33 17.17 -5.14
CA ILE H 22 26.32 18.26 -6.10
C ILE H 22 25.56 19.45 -5.54
N LEU H 23 24.41 19.21 -4.90
CA LEU H 23 23.62 20.32 -4.40
C LEU H 23 24.34 21.05 -3.28
N LEU H 24 25.10 20.32 -2.46
CA LEU H 24 25.88 20.98 -1.42
C LEU H 24 26.96 21.85 -2.03
N SER H 25 27.76 21.27 -2.93
CA SER H 25 28.79 22.04 -3.62
C SER H 25 28.18 23.25 -4.32
N LYS H 26 27.07 23.04 -5.04
CA LYS H 26 26.40 24.12 -5.73
C LYS H 26 26.02 25.25 -4.78
N ALA H 27 25.52 24.90 -3.58
CA ALA H 27 25.09 25.91 -2.64
C ALA H 27 26.29 26.66 -2.07
N LYS H 28 27.38 25.96 -1.79
CA LYS H 28 28.54 26.65 -1.23
C LYS H 28 29.14 27.62 -2.22
N LYS H 29 29.03 27.33 -3.51
CA LYS H 29 29.60 28.16 -4.56
C LYS H 29 28.61 29.18 -5.09
N ASP H 30 27.41 29.28 -4.52
CA ASP H 30 26.42 30.27 -4.94
C ASP H 30 26.09 30.15 -6.43
N LEU H 31 25.91 28.93 -6.91
CA LEU H 31 25.68 28.72 -8.33
C LEU H 31 24.20 28.46 -8.63
N SER H 32 23.78 28.89 -9.81
CA SER H 32 22.45 28.55 -10.32
C SER H 32 22.55 27.38 -11.30
N PHE H 33 21.41 26.72 -11.52
CA PHE H 33 21.36 25.66 -12.54
C PHE H 33 21.58 26.25 -13.92
N ALA H 34 21.02 27.43 -14.18
CA ALA H 34 21.27 28.09 -15.45
C ALA H 34 22.77 28.28 -15.66
N GLU H 35 23.50 28.69 -14.61
CA GLU H 35 24.93 28.91 -14.75
C GLU H 35 25.66 27.61 -15.04
N ILE H 36 25.29 26.54 -14.34
CA ILE H 36 26.00 25.28 -14.50
C ILE H 36 25.83 24.77 -15.93
N ALA H 37 24.65 24.98 -16.51
CA ALA H 37 24.36 24.48 -17.85
C ALA H 37 24.93 25.37 -18.94
N ASP H 38 25.24 26.62 -18.62
CA ASP H 38 25.78 27.53 -19.62
C ASP H 38 27.09 26.97 -20.19
N GLY H 39 27.17 26.91 -21.51
CA GLY H 39 28.34 26.40 -22.18
C GLY H 39 28.33 24.91 -22.48
N THR H 40 27.31 24.17 -22.03
CA THR H 40 27.23 22.76 -22.39
C THR H 40 26.55 22.54 -23.72
N GLY H 41 25.80 23.52 -24.22
CA GLY H 41 24.96 23.31 -25.37
C GLY H 41 23.69 22.55 -25.09
N LEU H 42 23.38 22.29 -23.83
CA LEU H 42 22.22 21.50 -23.43
C LEU H 42 21.25 22.37 -22.63
N ALA H 43 19.96 22.05 -22.73
CA ALA H 43 18.94 22.86 -22.09
C ALA H 43 19.08 22.75 -20.57
N GLU H 44 18.68 23.81 -19.86
CA GLU H 44 18.83 23.82 -18.41
C GLU H 44 18.05 22.68 -17.76
N ALA H 45 16.86 22.39 -18.29
CA ALA H 45 16.08 21.28 -17.73
C ALA H 45 16.79 19.94 -17.94
N PHE H 46 17.51 19.77 -19.05
CA PHE H 46 18.20 18.50 -19.28
C PHE H 46 19.41 18.37 -18.37
N VAL H 47 20.22 19.43 -18.28
CA VAL H 47 21.41 19.33 -17.43
C VAL H 47 21.00 19.19 -15.97
N THR H 48 20.01 19.97 -15.55
CA THR H 48 19.53 19.86 -14.18
C THR H 48 19.08 18.43 -13.88
N ALA H 49 18.27 17.85 -14.78
CA ALA H 49 17.81 16.47 -14.57
C ALA H 49 18.99 15.51 -14.42
N ALA H 50 20.05 15.70 -15.20
CA ALA H 50 21.23 14.84 -15.10
C ALA H 50 21.88 14.98 -13.73
N LEU H 51 22.09 16.22 -13.28
CA LEU H 51 22.65 16.42 -11.95
C LEU H 51 21.82 15.72 -10.89
N LEU H 52 20.49 15.76 -11.04
CA LEU H 52 19.57 15.17 -10.07
C LEU H 52 19.30 13.69 -10.36
N GLY H 53 20.10 13.07 -11.23
CA GLY H 53 20.10 11.63 -11.34
C GLY H 53 19.18 11.04 -12.37
N GLN H 54 18.58 11.86 -13.25
CA GLN H 54 17.50 11.41 -14.11
C GLN H 54 17.85 11.43 -15.59
N GLN H 55 19.07 11.85 -15.96
CA GLN H 55 19.57 11.82 -17.34
C GLN H 55 21.06 11.52 -17.28
N ALA H 56 21.61 11.20 -18.44
CA ALA H 56 23.05 10.98 -18.57
C ALA H 56 23.68 12.16 -19.31
N LEU H 57 24.80 12.66 -18.80
CA LEU H 57 25.46 13.72 -19.55
C LEU H 57 26.46 13.13 -20.55
N PRO H 58 26.56 13.67 -21.75
CA PRO H 58 27.70 13.33 -22.62
C PRO H 58 29.00 13.72 -21.94
N ALA H 59 30.09 13.11 -22.40
CA ALA H 59 31.36 13.23 -21.70
C ALA H 59 31.79 14.69 -21.59
N ASP H 60 31.73 15.44 -22.69
CA ASP H 60 32.17 16.83 -22.65
C ASP H 60 31.40 17.63 -21.61
N ALA H 61 30.09 17.40 -21.52
CA ALA H 61 29.27 18.14 -20.56
C ALA H 61 29.60 17.74 -19.14
N ALA H 62 29.83 16.44 -18.91
CA ALA H 62 30.18 15.97 -17.57
C ALA H 62 31.44 16.65 -17.07
N ARG H 63 32.46 16.79 -17.92
CA ARG H 63 33.70 17.43 -17.49
C ARG H 63 33.49 18.92 -17.22
N LEU H 64 32.72 19.61 -18.07
CA LEU H 64 32.46 21.03 -17.83
C LEU H 64 31.73 21.26 -16.52
N VAL H 65 30.61 20.55 -16.29
CA VAL H 65 29.91 20.74 -15.03
C VAL H 65 30.74 20.22 -13.87
N GLY H 66 31.52 19.16 -14.10
CA GLY H 66 32.35 18.62 -13.03
C GLY H 66 33.37 19.63 -12.55
N ALA H 67 34.05 20.31 -13.48
CA ALA H 67 34.98 21.37 -13.10
C ALA H 67 34.28 22.48 -12.33
N LYS H 68 33.11 22.91 -12.81
CA LYS H 68 32.40 24.01 -12.16
C LYS H 68 32.06 23.68 -10.72
N LEU H 69 31.66 22.43 -10.46
CA LEU H 69 31.24 22.00 -9.13
C LEU H 69 32.35 21.31 -8.35
N ASP H 70 33.55 21.18 -8.93
CA ASP H 70 34.70 20.59 -8.24
C ASP H 70 34.43 19.14 -7.87
N LEU H 71 33.91 18.38 -8.84
CA LEU H 71 33.58 16.98 -8.63
C LEU H 71 34.78 16.10 -8.92
N ASP H 72 34.94 15.04 -8.13
CA ASP H 72 36.05 14.13 -8.37
C ASP H 72 35.77 13.30 -9.62
N GLU H 73 36.74 12.46 -9.99
CA GLU H 73 36.66 11.75 -11.26
C GLU H 73 35.61 10.64 -11.25
N ASP H 74 35.41 9.98 -10.11
CA ASP H 74 34.36 8.97 -10.03
C ASP H 74 32.99 9.60 -10.26
N SER H 75 32.77 10.78 -9.68
CA SER H 75 31.52 11.50 -9.85
C SER H 75 31.31 11.92 -11.30
N ILE H 76 32.38 12.38 -11.97
CA ILE H 76 32.25 12.80 -13.36
C ILE H 76 31.87 11.61 -14.23
N LEU H 77 32.40 10.43 -13.92
CA LEU H 77 32.00 9.22 -14.64
C LEU H 77 30.55 8.86 -14.35
N LEU H 78 30.15 8.90 -13.09
CA LEU H 78 28.78 8.53 -12.73
C LEU H 78 27.76 9.37 -13.50
N LEU H 79 28.03 10.66 -13.67
CA LEU H 79 27.11 11.54 -14.38
C LEU H 79 26.91 11.11 -15.83
N GLN H 80 27.85 10.34 -16.38
CA GLN H 80 27.75 9.88 -17.76
C GLN H 80 27.05 8.53 -17.89
N MET H 81 26.77 7.85 -16.79
CA MET H 81 26.12 6.54 -16.86
C MET H 81 24.62 6.72 -17.04
N ILE H 82 24.01 5.78 -17.74
CA ILE H 82 22.56 5.81 -17.93
C ILE H 82 21.89 5.48 -16.59
N PRO H 83 20.96 6.32 -16.13
CA PRO H 83 20.48 6.18 -14.75
C PRO H 83 19.35 5.14 -14.62
N LEU H 84 19.09 4.78 -13.37
CA LEU H 84 17.88 4.08 -13.00
C LEU H 84 16.93 5.19 -12.58
N ARG H 85 16.05 5.58 -13.49
CA ARG H 85 15.30 6.81 -13.32
C ARG H 85 14.13 6.64 -12.37
N GLY H 86 13.73 7.76 -11.76
CA GLY H 86 12.62 7.78 -10.82
C GLY H 86 12.96 8.66 -9.64
N CYS H 87 12.56 9.92 -9.69
CA CYS H 87 12.99 10.89 -8.68
C CYS H 87 12.09 10.97 -7.47
N ILE H 88 10.90 10.38 -7.50
CA ILE H 88 9.97 10.49 -6.38
C ILE H 88 10.27 9.40 -5.37
N ASP H 89 10.36 9.78 -4.10
CA ASP H 89 10.73 8.85 -3.04
C ASP H 89 9.77 7.64 -3.00
N ASP H 90 8.48 7.90 -2.88
CA ASP H 90 7.51 6.82 -2.71
C ASP H 90 6.24 7.21 -3.45
N ARG H 91 6.35 7.20 -4.78
CA ARG H 91 5.25 7.25 -5.74
C ARG H 91 4.49 8.58 -5.76
N ILE H 92 4.11 9.11 -4.62
CA ILE H 92 3.36 10.36 -4.56
C ILE H 92 4.24 11.36 -3.81
N PRO H 93 4.55 12.53 -4.38
CA PRO H 93 5.42 13.49 -3.69
C PRO H 93 4.75 14.05 -2.44
N THR H 94 5.58 14.31 -1.43
CA THR H 94 5.09 15.03 -0.25
C THR H 94 5.35 16.52 -0.37
N ASP H 95 6.34 16.90 -1.16
CA ASP H 95 6.74 18.30 -1.20
C ASP H 95 5.67 19.11 -1.93
N PRO H 96 5.18 20.21 -1.35
CA PRO H 96 4.11 20.96 -2.04
C PRO H 96 4.45 21.35 -3.46
N THR H 97 5.68 21.81 -3.70
CA THR H 97 6.05 22.28 -5.02
C THR H 97 5.90 21.15 -6.03
N MET H 98 6.38 19.96 -5.67
CA MET H 98 6.25 18.83 -6.58
C MET H 98 4.82 18.33 -6.63
N TYR H 99 4.11 18.38 -5.50
CA TYR H 99 2.77 17.83 -5.44
C TYR H 99 1.84 18.53 -6.44
N ARG H 100 1.94 19.85 -6.59
CA ARG H 100 1.03 20.54 -7.49
C ARG H 100 1.03 19.92 -8.89
N PHE H 101 2.19 19.45 -9.34
CA PHE H 101 2.25 18.84 -10.66
C PHE H 101 1.56 17.48 -10.67
N TYR H 102 1.59 16.77 -9.54
CA TYR H 102 0.78 15.56 -9.39
C TYR H 102 -0.72 15.88 -9.37
N GLU H 103 -1.11 16.92 -8.63
CA GLU H 103 -2.53 17.29 -8.58
C GLU H 103 -3.04 17.69 -9.96
N MET H 104 -2.14 18.24 -10.77
CA MET H 104 -2.43 18.59 -12.17
C MET H 104 -2.93 17.34 -12.91
N LEU H 105 -2.30 16.20 -12.62
CA LEU H 105 -2.73 14.93 -13.18
CA LEU H 105 -2.73 14.94 -13.19
C LEU H 105 -4.03 14.44 -12.57
N GLN H 106 -4.23 14.66 -11.26
CA GLN H 106 -5.46 14.20 -10.64
C GLN H 106 -6.66 14.98 -11.16
N VAL H 107 -6.46 16.25 -11.50
CA VAL H 107 -7.57 17.05 -12.03
C VAL H 107 -7.72 16.87 -13.53
N TYR H 108 -6.63 16.89 -14.28
CA TYR H 108 -6.72 16.92 -15.74
C TYR H 108 -6.23 15.64 -16.44
N GLY H 109 -5.84 14.60 -15.72
CA GLY H 109 -5.30 13.42 -16.38
C GLY H 109 -6.24 12.78 -17.40
N THR H 110 -7.52 12.63 -17.04
CA THR H 110 -8.46 12.08 -18.01
C THR H 110 -8.79 13.07 -19.13
N THR H 111 -8.67 14.37 -18.85
CA THR H 111 -8.85 15.36 -19.91
C THR H 111 -7.70 15.31 -20.90
N LEU H 112 -6.46 15.16 -20.39
CA LEU H 112 -5.34 14.99 -21.29
C LEU H 112 -5.51 13.76 -22.15
N LYS H 113 -5.93 12.65 -21.54
CA LYS H 113 -6.17 11.45 -22.33
C LYS H 113 -7.20 11.71 -23.41
N ALA H 114 -8.35 12.29 -23.03
CA ALA H 114 -9.44 12.52 -23.97
C ALA H 114 -9.01 13.39 -25.14
N LEU H 115 -8.35 14.51 -24.84
CA LEU H 115 -7.96 15.44 -25.90
C LEU H 115 -6.85 14.88 -26.77
N VAL H 116 -5.93 14.11 -26.19
CA VAL H 116 -4.91 13.45 -27.01
C VAL H 116 -5.56 12.50 -28.01
N HIS H 117 -6.50 11.66 -27.54
CA HIS H 117 -7.16 10.76 -28.48
C HIS H 117 -7.98 11.53 -29.50
N GLU H 118 -8.55 12.68 -29.12
CA GLU H 118 -9.33 13.46 -30.08
C GLU H 118 -8.45 14.08 -31.17
N LYS H 119 -7.33 14.68 -30.76
CA LYS H 119 -6.46 15.39 -31.70
C LYS H 119 -5.54 14.47 -32.49
N PHE H 120 -5.06 13.39 -31.89
CA PHE H 120 -4.04 12.54 -32.48
C PHE H 120 -4.53 11.16 -32.87
N GLY H 121 -5.38 10.56 -32.02
CA GLY H 121 -5.83 9.20 -32.21
C GLY H 121 -5.38 8.34 -31.04
N ASP H 122 -5.49 7.03 -31.22
CA ASP H 122 -5.12 6.10 -30.18
C ASP H 122 -3.61 6.01 -30.06
N GLY H 123 -3.11 6.16 -28.85
CA GLY H 123 -1.68 6.13 -28.65
C GLY H 123 -1.29 7.03 -27.50
N ILE H 124 -0.02 7.46 -27.50
CA ILE H 124 0.54 8.18 -26.38
C ILE H 124 1.27 9.43 -26.84
N ILE H 125 1.41 10.36 -25.92
CA ILE H 125 2.41 11.42 -26.03
C ILE H 125 3.63 10.94 -25.26
N SER H 126 4.76 10.95 -25.94
CA SER H 126 5.98 10.38 -25.38
C SER H 126 6.54 11.17 -24.21
N ALA H 127 7.06 10.44 -23.23
CA ALA H 127 7.91 11.00 -22.20
C ALA H 127 9.39 10.83 -22.52
N ILE H 128 9.72 10.16 -23.62
CA ILE H 128 11.09 9.85 -24.01
C ILE H 128 11.58 10.79 -25.11
N ASN H 129 10.80 10.89 -26.18
CA ASN H 129 11.05 11.83 -27.26
C ASN H 129 10.33 13.11 -26.83
N PHE H 130 11.02 13.88 -26.00
CA PHE H 130 10.31 14.78 -25.13
C PHE H 130 11.22 15.91 -24.69
N LYS H 131 10.70 17.13 -24.70
CA LYS H 131 11.39 18.33 -24.24
C LYS H 131 10.53 19.05 -23.22
N LEU H 132 11.19 19.69 -22.26
CA LEU H 132 10.54 20.40 -21.16
C LEU H 132 11.21 21.75 -20.98
N ASP H 133 10.42 22.81 -20.78
CA ASP H 133 11.05 24.07 -20.40
C ASP H 133 10.14 24.86 -19.49
N VAL H 134 10.77 25.65 -18.61
CA VAL H 134 10.08 26.45 -17.61
C VAL H 134 10.37 27.91 -17.88
N LYS H 135 9.31 28.71 -18.04
CA LYS H 135 9.41 30.12 -18.40
C LYS H 135 8.68 30.97 -17.37
N LYS H 136 9.30 32.05 -16.90
CA LYS H 136 8.62 32.97 -16.00
C LYS H 136 8.03 34.11 -16.81
N VAL H 137 6.77 34.44 -16.54
CA VAL H 137 6.06 35.50 -17.24
C VAL H 137 5.36 36.36 -16.22
N ALA H 138 5.16 37.64 -16.56
CA ALA H 138 4.38 38.50 -15.70
C ALA H 138 2.90 38.12 -15.74
N ASP H 139 2.24 38.25 -14.60
CA ASP H 139 0.79 38.09 -14.57
C ASP H 139 0.15 39.47 -14.70
N PRO H 140 -0.66 39.71 -15.73
CA PRO H 140 -1.24 41.06 -15.90
C PRO H 140 -2.13 41.48 -14.73
N GLU H 141 -2.56 40.55 -13.89
CA GLU H 141 -3.30 40.88 -12.68
C GLU H 141 -2.39 41.15 -11.50
N GLY H 142 -1.09 41.05 -11.69
CA GLY H 142 -0.14 41.23 -10.62
C GLY H 142 0.51 39.89 -10.32
N GLY H 143 1.79 39.93 -10.00
CA GLY H 143 2.52 38.71 -9.71
C GLY H 143 3.21 38.14 -10.93
N GLU H 144 3.65 36.90 -10.78
CA GLU H 144 4.27 36.17 -11.88
C GLU H 144 3.60 34.82 -12.06
N ARG H 145 3.86 34.24 -13.23
CA ARG H 145 3.34 32.93 -13.61
C ARG H 145 4.49 32.10 -14.18
N ALA H 146 4.38 30.78 -14.02
CA ALA H 146 5.26 29.84 -14.70
C ALA H 146 4.51 29.29 -15.91
N VAL H 147 5.16 29.30 -17.06
CA VAL H 147 4.64 28.69 -18.27
C VAL H 147 5.54 27.49 -18.53
N ILE H 148 5.03 26.30 -18.26
CA ILE H 148 5.79 25.07 -18.39
C ILE H 148 5.29 24.35 -19.63
N THR H 149 6.19 24.09 -20.57
CA THR H 149 5.86 23.48 -21.85
C THR H 149 6.34 22.04 -21.84
N LEU H 150 5.41 21.11 -22.00
CA LEU H 150 5.69 19.69 -22.21
C LEU H 150 5.52 19.42 -23.69
N ASP H 151 6.60 18.97 -24.34
CA ASP H 151 6.65 18.82 -25.78
C ASP H 151 7.04 17.38 -26.11
N GLY H 152 6.05 16.56 -26.48
CA GLY H 152 6.27 15.13 -26.67
C GLY H 152 5.77 14.64 -28.00
N LYS H 153 6.51 13.69 -28.58
CA LYS H 153 6.08 13.09 -29.84
C LYS H 153 4.84 12.22 -29.63
N TYR H 154 3.93 12.26 -30.60
CA TYR H 154 2.79 11.36 -30.62
C TYR H 154 3.23 10.04 -31.26
N LEU H 155 3.04 8.93 -30.55
CA LEU H 155 3.25 7.62 -31.13
C LEU H 155 1.92 6.89 -31.18
N PRO H 156 1.44 6.48 -32.35
CA PRO H 156 0.13 5.84 -32.43
C PRO H 156 0.17 4.37 -32.07
N THR H 157 -0.95 3.90 -31.51
CA THR H 157 -1.23 2.48 -31.39
C THR H 157 -1.99 2.07 -32.63
N LYS H 158 -1.42 1.17 -33.43
CA LYS H 158 -2.11 0.68 -34.61
C LYS H 158 -2.32 -0.82 -34.54
N PRO H 159 -3.43 -1.31 -35.08
CA PRO H 159 -3.64 -2.76 -35.17
C PRO H 159 -2.46 -3.47 -35.85
N PHE H 160 -2.29 -4.74 -35.52
N PHE H 160 -2.31 -4.74 -35.52
CA PHE H 160 -1.33 -5.58 -36.21
CA PHE H 160 -1.34 -5.61 -36.17
C PHE H 160 -1.88 -6.99 -36.42
C PHE H 160 -1.96 -7.01 -36.30
N MET I 5 17.00 33.55 -2.09
CA MET I 5 17.38 32.15 -1.97
C MET I 5 16.91 31.35 -3.19
N ILE I 6 17.87 30.81 -3.94
CA ILE I 6 17.58 29.97 -5.10
C ILE I 6 18.03 28.53 -4.91
N GLN I 7 18.67 28.19 -3.78
CA GLN I 7 19.15 26.82 -3.54
C GLN I 7 18.07 25.97 -2.90
N SER I 8 17.94 24.73 -3.34
CA SER I 8 16.90 23.86 -2.83
C SER I 8 17.40 22.43 -2.69
N GLN I 9 16.68 21.67 -1.86
CA GLN I 9 16.97 20.29 -1.51
C GLN I 9 16.04 19.32 -2.24
N ILE I 10 16.49 18.08 -2.41
CA ILE I 10 15.62 17.06 -2.99
C ILE I 10 15.53 15.79 -2.14
N ASN I 11 16.35 15.68 -1.10
CA ASN I 11 16.34 14.51 -0.21
C ASN I 11 16.07 15.01 1.20
N ARG I 12 14.85 14.76 1.70
CA ARG I 12 14.49 15.29 3.02
C ARG I 12 15.40 14.78 4.14
N ASN I 13 16.08 13.63 3.96
CA ASN I 13 16.83 13.07 5.08
C ASN I 13 17.95 13.99 5.54
N ILE I 14 18.51 14.81 4.66
CA ILE I 14 19.61 15.70 5.04
C ILE I 14 19.14 16.71 6.07
N ARG I 15 18.02 17.38 5.80
CA ARG I 15 17.49 18.34 6.77
C ARG I 15 16.83 17.64 7.96
N LEU I 16 16.30 16.43 7.77
CA LEU I 16 15.72 15.75 8.93
C LEU I 16 16.83 15.24 9.85
N ASP I 17 17.98 14.84 9.29
CA ASP I 17 19.14 14.52 10.11
C ASP I 17 19.64 15.75 10.87
N LEU I 18 19.70 16.90 10.19
CA LEU I 18 20.03 18.14 10.90
C LEU I 18 19.04 18.38 12.04
N ALA I 19 17.74 18.21 11.76
CA ALA I 19 16.74 18.40 12.81
C ALA I 19 17.08 17.58 14.04
N ASP I 20 17.45 16.31 13.85
CA ASP I 20 17.76 15.46 14.99
C ASP I 20 18.91 16.05 15.80
N ALA I 21 19.93 16.55 15.12
CA ALA I 21 21.05 17.20 15.82
C ALA I 21 20.60 18.45 16.54
N ILE I 22 19.77 19.27 15.90
CA ILE I 22 19.24 20.47 16.55
C ILE I 22 18.51 20.10 17.83
N LEU I 23 17.69 19.04 17.79
CA LEU I 23 16.89 18.66 18.95
C LEU I 23 17.77 18.22 20.12
N LEU I 24 18.86 17.50 19.82
CA LEU I 24 19.77 17.05 20.87
C LEU I 24 20.46 18.24 21.54
N SER I 25 20.99 19.16 20.74
CA SER I 25 21.62 20.36 21.27
C SER I 25 20.64 21.16 22.10
N LYS I 26 19.42 21.33 21.59
CA LYS I 26 18.39 22.08 22.30
C LYS I 26 18.07 21.44 23.66
N ALA I 27 18.07 20.11 23.72
CA ALA I 27 17.78 19.45 24.97
C ALA I 27 18.96 19.57 25.94
N LYS I 28 20.19 19.41 25.44
CA LYS I 28 21.34 19.58 26.33
C LYS I 28 21.44 20.99 26.88
N LYS I 29 20.92 21.97 26.15
CA LYS I 29 20.99 23.37 26.59
C LYS I 29 19.73 23.83 27.31
N ASP I 30 18.72 22.96 27.43
CA ASP I 30 17.48 23.28 28.16
C ASP I 30 16.76 24.48 27.54
N LEU I 31 16.74 24.54 26.21
CA LEU I 31 16.08 25.60 25.46
C LEU I 31 14.70 25.18 24.99
N SER I 32 13.80 26.16 24.90
CA SER I 32 12.46 25.97 24.34
C SER I 32 12.42 26.54 22.93
N PHE I 33 11.41 26.12 22.16
CA PHE I 33 11.28 26.68 20.82
C PHE I 33 10.92 28.16 20.87
N ALA I 34 10.11 28.57 21.83
CA ALA I 34 9.85 29.99 22.04
C ALA I 34 11.14 30.76 22.29
N GLU I 35 12.04 30.21 23.12
CA GLU I 35 13.30 30.90 23.38
C GLU I 35 14.14 30.99 22.12
N ILE I 36 14.16 29.92 21.33
CA ILE I 36 14.99 29.92 20.14
C ILE I 36 14.49 30.93 19.14
N ALA I 37 13.17 31.06 18.99
CA ALA I 37 12.58 31.97 18.01
C ALA I 37 12.58 33.42 18.48
N ASP I 38 12.68 33.64 19.78
CA ASP I 38 12.74 35.01 20.28
C ASP I 38 13.92 35.76 19.68
N GLY I 39 13.63 36.93 19.10
CA GLY I 39 14.64 37.77 18.50
C GLY I 39 14.86 37.53 17.02
N THR I 40 14.17 36.55 16.42
CA THR I 40 14.32 36.35 14.98
C THR I 40 13.39 37.24 14.19
N GLY I 41 12.39 37.85 14.82
CA GLY I 41 11.36 38.55 14.09
C GLY I 41 10.33 37.65 13.43
N LEU I 42 10.36 36.35 13.75
CA LEU I 42 9.53 35.35 13.09
C LEU I 42 8.76 34.55 14.12
N ALA I 43 7.58 34.09 13.71
CA ALA I 43 6.68 33.40 14.61
C ALA I 43 7.26 32.06 15.02
N GLU I 44 6.93 31.63 16.24
CA GLU I 44 7.50 30.40 16.76
C GLU I 44 7.17 29.21 15.88
N ALA I 45 5.97 29.18 15.29
CA ALA I 45 5.63 28.03 14.45
C ALA I 45 6.47 28.03 13.18
N PHE I 46 6.83 29.21 12.65
CA PHE I 46 7.65 29.24 11.43
C PHE I 46 9.09 28.83 11.72
N VAL I 47 9.68 29.36 12.80
CA VAL I 47 11.05 29.00 13.12
C VAL I 47 11.16 27.53 13.49
N THR I 48 10.22 27.04 14.29
CA THR I 48 10.23 25.62 14.65
C THR I 48 10.16 24.76 13.39
N ALA I 49 9.27 25.11 12.45
CA ALA I 49 9.16 24.32 11.24
C ALA I 49 10.48 24.31 10.47
N ALA I 50 11.20 25.45 10.47
CA ALA I 50 12.48 25.49 9.78
C ALA I 50 13.49 24.55 10.45
N LEU I 51 13.56 24.61 11.78
CA LEU I 51 14.45 23.71 12.49
C LEU I 51 14.16 22.26 12.15
N LEU I 52 12.88 21.90 12.04
CA LEU I 52 12.45 20.53 11.78
C LEU I 52 12.40 20.19 10.30
N GLY I 53 12.95 21.07 9.46
CA GLY I 53 13.17 20.76 8.05
C GLY I 53 12.09 21.18 7.09
N GLN I 54 11.13 22.01 7.51
CA GLN I 54 9.93 22.25 6.73
C GLN I 54 9.80 23.69 6.24
N GLN I 55 10.77 24.55 6.54
CA GLN I 55 10.81 25.93 6.06
C GLN I 55 12.28 26.32 5.91
N ALA I 56 12.51 27.44 5.24
CA ALA I 56 13.85 27.99 5.08
C ALA I 56 13.98 29.25 5.92
N LEU I 57 15.06 29.34 6.70
CA LEU I 57 15.25 30.57 7.46
C LEU I 57 16.00 31.60 6.62
N PRO I 58 15.64 32.87 6.73
CA PRO I 58 16.48 33.92 6.15
C PRO I 58 17.83 33.91 6.85
N ALA I 59 18.83 34.50 6.20
CA ALA I 59 20.20 34.38 6.68
C ALA I 59 20.37 34.92 8.09
N ASP I 60 19.79 36.09 8.39
CA ASP I 60 19.96 36.67 9.73
C ASP I 60 19.42 35.72 10.80
N ALA I 61 18.23 35.17 10.58
CA ALA I 61 17.63 34.24 11.53
C ALA I 61 18.46 32.99 11.67
N ALA I 62 18.97 32.46 10.55
CA ALA I 62 19.75 31.22 10.60
C ALA I 62 21.00 31.41 11.46
N ARG I 63 21.67 32.55 11.32
CA ARG I 63 22.87 32.80 12.11
C ARG I 63 22.51 32.95 13.58
N LEU I 64 21.39 33.59 13.87
CA LEU I 64 20.94 33.75 15.26
C LEU I 64 20.68 32.40 15.92
N VAL I 65 19.80 31.59 15.31
CA VAL I 65 19.51 30.30 15.94
C VAL I 65 20.76 29.43 15.94
N GLY I 66 21.62 29.59 14.93
CA GLY I 66 22.87 28.85 14.92
C GLY I 66 23.73 29.17 16.13
N ALA I 67 23.77 30.44 16.53
CA ALA I 67 24.52 30.81 17.72
C ALA I 67 23.84 30.29 18.99
N LYS I 68 22.51 30.36 19.05
CA LYS I 68 21.83 29.92 20.25
C LYS I 68 22.03 28.42 20.48
N LEU I 69 22.05 27.65 19.39
CA LEU I 69 22.16 26.19 19.46
C LEU I 69 23.58 25.68 19.22
N ASP I 70 24.54 26.57 18.95
CA ASP I 70 25.93 26.19 18.72
C ASP I 70 26.07 25.28 17.50
N LEU I 71 25.47 25.69 16.39
CA LEU I 71 25.53 24.95 15.13
C LEU I 71 26.76 25.32 14.33
N ASP I 72 27.30 24.35 13.60
CA ASP I 72 28.45 24.65 12.75
C ASP I 72 27.99 25.38 11.48
N GLU I 73 28.96 25.78 10.66
CA GLU I 73 28.62 26.65 9.52
C GLU I 73 27.85 25.91 8.44
N ASP I 74 28.16 24.63 8.21
CA ASP I 74 27.40 23.86 7.25
C ASP I 74 25.92 23.80 7.64
N SER I 75 25.65 23.67 8.94
CA SER I 75 24.27 23.58 9.41
C SER I 75 23.54 24.91 9.21
N ILE I 76 24.18 26.03 9.57
CA ILE I 76 23.53 27.33 9.40
C ILE I 76 23.20 27.55 7.94
N LEU I 77 24.05 27.06 7.02
CA LEU I 77 23.75 27.20 5.60
C LEU I 77 22.59 26.29 5.20
N LEU I 78 22.57 25.07 5.75
CA LEU I 78 21.49 24.15 5.41
C LEU I 78 20.14 24.71 5.83
N LEU I 79 20.07 25.41 6.95
CA LEU I 79 18.80 25.95 7.40
C LEU I 79 18.27 27.03 6.48
N GLN I 80 19.11 27.60 5.62
CA GLN I 80 18.70 28.59 4.65
C GLN I 80 18.27 28.00 3.32
N MET I 81 18.51 26.69 3.12
CA MET I 81 18.14 26.02 1.89
C MET I 81 16.62 25.80 1.85
N ILE I 82 16.05 25.83 0.65
CA ILE I 82 14.62 25.55 0.51
C ILE I 82 14.44 24.04 0.62
N PRO I 83 13.60 23.55 1.54
CA PRO I 83 13.59 22.12 1.84
C PRO I 83 12.75 21.32 0.86
N LEU I 84 12.98 20.01 0.90
CA LEU I 84 12.05 19.02 0.36
C LEU I 84 11.07 18.73 1.51
N ARG I 85 9.88 19.31 1.45
CA ARG I 85 8.98 19.29 2.60
C ARG I 85 8.23 17.96 2.71
N GLY I 86 7.83 17.65 3.95
CA GLY I 86 7.11 16.41 4.21
C GLY I 86 7.66 15.77 5.47
N CYS I 87 7.03 16.05 6.61
CA CYS I 87 7.56 15.63 7.90
C CYS I 87 7.06 14.25 8.32
N ILE I 88 6.00 13.72 7.68
CA ILE I 88 5.44 12.44 8.08
C ILE I 88 6.24 11.31 7.44
N ASP I 89 6.71 10.40 8.28
CA ASP I 89 7.50 9.24 7.85
C ASP I 89 6.86 8.51 6.67
N ASP I 90 5.62 8.03 6.85
CA ASP I 90 4.93 7.18 5.86
C ASP I 90 3.44 7.53 5.83
N ARG I 91 3.14 8.76 5.38
CA ARG I 91 1.80 9.23 5.02
C ARG I 91 0.83 9.42 6.19
N ILE I 92 0.71 8.43 7.07
CA ILE I 92 -0.19 8.49 8.22
C ILE I 92 0.67 8.43 9.46
N PRO I 93 0.60 9.40 10.37
CA PRO I 93 1.43 9.36 11.59
C PRO I 93 1.05 8.20 12.49
N THR I 94 2.07 7.61 13.13
CA THR I 94 1.84 6.68 14.22
C THR I 94 1.79 7.37 15.57
N ASP I 95 2.41 8.52 15.69
CA ASP I 95 2.53 9.18 16.98
C ASP I 95 1.17 9.71 17.42
N PRO I 96 0.70 9.39 18.64
CA PRO I 96 -0.64 9.84 19.03
C PRO I 96 -0.84 11.34 18.91
N THR I 97 0.18 12.12 19.29
CA THR I 97 0.01 13.57 19.27
C THR I 97 -0.18 14.05 17.83
N MET I 98 0.62 13.54 16.90
CA MET I 98 0.41 13.96 15.52
C MET I 98 -0.85 13.36 14.93
N TYR I 99 -1.18 12.11 15.30
CA TYR I 99 -2.33 11.44 14.73
C TYR I 99 -3.65 12.17 15.00
N ARG I 100 -3.79 12.81 16.17
CA ARG I 100 -5.05 13.49 16.45
C ARG I 100 -5.37 14.52 15.37
N PHE I 101 -4.35 15.17 14.80
CA PHE I 101 -4.61 16.19 13.78
C PHE I 101 -4.99 15.56 12.44
N TYR I 102 -4.47 14.35 12.16
CA TYR I 102 -4.99 13.55 11.06
C TYR I 102 -6.43 13.10 11.31
N GLU I 103 -6.73 12.70 12.55
CA GLU I 103 -8.10 12.27 12.84
C GLU I 103 -9.09 13.41 12.63
N MET I 104 -8.71 14.65 12.98
CA MET I 104 -9.60 15.76 12.65
C MET I 104 -9.92 15.83 11.17
N LEU I 105 -8.97 15.51 10.31
CA LEU I 105 -9.28 15.44 8.89
C LEU I 105 -10.23 14.29 8.56
N GLN I 106 -10.06 13.14 9.23
CA GLN I 106 -10.94 12.00 8.96
C GLN I 106 -12.37 12.29 9.38
N VAL I 107 -12.57 13.12 10.41
CA VAL I 107 -13.91 13.42 10.88
C VAL I 107 -14.47 14.65 10.18
N TYR I 108 -13.67 15.70 10.01
CA TYR I 108 -14.17 16.97 9.50
C TYR I 108 -13.71 17.32 8.09
N GLY I 109 -12.98 16.43 7.41
CA GLY I 109 -12.42 16.82 6.12
C GLY I 109 -13.48 17.22 5.12
N THR I 110 -14.56 16.43 5.00
CA THR I 110 -15.58 16.81 4.04
C THR I 110 -16.40 18.01 4.50
N THR I 111 -16.53 18.20 5.82
CA THR I 111 -17.18 19.40 6.34
C THR I 111 -16.39 20.66 6.01
N LEU I 112 -15.07 20.60 6.16
CA LEU I 112 -14.24 21.74 5.79
C LEU I 112 -14.40 22.06 4.32
N LYS I 113 -14.42 21.02 3.47
CA LYS I 113 -14.65 21.26 2.05
C LYS I 113 -15.99 21.94 1.85
N ALA I 114 -17.04 21.38 2.46
CA ALA I 114 -18.40 21.86 2.27
C ALA I 114 -18.53 23.32 2.69
N LEU I 115 -17.97 23.67 3.87
CA LEU I 115 -18.11 25.02 4.39
C LEU I 115 -17.24 26.02 3.65
N VAL I 116 -16.05 25.60 3.20
CA VAL I 116 -15.22 26.48 2.36
C VAL I 116 -15.96 26.85 1.08
N HIS I 117 -16.54 25.86 0.40
CA HIS I 117 -17.27 26.14 -0.83
C HIS I 117 -18.51 26.98 -0.55
N GLU I 118 -19.14 26.78 0.61
CA GLU I 118 -20.31 27.60 0.94
C GLU I 118 -19.94 29.06 1.17
N LYS I 119 -18.89 29.31 1.96
CA LYS I 119 -18.52 30.67 2.34
C LYS I 119 -17.70 31.40 1.29
N PHE I 120 -16.89 30.68 0.50
CA PHE I 120 -15.96 31.30 -0.44
C PHE I 120 -16.28 31.00 -1.89
N GLY I 121 -16.69 29.78 -2.20
CA GLY I 121 -16.93 29.32 -3.55
C GLY I 121 -15.99 28.20 -3.93
N ASP I 122 -16.02 27.84 -5.21
CA ASP I 122 -15.10 26.83 -5.71
C ASP I 122 -13.66 27.31 -5.57
N GLY I 123 -12.80 26.46 -5.06
CA GLY I 123 -11.41 26.80 -4.89
C GLY I 123 -10.86 26.14 -3.64
N ILE I 124 -9.79 26.74 -3.11
CA ILE I 124 -9.06 26.16 -2.00
C ILE I 124 -8.75 27.21 -0.94
N ILE I 125 -8.56 26.73 0.29
CA ILE I 125 -7.85 27.50 1.30
C ILE I 125 -6.37 27.13 1.21
N SER I 126 -5.52 28.14 1.08
CA SER I 126 -4.12 27.91 0.80
C SER I 126 -3.37 27.33 2.00
N ALA I 127 -2.45 26.41 1.73
CA ALA I 127 -1.47 25.98 2.72
C ALA I 127 -0.13 26.67 2.51
N ILE I 128 -0.08 27.63 1.61
CA ILE I 128 1.15 28.32 1.22
C ILE I 128 1.10 29.78 1.69
N ASN I 129 0.07 30.52 1.29
CA ASN I 129 -0.23 31.83 1.87
C ASN I 129 -1.00 31.55 3.15
N PHE I 130 -0.26 31.33 4.24
CA PHE I 130 -0.82 30.56 5.34
C PHE I 130 -0.03 30.81 6.61
N LYS I 131 -0.73 31.00 7.73
CA LYS I 131 -0.11 31.14 9.04
C LYS I 131 -0.80 30.19 10.01
N LEU I 132 -0.02 29.66 10.96
CA LEU I 132 -0.66 28.89 12.02
C LEU I 132 -0.04 29.26 13.36
N ASP I 133 -0.86 29.17 14.40
CA ASP I 133 -0.32 29.47 15.70
C ASP I 133 -1.06 28.63 16.72
N VAL I 134 -0.33 28.24 17.75
CA VAL I 134 -0.84 27.39 18.82
C VAL I 134 -0.88 28.24 20.07
N LYS I 135 -2.05 28.31 20.72
CA LYS I 135 -2.20 29.05 21.97
C LYS I 135 -2.77 28.16 23.05
N LYS I 136 -2.19 28.25 24.24
CA LYS I 136 -2.72 27.53 25.39
C LYS I 136 -3.69 28.41 26.15
N VAL I 137 -4.89 27.88 26.44
CA VAL I 137 -5.90 28.61 27.18
C VAL I 137 -6.44 27.72 28.30
N ALA I 138 -7.14 28.35 29.23
CA ALA I 138 -7.81 27.57 30.26
C ALA I 138 -9.03 26.88 29.69
N ASP I 139 -9.30 25.67 30.19
CA ASP I 139 -10.59 25.03 29.93
C ASP I 139 -11.54 25.46 31.02
N PRO I 140 -12.68 26.10 30.69
CA PRO I 140 -13.56 26.63 31.73
C PRO I 140 -14.03 25.58 32.70
N GLU I 141 -13.95 24.30 32.34
CA GLU I 141 -14.40 23.25 33.23
C GLU I 141 -13.25 22.54 33.92
N GLY I 142 -12.03 23.04 33.77
CA GLY I 142 -10.91 22.46 34.46
C GLY I 142 -9.91 21.99 33.42
N GLY I 143 -8.66 22.33 33.64
CA GLY I 143 -7.60 21.92 32.74
C GLY I 143 -7.19 22.95 31.72
N GLU I 144 -6.65 22.48 30.58
CA GLU I 144 -6.13 23.34 29.54
C GLU I 144 -6.62 22.88 28.18
N ARG I 145 -6.67 23.82 27.26
CA ARG I 145 -7.04 23.58 25.87
C ARG I 145 -6.03 24.24 24.98
N ALA I 146 -5.91 23.70 23.76
CA ALA I 146 -5.12 24.30 22.70
C ALA I 146 -6.05 24.86 21.66
N VAL I 147 -5.85 26.13 21.32
CA VAL I 147 -6.61 26.83 20.29
C VAL I 147 -5.64 27.01 19.14
N ILE I 148 -5.82 26.24 18.08
CA ILE I 148 -4.89 26.21 16.97
C ILE I 148 -5.56 26.90 15.80
N THR I 149 -4.94 27.96 15.30
CA THR I 149 -5.53 28.80 14.27
C THR I 149 -4.83 28.49 12.96
N LEU I 150 -5.62 28.11 11.95
CA LEU I 150 -5.17 27.96 10.58
C LEU I 150 -5.74 29.14 9.81
N ASP I 151 -4.87 29.97 9.25
CA ASP I 151 -5.23 31.24 8.62
C ASP I 151 -4.70 31.18 7.19
N GLY I 152 -5.56 30.91 6.23
CA GLY I 152 -5.13 30.67 4.86
C GLY I 152 -5.92 31.49 3.86
N LYS I 153 -5.21 31.95 2.83
CA LYS I 153 -5.88 32.71 1.78
C LYS I 153 -6.79 31.81 0.93
N TYR I 154 -7.97 32.32 0.60
CA TYR I 154 -8.85 31.67 -0.36
C TYR I 154 -8.40 31.99 -1.78
N LEU I 155 -8.21 30.94 -2.58
CA LEU I 155 -7.90 31.06 -4.00
C LEU I 155 -9.03 30.41 -4.78
N PRO I 156 -9.75 31.16 -5.62
CA PRO I 156 -10.87 30.57 -6.35
C PRO I 156 -10.42 29.78 -7.57
N THR I 157 -11.17 28.71 -7.83
CA THR I 157 -11.10 28.00 -9.10
C THR I 157 -12.07 28.66 -10.06
N LYS I 158 -11.54 29.25 -11.12
CA LYS I 158 -12.38 29.98 -12.05
C LYS I 158 -12.25 29.43 -13.47
N PRO I 159 -13.35 29.38 -14.20
CA PRO I 159 -13.31 28.82 -15.56
C PRO I 159 -12.37 29.61 -16.45
N PHE I 160 -11.91 28.97 -17.52
N PHE I 160 -11.93 28.96 -17.53
CA PHE I 160 -11.05 29.65 -18.50
CA PHE I 160 -11.11 29.60 -18.55
C PHE I 160 -11.35 29.24 -19.94
C PHE I 160 -11.45 28.99 -19.92
N MET J 5 -28.83 7.60 23.29
CA MET J 5 -28.37 6.94 22.06
C MET J 5 -27.34 5.86 22.35
N ILE J 6 -27.75 4.60 22.14
CA ILE J 6 -26.87 3.45 22.27
C ILE J 6 -26.72 2.69 20.96
N GLN J 7 -27.38 3.14 19.88
CA GLN J 7 -27.28 2.50 18.57
C GLN J 7 -26.10 3.06 17.78
N SER J 8 -25.36 2.18 17.12
CA SER J 8 -24.20 2.63 16.36
C SER J 8 -24.06 1.83 15.07
N GLN J 9 -23.25 2.37 14.16
CA GLN J 9 -23.00 1.81 12.84
C GLN J 9 -21.63 1.15 12.78
N ILE J 10 -21.46 0.22 11.83
CA ILE J 10 -20.15 -0.41 11.62
C ILE J 10 -19.72 -0.33 10.16
N ASN J 11 -20.61 0.11 9.28
CA ASN J 11 -20.33 0.21 7.84
C ASN J 11 -20.59 1.63 7.36
N ARG J 12 -19.52 2.41 7.16
CA ARG J 12 -19.70 3.82 6.83
C ARG J 12 -20.53 4.04 5.57
N ASN J 13 -20.65 3.03 4.70
CA ASN J 13 -21.32 3.23 3.42
C ASN J 13 -22.80 3.59 3.59
N ILE J 14 -23.42 3.17 4.68
CA ILE J 14 -24.86 3.44 4.80
C ILE J 14 -25.08 4.93 5.05
N ARG J 15 -24.32 5.51 5.96
CA ARG J 15 -24.46 6.94 6.25
C ARG J 15 -23.89 7.81 5.13
N LEU J 16 -22.85 7.33 4.44
CA LEU J 16 -22.32 8.12 3.32
C LEU J 16 -23.28 8.09 2.13
N ASP J 17 -23.96 6.96 1.92
CA ASP J 17 -25.00 6.94 0.91
C ASP J 17 -26.11 7.92 1.27
N LEU J 18 -26.50 7.95 2.54
CA LEU J 18 -27.46 8.95 3.00
C LEU J 18 -26.95 10.37 2.75
N ALA J 19 -25.67 10.64 3.06
CA ALA J 19 -25.14 11.95 2.76
C ALA J 19 -25.35 12.32 1.31
N ASP J 20 -25.12 11.37 0.38
CA ASP J 20 -25.29 11.67 -1.04
C ASP J 20 -26.73 12.11 -1.32
N ALA J 21 -27.70 11.40 -0.76
CA ALA J 21 -29.11 11.77 -0.93
C ALA J 21 -29.40 13.15 -0.33
N ILE J 22 -28.85 13.41 0.86
CA ILE J 22 -29.02 14.71 1.49
C ILE J 22 -28.50 15.82 0.58
N LEU J 23 -27.29 15.63 0.02
CA LEU J 23 -26.71 16.66 -0.84
C LEU J 23 -27.55 16.89 -2.09
N LEU J 24 -28.19 15.85 -2.62
CA LEU J 24 -29.06 16.05 -3.78
C LEU J 24 -30.27 16.87 -3.40
N SER J 25 -30.99 16.45 -2.36
CA SER J 25 -32.11 17.24 -1.85
C SER J 25 -31.70 18.69 -1.59
N LYS J 26 -30.58 18.88 -0.87
CA LYS J 26 -30.13 20.23 -0.55
C LYS J 26 -29.87 21.05 -1.81
N ALA J 27 -29.32 20.42 -2.85
CA ALA J 27 -29.07 21.11 -4.11
C ALA J 27 -30.39 21.51 -4.76
N LYS J 28 -31.35 20.59 -4.83
CA LYS J 28 -32.61 20.92 -5.49
C LYS J 28 -33.33 22.05 -4.76
N LYS J 29 -33.27 22.07 -3.43
CA LYS J 29 -33.92 23.09 -2.62
C LYS J 29 -33.09 24.36 -2.48
N ASP J 30 -31.87 24.36 -3.02
CA ASP J 30 -30.99 25.54 -2.99
C ASP J 30 -30.78 26.02 -1.55
N LEU J 31 -30.47 25.08 -0.67
CA LEU J 31 -30.24 25.36 0.74
C LEU J 31 -28.74 25.44 1.03
N SER J 32 -28.40 26.23 2.03
CA SER J 32 -27.05 26.28 2.55
C SER J 32 -26.96 25.44 3.82
N PHE J 33 -25.72 25.10 4.21
CA PHE J 33 -25.53 24.40 5.47
C PHE J 33 -25.84 25.30 6.65
N ALA J 34 -25.51 26.58 6.54
CA ALA J 34 -25.90 27.54 7.58
C ALA J 34 -27.40 27.51 7.79
N GLU J 35 -28.16 27.46 6.68
CA GLU J 35 -29.61 27.46 6.75
C GLU J 35 -30.12 26.20 7.42
N ILE J 36 -29.52 25.06 7.10
CA ILE J 36 -30.01 23.80 7.63
C ILE J 36 -29.76 23.72 9.13
N ALA J 37 -28.58 24.16 9.57
CA ALA J 37 -28.26 24.15 11.00
C ALA J 37 -29.02 25.19 11.79
N ASP J 38 -29.57 26.20 11.11
CA ASP J 38 -30.30 27.26 11.79
C ASP J 38 -31.48 26.68 12.57
N GLY J 39 -31.60 27.09 13.83
CA GLY J 39 -32.67 26.61 14.68
C GLY J 39 -32.34 25.36 15.47
N THR J 40 -31.18 24.72 15.25
CA THR J 40 -30.84 23.53 16.00
C THR J 40 -30.15 23.83 17.33
N GLY J 41 -29.61 25.03 17.50
CA GLY J 41 -28.76 25.28 18.65
C GLY J 41 -27.39 24.66 18.55
N LEU J 42 -27.05 24.07 17.40
CA LEU J 42 -25.79 23.38 17.18
C LEU J 42 -24.98 24.14 16.13
N ALA J 43 -23.65 24.11 16.28
CA ALA J 43 -22.76 24.81 15.36
C ALA J 43 -22.88 24.24 13.94
N GLU J 44 -22.71 25.11 12.95
CA GLU J 44 -22.84 24.63 11.57
C GLU J 44 -21.85 23.51 11.28
N ALA J 45 -20.66 23.54 11.88
CA ALA J 45 -19.69 22.49 11.57
C ALA J 45 -20.13 21.15 12.13
N PHE J 46 -20.81 21.15 13.30
CA PHE J 46 -21.30 19.89 13.85
C PHE J 46 -22.48 19.34 13.06
N VAL J 47 -23.45 20.19 12.70
CA VAL J 47 -24.59 19.72 11.92
C VAL J 47 -24.15 19.28 10.53
N THR J 48 -23.27 20.04 9.90
CA THR J 48 -22.77 19.63 8.59
C THR J 48 -22.08 18.28 8.68
N ALA J 49 -21.19 18.13 9.66
CA ALA J 49 -20.53 16.83 9.89
C ALA J 49 -21.55 15.70 10.01
N ALA J 50 -22.63 15.89 10.79
CA ALA J 50 -23.62 14.83 10.93
C ALA J 50 -24.25 14.47 9.59
N LEU J 51 -24.69 15.47 8.83
CA LEU J 51 -25.28 15.21 7.52
C LEU J 51 -24.32 14.40 6.65
N LEU J 52 -23.02 14.66 6.78
CA LEU J 52 -22.00 13.97 5.99
C LEU J 52 -21.50 12.70 6.66
N GLY J 53 -22.18 12.24 7.70
CA GLY J 53 -21.97 10.91 8.24
C GLY J 53 -20.96 10.82 9.36
N GLN J 54 -20.55 11.94 9.95
CA GLN J 54 -19.41 11.97 10.86
C GLN J 54 -19.78 12.36 12.28
N GLN J 55 -21.06 12.66 12.55
CA GLN J 55 -21.56 12.93 13.89
C GLN J 55 -22.96 12.36 13.97
N ALA J 56 -23.49 12.25 15.18
CA ALA J 56 -24.88 11.88 15.40
C ALA J 56 -25.65 13.12 15.85
N LEU J 57 -26.81 13.34 15.23
CA LEU J 57 -27.69 14.42 15.66
C LEU J 57 -28.63 13.94 16.77
N PRO J 58 -28.84 14.75 17.81
CA PRO J 58 -29.93 14.46 18.75
C PRO J 58 -31.26 14.43 18.00
N ALA J 59 -32.24 13.73 18.60
CA ALA J 59 -33.51 13.50 17.90
C ALA J 59 -34.17 14.80 17.45
N ASP J 60 -34.17 15.82 18.30
CA ASP J 60 -34.85 17.06 17.94
C ASP J 60 -34.21 17.70 16.70
N ALA J 61 -32.88 17.73 16.65
CA ALA J 61 -32.19 18.23 15.47
C ALA J 61 -32.44 17.36 14.25
N ALA J 62 -32.44 16.03 14.43
CA ALA J 62 -32.67 15.14 13.29
C ALA J 62 -34.03 15.40 12.67
N ARG J 63 -35.05 15.65 13.49
CA ARG J 63 -36.37 15.93 12.95
C ARG J 63 -36.39 17.29 12.26
N LEU J 64 -35.73 18.30 12.84
CA LEU J 64 -35.67 19.62 12.21
C LEU J 64 -35.02 19.56 10.83
N VAL J 65 -33.76 19.11 10.75
CA VAL J 65 -33.08 19.04 9.45
C VAL J 65 -33.81 18.08 8.53
N GLY J 66 -34.37 16.99 9.07
CA GLY J 66 -35.09 16.05 8.24
C GLY J 66 -36.31 16.64 7.59
N ALA J 67 -36.99 17.57 8.30
CA ALA J 67 -38.09 18.31 7.69
C ALA J 67 -37.58 19.22 6.60
N LYS J 68 -36.56 20.05 6.91
CA LYS J 68 -36.02 20.96 5.91
C LYS J 68 -35.63 20.25 4.62
N LEU J 69 -35.06 19.04 4.73
CA LEU J 69 -34.58 18.33 3.56
C LEU J 69 -35.56 17.31 3.03
N ASP J 70 -36.69 17.11 3.71
CA ASP J 70 -37.73 16.20 3.25
C ASP J 70 -37.25 14.75 3.25
N LEU J 71 -36.65 14.34 4.37
CA LEU J 71 -36.11 13.01 4.54
C LEU J 71 -37.16 12.07 5.09
N ASP J 72 -37.10 10.80 4.65
CA ASP J 72 -38.03 9.79 5.13
C ASP J 72 -37.64 9.35 6.54
N GLU J 73 -38.56 8.68 7.24
CA GLU J 73 -38.32 8.41 8.65
C GLU J 73 -37.12 7.51 8.88
N ASP J 74 -36.83 6.60 7.94
CA ASP J 74 -35.64 5.78 8.10
C ASP J 74 -34.38 6.65 8.10
N SER J 75 -34.39 7.72 7.31
CA SER J 75 -33.20 8.57 7.22
C SER J 75 -33.06 9.44 8.47
N ILE J 76 -34.17 9.93 9.01
CA ILE J 76 -34.10 10.73 10.22
C ILE J 76 -33.58 9.89 11.38
N LEU J 77 -33.87 8.59 11.36
CA LEU J 77 -33.33 7.69 12.37
C LEU J 77 -31.85 7.40 12.14
N LEU J 78 -31.46 7.17 10.89
CA LEU J 78 -30.05 6.97 10.57
C LEU J 78 -29.19 8.10 11.08
N LEU J 79 -29.67 9.35 10.95
CA LEU J 79 -28.87 10.50 11.35
C LEU J 79 -28.65 10.53 12.86
N GLN J 80 -29.48 9.83 13.64
CA GLN J 80 -29.29 9.78 15.10
C GLN J 80 -28.37 8.65 15.54
N MET J 81 -28.08 7.69 14.67
CA MET J 81 -27.14 6.61 14.99
C MET J 81 -25.73 7.17 15.14
N ILE J 82 -24.97 6.58 16.05
CA ILE J 82 -23.55 6.92 16.17
C ILE J 82 -22.80 6.32 14.97
N PRO J 83 -22.03 7.12 14.24
CA PRO J 83 -21.48 6.63 12.97
C PRO J 83 -20.19 5.84 13.13
N LEU J 84 -19.87 5.12 12.06
CA LEU J 84 -18.53 4.59 11.81
C LEU J 84 -17.78 5.70 11.08
N ARG J 85 -16.98 6.46 11.81
CA ARG J 85 -16.44 7.70 11.28
C ARG J 85 -15.25 7.44 10.37
N GLY J 86 -15.02 8.38 9.45
CA GLY J 86 -13.96 8.26 8.47
C GLY J 86 -14.44 8.74 7.11
N CYS J 87 -14.18 10.01 6.80
CA CYS J 87 -14.76 10.60 5.59
C CYS J 87 -13.86 10.48 4.38
N ILE J 88 -12.58 10.15 4.57
CA ILE J 88 -11.64 10.10 3.45
C ILE J 88 -11.75 8.74 2.78
N ASP J 89 -11.91 8.75 1.46
CA ASP J 89 -12.11 7.51 0.72
C ASP J 89 -10.99 6.51 1.01
N ASP J 90 -9.72 6.91 0.79
CA ASP J 90 -8.59 6.00 0.90
C ASP J 90 -7.40 6.75 1.51
N ARG J 91 -7.54 7.11 2.78
CA ARG J 91 -6.47 7.63 3.64
C ARG J 91 -5.95 9.00 3.29
N ILE J 92 -5.63 9.26 2.02
CA ILE J 92 -5.10 10.56 1.58
C ILE J 92 -6.09 11.17 0.62
N PRO J 93 -6.57 12.39 0.85
CA PRO J 93 -7.57 12.97 -0.06
C PRO J 93 -6.98 13.23 -1.43
N THR J 94 -7.80 13.00 -2.47
CA THR J 94 -7.44 13.44 -3.82
C THR J 94 -7.93 14.83 -4.13
N ASP J 95 -9.03 15.26 -3.49
CA ASP J 95 -9.63 16.56 -3.78
C ASP J 95 -8.70 17.70 -3.33
N PRO J 96 -8.43 18.68 -4.20
CA PRO J 96 -7.50 19.76 -3.80
C PRO J 96 -7.93 20.48 -2.54
N THR J 97 -9.22 20.79 -2.41
CA THR J 97 -9.71 21.53 -1.25
C THR J 97 -9.42 20.75 0.05
N MET J 98 -9.74 19.47 0.08
CA MET J 98 -9.38 18.80 1.33
C MET J 98 -7.90 18.44 1.38
N TYR J 99 -7.21 18.29 0.24
CA TYR J 99 -5.79 17.96 0.31
C TYR J 99 -4.98 19.05 1.01
N ARG J 100 -5.34 20.32 0.84
CA ARG J 100 -4.54 21.37 1.50
C ARG J 100 -4.46 21.17 3.01
N PHE J 101 -5.54 20.69 3.63
CA PHE J 101 -5.49 20.48 5.07
C PHE J 101 -4.60 19.30 5.44
N TYR J 102 -4.51 18.29 4.57
CA TYR J 102 -3.51 17.24 4.74
C TYR J 102 -2.11 17.78 4.54
N GLU J 103 -1.92 18.63 3.53
CA GLU J 103 -0.60 19.24 3.34
C GLU J 103 -0.18 20.06 4.55
N MET J 104 -1.11 20.78 5.19
CA MET J 104 -0.77 21.43 6.44
C MET J 104 -0.13 20.47 7.45
N LEU J 105 -0.62 19.22 7.51
CA LEU J 105 -0.01 18.24 8.42
C LEU J 105 1.37 17.79 7.92
N GLN J 106 1.54 17.62 6.60
CA GLN J 106 2.85 17.23 6.10
C GLN J 106 3.88 18.31 6.39
N VAL J 107 3.48 19.56 6.42
CA VAL J 107 4.43 20.64 6.64
C VAL J 107 4.62 20.94 8.13
N TYR J 108 3.52 21.00 8.88
CA TYR J 108 3.56 21.45 10.27
C TYR J 108 3.27 20.35 11.29
N GLY J 109 3.08 19.10 10.86
CA GLY J 109 2.77 18.05 11.82
C GLY J 109 3.74 17.95 12.98
N THR J 110 5.05 17.92 12.68
CA THR J 110 6.04 17.78 13.75
C THR J 110 6.16 19.08 14.55
N THR J 111 5.87 20.21 13.91
CA THR J 111 5.86 21.48 14.63
C THR J 111 4.71 21.52 15.63
N LEU J 112 3.55 21.02 15.22
CA LEU J 112 2.42 20.93 16.13
C LEU J 112 2.73 20.02 17.30
N LYS J 113 3.36 18.87 17.05
CA LYS J 113 3.79 18.01 18.14
C LYS J 113 4.73 18.77 19.06
N ALA J 114 5.75 19.41 18.48
CA ALA J 114 6.79 20.04 19.29
C ALA J 114 6.22 21.15 20.15
N LEU J 115 5.34 21.98 19.57
CA LEU J 115 4.78 23.10 20.33
C LEU J 115 3.78 22.60 21.37
N VAL J 116 3.02 21.56 21.06
CA VAL J 116 2.08 21.02 22.05
C VAL J 116 2.85 20.49 23.26
N HIS J 117 3.93 19.74 23.03
CA HIS J 117 4.70 19.24 24.16
C HIS J 117 5.36 20.38 24.94
N GLU J 118 5.77 21.42 24.24
CA GLU J 118 6.41 22.56 24.91
C GLU J 118 5.43 23.32 25.79
N LYS J 119 4.22 23.56 25.28
CA LYS J 119 3.26 24.40 25.99
C LYS J 119 2.52 23.61 27.07
N PHE J 120 2.20 22.35 26.78
CA PHE J 120 1.35 21.54 27.64
C PHE J 120 2.06 20.40 28.35
N GLY J 121 2.94 19.68 27.67
CA GLY J 121 3.59 18.51 28.22
C GLY J 121 3.32 17.29 27.37
N ASP J 122 3.74 16.14 27.87
CA ASP J 122 3.47 14.89 27.18
C ASP J 122 1.97 14.64 27.14
N GLY J 123 1.49 14.14 26.01
CA GLY J 123 0.06 13.93 25.85
C GLY J 123 -0.42 14.40 24.49
N ILE J 124 -1.70 14.75 24.40
CA ILE J 124 -2.35 15.00 23.13
C ILE J 124 -3.28 16.19 23.26
N ILE J 125 -3.54 16.81 22.12
CA ILE J 125 -4.71 17.67 21.95
C ILE J 125 -5.82 16.80 21.37
N SER J 126 -6.95 16.77 22.06
CA SER J 126 -8.04 15.88 21.72
C SER J 126 -8.71 16.23 20.40
N ALA J 127 -9.11 15.21 19.65
CA ALA J 127 -10.01 15.37 18.52
C ALA J 127 -11.43 15.02 18.88
N ILE J 128 -11.67 14.68 20.15
CA ILE J 128 -12.98 14.27 20.65
C ILE J 128 -13.62 15.37 21.49
N ASN J 129 -12.90 15.86 22.50
CA ASN J 129 -13.28 17.04 23.25
C ASN J 129 -12.73 18.21 22.44
N PHE J 130 -13.53 18.63 21.45
CA PHE J 130 -12.98 19.35 20.31
C PHE J 130 -14.09 20.14 19.64
N LYS J 131 -13.77 21.38 19.24
CA LYS J 131 -14.66 22.21 18.44
C LYS J 131 -13.89 22.74 17.25
N LEU J 132 -14.55 22.98 16.13
CA LEU J 132 -13.88 23.74 15.09
C LEU J 132 -14.87 24.69 14.43
N ASP J 133 -14.35 25.80 13.93
CA ASP J 133 -15.22 26.67 13.15
C ASP J 133 -14.43 27.30 12.03
N VAL J 134 -15.17 27.71 11.01
CA VAL J 134 -14.63 28.30 9.79
C VAL J 134 -15.19 29.71 9.70
N LYS J 135 -14.30 30.69 9.57
CA LYS J 135 -14.66 32.11 9.55
C LYS J 135 -14.01 32.75 8.33
N LYS J 136 -14.78 33.51 7.58
CA LYS J 136 -14.23 34.25 6.46
C LYS J 136 -13.89 35.66 6.91
N VAL J 137 -12.69 36.13 6.54
CA VAL J 137 -12.23 37.46 6.90
C VAL J 137 -11.54 38.08 5.68
N ALA J 138 -11.58 39.41 5.61
CA ALA J 138 -10.95 40.11 4.51
C ALA J 138 -9.43 40.04 4.62
N ASP J 139 -8.77 39.93 3.48
CA ASP J 139 -7.31 40.02 3.45
C ASP J 139 -6.91 41.46 3.18
N PRO J 140 -6.18 42.12 4.08
CA PRO J 140 -5.80 43.52 3.86
C PRO J 140 -5.01 43.75 2.57
N GLU J 141 -4.37 42.72 2.03
CA GLU J 141 -3.66 42.86 0.76
C GLU J 141 -4.55 42.54 -0.45
N GLY J 142 -5.82 42.28 -0.23
CA GLY J 142 -6.77 42.00 -1.30
C GLY J 142 -7.25 40.57 -1.20
N GLY J 143 -8.52 40.34 -1.47
CA GLY J 143 -9.10 39.01 -1.41
C GLY J 143 -9.58 38.66 -0.01
N GLU J 144 -9.78 37.36 0.19
CA GLU J 144 -10.39 36.84 1.41
C GLU J 144 -9.54 35.70 1.97
N ARG J 145 -9.70 35.46 3.28
CA ARG J 145 -9.00 34.38 3.98
C ARG J 145 -9.98 33.59 4.81
N ALA J 146 -9.65 32.31 5.04
CA ALA J 146 -10.37 31.49 6.00
C ALA J 146 -9.52 31.38 7.26
N VAL J 147 -10.13 31.73 8.39
CA VAL J 147 -9.54 31.51 9.70
C VAL J 147 -10.27 30.31 10.27
N ILE J 148 -9.57 29.20 10.39
CA ILE J 148 -10.14 27.94 10.85
C ILE J 148 -9.58 27.67 12.23
N THR J 149 -10.45 27.52 13.22
CA THR J 149 -10.05 27.38 14.62
C THR J 149 -10.26 25.93 15.06
N LEU J 150 -9.17 25.26 15.44
CA LEU J 150 -9.22 23.93 16.03
C LEU J 150 -9.01 24.09 17.53
N ASP J 151 -10.00 23.72 18.31
CA ASP J 151 -10.00 23.99 19.76
C ASP J 151 -10.20 22.64 20.46
N GLY J 152 -9.13 22.11 21.04
CA GLY J 152 -9.15 20.78 21.61
C GLY J 152 -8.57 20.75 23.00
N LYS J 153 -9.14 19.90 23.85
CA LYS J 153 -8.65 19.73 25.22
C LYS J 153 -7.28 19.06 25.24
N TYR J 154 -6.41 19.53 26.14
CA TYR J 154 -5.17 18.83 26.38
C TYR J 154 -5.39 17.70 27.39
N LEU J 155 -4.99 16.49 27.01
CA LEU J 155 -5.02 15.34 27.91
C LEU J 155 -3.59 14.89 28.10
N PRO J 156 -3.07 14.86 29.32
CA PRO J 156 -1.66 14.50 29.52
C PRO J 156 -1.46 13.00 29.60
N THR J 157 -0.27 12.59 29.15
CA THR J 157 0.28 11.27 29.39
C THR J 157 1.13 11.32 30.65
N LYS J 158 0.71 10.58 31.67
CA LYS J 158 1.34 10.58 32.98
C LYS J 158 1.74 9.17 33.39
N PRO J 159 2.94 8.99 33.93
CA PRO J 159 3.37 7.67 34.37
C PRO J 159 2.36 7.02 35.32
N PHE J 160 2.32 5.69 35.30
N PHE J 160 2.36 5.69 35.36
CA PHE J 160 1.53 4.93 36.28
CA PHE J 160 1.50 4.93 36.27
C PHE J 160 2.37 3.78 36.80
C PHE J 160 2.25 3.72 36.84
#